data_9H59
#
_entry.id   9H59
#
_cell.length_a   1.00
_cell.length_b   1.00
_cell.length_c   1.00
_cell.angle_alpha   90.00
_cell.angle_beta   90.00
_cell.angle_gamma   90.00
#
_symmetry.space_group_name_H-M   'P 1'
#
loop_
_entity.id
_entity.type
_entity.pdbx_description
1 polymer 'DNA damage-binding protein 1'
2 polymer 'Serine/threonine-protein kinase Nek7'
3 polymer 'Protein cereblon'
4 non-polymer 2-[(3S)-2,6-bis(oxidanylidene)piperidin-3-yl]-5-[(1S,2R,5S)-2-(ethylamino)-8-azabicyclo[3.2.1]octan-8-yl]isoindole-1,3-dione
#
loop_
_entity_poly.entity_id
_entity_poly.type
_entity_poly.pdbx_seq_one_letter_code
_entity_poly.pdbx_strand_id
1 'polypeptide(L)'
;MSYNYVVTAQKPTAVNGCVTGHFTSAEDLNLLIAKNTRLEIYVVTAEGLRPVKEVGMYGKIAVMELFRPKGESKDLLFIL
TAKYNACILEYKQSGESIDIITRAHGNVQDRIGRPSETGIIGIIDPECRMIGLRLYDGLFKVIPLDRDNKELKAFNIRLE
ELHVIDVKFLYGCQAPTICFVYQDPQGRHVKTYEVSLREKEFNKGPWKQENVEAEASMVIAVPEPFGGAIIIGQESITYH
NGDKYLAIAPPIIKQSTIVCHNRVDPNGSRYLLGDMEGRLFMLLLEKEEQMDGTVTLKDLRVELLGETSIAECLTYLDNG
VVFVGSRLGDSQLVKLNVDSNEQGSYVVAMETFTNLGPIVDMCVVDLERQGQGQLVTCSGAFKEGSLRIIRNGIGIHEHA
SIDLPGIKGLWPLRSDPNRETDDTLVLSFVGQTRVLMLNGEEVEETELMGFVDDQQTFFCGNVAHQQLIQITSASVRLVS
QEPKALVSEWKEPQAKNISVASCNSSQVVVAVGRALYYLQIHPQELRQISHTEMEHEVACLDITPLGDSNGLSPLCAIGL
WTDISARILKLPSFELLHKEMLGGEIIPRSILMTTFESSHYLLCALGDGALFYFGLNIETGLLSDRKKVTLGTQPTVLRT
FRSLSTTNVFACSDRPTVIYSSNHKLVFSNVNLKEVNYMCPLNSDGYPDSLALANNSTLTIGTIDEIQKLHIRTVPLYES
PRKICYQEVSQCFGVLSSRIEVQDTSGGTTALRPSASTQALSSSVSSSKLFSSSTAPHETSFGEEVEVHNLLIIDQHTFE
VLHAHQFLQNEYALSLVSCKLGKDPNTYFIVGTAMVYPEEAEPKQGRIVVFQYSDGKLQTVAEKEVKGAVYSMVEFNGKL
LASINSTVRLYEWTTEKELRTECNHYNNIMALYLKTKGDFILVGDLMRSVLLLAYKPMEGNFEEIARDFNPNWMSAVEIL
DDDNFLGAENAFNLFVCQKDSAATTDEERQHLQEVGLFHLGEFVNVFCHGSLVMQNLGETSTPTQGSVLFGTVNGMIGLV
TSLSESWYNLLLDMQNRLNKVIKSVGKIEHSFWRSFHTERKTEPATGFIDGDLIESFLDISRPKMQEVVANLQYDDGSGM
KREATADDLIKVVEELTRIH
;
A
2 'polypeptide(L)'
;GPMDEQSQGMQGPPVPQFQPQKALRPDMGYNTLANFRIEKKIGRGQFSEVYRAACLLDGVPVALKKVQIFDLMDAKARAD
CIKEIDLLKQLNHPNVIKYYASFIEDNELNIVLELADAGDLSRMIKHFKKQKRLIPERTVWKYFVQLCSALEHMHSRRVM
HRDIKPANVFITATGVVKLGDLGLGRFFSSKTTAAHSLVGTPYYMSPERIHENGYNFKSDIWSLGCLLYEMAALQSPFYG
DKMNLYSLCKKIEQCDYPPLPSDHYSEELRQLVNMCINPDPEKRPDVTYVYDVAKRMHACTASS
;
C
3 'polypeptide(L)'
;MGGSHHHHHHLEVLFQGPAGEGDQQDAAHNMGNHLPLLPAESEEEDEMEVEDQDSKEAKKPNIINFDTSLPTSHTYLGAD
MEEFHGRTLHDDDSCQVIPVLPQVMMILIPGQTLPLQLFHPQEVSMVRNLIQKDRTFAVLAYSNVQEREAQFGTTAEIYA
YREEQDFGIEIVKVKAIGRQRFKVLELRTQSDGIQQAKVQILPECVLPSTMSAVQLESLNKCQIFPSKPVSREDQCSYKW
WQKYQKRKFHCANLTSWPRWLYSLYDAETLMDRIKKQLREWDENLKDDSLPSNPIDFSYRVAACLPIDDVLRIQLLKIGS
AIQRLRCELDIMNKCTSLCCKQCQETEITTKNEIFSLSLCGPMAAYVNPHGYVHETLTVYKACNLNLIGRPSTEHSWFPG
YAWTVAQCKICASHIGWKFTATKKDMSPQKFWGLTRSALLPTIPDTEDEISPDKVILCL
;
B
#
# COMPACT_ATOMS: atom_id res chain seq x y z
N MET A 1 -2.96 19.15 -13.86
CA MET A 1 -1.63 19.67 -14.11
C MET A 1 -0.69 18.55 -14.50
N SER A 2 -1.03 17.33 -14.07
CA SER A 2 -0.17 16.17 -14.37
C SER A 2 -0.04 15.96 -15.86
N TYR A 3 -1.17 15.89 -16.58
CA TYR A 3 -1.21 15.81 -18.03
C TYR A 3 -0.32 14.67 -18.54
N ASN A 4 -0.72 13.45 -18.18
CA ASN A 4 0.14 12.30 -18.39
C ASN A 4 -0.31 11.53 -19.63
N TYR A 5 0.34 10.38 -19.87
CA TYR A 5 0.10 9.58 -21.06
C TYR A 5 0.60 8.17 -20.79
N VAL A 6 -0.31 7.18 -20.85
CA VAL A 6 0.02 5.79 -20.52
C VAL A 6 -0.10 4.93 -21.77
N VAL A 7 0.95 4.16 -22.06
CA VAL A 7 0.98 3.24 -23.19
C VAL A 7 1.43 1.87 -22.70
N THR A 8 1.11 0.85 -23.49
CA THR A 8 1.48 -0.53 -23.17
C THR A 8 2.70 -0.92 -24.00
N ALA A 9 3.81 -1.18 -23.32
CA ALA A 9 5.01 -1.68 -23.99
C ALA A 9 5.06 -3.20 -24.04
N GLN A 10 4.13 -3.88 -23.38
CA GLN A 10 4.06 -5.34 -23.43
C GLN A 10 2.68 -5.77 -22.96
N LYS A 11 1.98 -6.52 -23.79
CA LYS A 11 0.63 -6.95 -23.45
C LYS A 11 0.68 -8.05 -22.39
N PRO A 12 -0.41 -8.25 -21.64
CA PRO A 12 -0.41 -9.27 -20.58
C PRO A 12 -0.15 -10.66 -21.14
N THR A 13 0.56 -11.47 -20.36
CA THR A 13 1.01 -12.77 -20.82
C THR A 13 0.51 -13.95 -19.99
N ALA A 14 -0.14 -13.71 -18.85
CA ALA A 14 -0.64 -14.78 -18.00
C ALA A 14 -2.14 -14.92 -18.20
N VAL A 15 -2.60 -16.17 -18.36
CA VAL A 15 -3.96 -16.49 -18.78
C VAL A 15 -4.87 -16.68 -17.58
N ASN A 16 -6.14 -16.32 -17.73
CA ASN A 16 -7.15 -16.47 -16.69
C ASN A 16 -8.42 -17.09 -17.27
N GLY A 17 -8.26 -18.13 -18.07
CA GLY A 17 -9.39 -18.80 -18.70
C GLY A 17 -9.05 -19.37 -20.06
N CYS A 18 -9.52 -20.58 -20.35
CA CYS A 18 -9.14 -21.26 -21.59
C CYS A 18 -10.16 -22.35 -21.88
N VAL A 19 -10.76 -22.30 -23.08
CA VAL A 19 -11.84 -23.22 -23.45
C VAL A 19 -11.54 -23.87 -24.79
N THR A 20 -12.49 -24.68 -25.28
CA THR A 20 -12.36 -25.36 -26.56
C THR A 20 -13.74 -25.53 -27.18
N GLY A 21 -13.81 -25.42 -28.49
CA GLY A 21 -15.08 -25.57 -29.18
C GLY A 21 -14.90 -25.44 -30.67
N HIS A 22 -15.97 -25.05 -31.34
CA HIS A 22 -15.98 -24.82 -32.78
C HIS A 22 -16.50 -23.41 -33.00
N PHE A 23 -15.60 -22.44 -32.92
CA PHE A 23 -15.97 -21.04 -32.87
C PHE A 23 -16.10 -20.41 -34.26
N THR A 24 -15.10 -20.60 -35.12
CA THR A 24 -15.14 -19.97 -36.45
C THR A 24 -16.25 -20.57 -37.31
N SER A 25 -16.38 -21.89 -37.33
CA SER A 25 -17.41 -22.57 -38.10
C SER A 25 -17.57 -23.97 -37.52
N ALA A 26 -18.30 -24.83 -38.23
CA ALA A 26 -18.68 -26.12 -37.68
C ALA A 26 -17.49 -27.06 -37.54
N GLU A 27 -16.56 -27.03 -38.50
CA GLU A 27 -15.53 -28.05 -38.63
C GLU A 27 -14.19 -27.63 -38.06
N ASP A 28 -14.17 -26.76 -37.05
CA ASP A 28 -12.94 -26.25 -36.48
C ASP A 28 -12.77 -26.70 -35.03
N LEU A 29 -11.51 -26.83 -34.62
CA LEU A 29 -11.16 -27.10 -33.23
C LEU A 29 -10.42 -25.88 -32.71
N ASN A 30 -11.18 -24.91 -32.20
CA ASN A 30 -10.60 -23.68 -31.68
C ASN A 30 -10.09 -23.88 -30.27
N LEU A 31 -9.04 -23.13 -29.93
CA LEU A 31 -8.52 -23.07 -28.56
C LEU A 31 -8.52 -21.60 -28.17
N LEU A 32 -9.64 -21.14 -27.64
CA LEU A 32 -9.71 -19.75 -27.22
C LEU A 32 -8.88 -19.53 -25.97
N ILE A 33 -8.26 -18.35 -25.91
CA ILE A 33 -7.38 -17.98 -24.81
C ILE A 33 -7.68 -16.54 -24.45
N ALA A 34 -7.62 -16.22 -23.16
CA ALA A 34 -7.76 -14.85 -22.69
C ALA A 34 -6.75 -14.64 -21.57
N LYS A 35 -5.73 -13.83 -21.82
CA LYS A 35 -4.68 -13.68 -20.82
C LYS A 35 -5.14 -12.75 -19.69
N ASN A 36 -5.28 -11.46 -19.98
CA ASN A 36 -6.05 -10.56 -19.12
C ASN A 36 -7.14 -9.85 -19.90
N THR A 37 -6.78 -9.24 -21.03
CA THR A 37 -7.73 -8.60 -21.94
C THR A 37 -7.45 -8.98 -23.37
N ARG A 38 -6.61 -9.99 -23.60
CA ARG A 38 -6.19 -10.40 -24.94
C ARG A 38 -6.85 -11.75 -25.25
N LEU A 39 -8.00 -11.69 -25.91
CA LEU A 39 -8.73 -12.88 -26.31
C LEU A 39 -8.09 -13.43 -27.58
N GLU A 40 -7.20 -14.41 -27.43
CA GLU A 40 -6.39 -14.94 -28.52
C GLU A 40 -7.01 -16.25 -29.01
N ILE A 41 -8.00 -16.14 -29.90
CA ILE A 41 -8.58 -17.32 -30.52
C ILE A 41 -7.57 -18.01 -31.42
N TYR A 42 -7.50 -19.33 -31.33
CA TYR A 42 -6.62 -20.15 -32.14
C TYR A 42 -7.44 -21.11 -32.99
N VAL A 43 -6.74 -21.96 -33.74
CA VAL A 43 -7.34 -23.11 -34.42
C VAL A 43 -6.37 -24.27 -34.30
N VAL A 44 -6.79 -25.33 -33.61
CA VAL A 44 -5.91 -26.47 -33.37
C VAL A 44 -5.81 -27.30 -34.64
N THR A 45 -4.59 -27.63 -35.04
CA THR A 45 -4.36 -28.47 -36.20
C THR A 45 -3.20 -29.41 -35.88
N ALA A 46 -3.06 -30.46 -36.69
CA ALA A 46 -2.00 -31.44 -36.46
C ALA A 46 -0.62 -30.79 -36.47
N GLU A 47 -0.45 -29.68 -37.20
CA GLU A 47 0.81 -28.97 -37.18
C GLU A 47 1.05 -28.26 -35.85
N GLY A 48 0.00 -28.04 -35.06
CA GLY A 48 0.16 -27.37 -33.78
C GLY A 48 -0.98 -26.41 -33.49
N LEU A 49 -0.65 -25.19 -33.10
CA LEU A 49 -1.65 -24.16 -32.83
C LEU A 49 -1.43 -23.02 -33.82
N ARG A 50 -2.49 -22.67 -34.54
CA ARG A 50 -2.41 -21.67 -35.60
C ARG A 50 -3.18 -20.42 -35.18
N PRO A 51 -2.52 -19.30 -34.91
CA PRO A 51 -3.24 -18.09 -34.51
C PRO A 51 -4.17 -17.61 -35.61
N VAL A 52 -5.30 -17.04 -35.19
CA VAL A 52 -6.35 -16.59 -36.10
C VAL A 52 -6.67 -15.11 -35.89
N LYS A 53 -6.84 -14.70 -34.64
CA LYS A 53 -7.32 -13.36 -34.35
C LYS A 53 -7.04 -13.03 -32.88
N GLU A 54 -6.79 -11.75 -32.63
CA GLU A 54 -6.73 -11.19 -31.28
C GLU A 54 -7.51 -9.89 -31.29
N VAL A 55 -8.27 -9.63 -30.22
CA VAL A 55 -9.19 -8.52 -30.19
C VAL A 55 -8.93 -7.65 -28.97
N GLY A 56 -9.37 -6.40 -29.06
CA GLY A 56 -9.22 -5.46 -27.97
C GLY A 56 -10.38 -5.53 -27.00
N MET A 57 -10.17 -6.21 -25.88
CA MET A 57 -11.22 -6.37 -24.87
C MET A 57 -11.14 -5.22 -23.88
N TYR A 58 -12.17 -4.38 -23.87
CA TYR A 58 -12.25 -3.26 -22.92
C TYR A 58 -12.85 -3.76 -21.60
N GLY A 59 -12.01 -4.47 -20.85
CA GLY A 59 -12.40 -4.97 -19.55
C GLY A 59 -11.51 -6.12 -19.14
N LYS A 60 -11.54 -6.41 -17.84
CA LYS A 60 -10.77 -7.50 -17.26
C LYS A 60 -11.61 -8.76 -17.34
N ILE A 61 -11.14 -9.73 -18.14
CA ILE A 61 -11.93 -10.93 -18.38
C ILE A 61 -11.79 -11.88 -17.19
N ALA A 62 -12.91 -12.51 -16.82
CA ALA A 62 -12.90 -13.52 -15.78
C ALA A 62 -13.72 -14.76 -16.11
N VAL A 63 -14.72 -14.66 -16.98
CA VAL A 63 -15.56 -15.79 -17.37
C VAL A 63 -15.52 -15.90 -18.89
N MET A 64 -15.11 -17.05 -19.39
CA MET A 64 -15.11 -17.33 -20.82
C MET A 64 -15.44 -18.79 -21.05
N GLU A 65 -16.29 -19.05 -22.03
CA GLU A 65 -16.80 -20.39 -22.27
C GLU A 65 -17.53 -20.41 -23.61
N LEU A 66 -17.40 -21.53 -24.32
CA LEU A 66 -18.00 -21.70 -25.64
C LEU A 66 -19.27 -22.52 -25.49
N PHE A 67 -20.39 -21.96 -25.96
CA PHE A 67 -21.69 -22.62 -25.88
C PHE A 67 -22.38 -22.55 -27.24
N ARG A 68 -22.95 -23.67 -27.67
CA ARG A 68 -23.64 -23.74 -28.94
C ARG A 68 -25.14 -23.88 -28.71
N PRO A 69 -25.94 -22.86 -29.02
CA PRO A 69 -27.40 -23.01 -28.88
C PRO A 69 -27.98 -23.91 -29.96
N LYS A 70 -29.30 -24.07 -29.96
CA LYS A 70 -29.98 -24.91 -30.93
C LYS A 70 -30.47 -24.05 -32.08
N GLY A 71 -30.14 -24.47 -33.31
CA GLY A 71 -30.35 -23.64 -34.47
C GLY A 71 -29.13 -22.84 -34.88
N GLU A 72 -27.94 -23.23 -34.40
CA GLU A 72 -26.72 -22.48 -34.61
C GLU A 72 -25.63 -23.47 -34.98
N SER A 73 -24.87 -23.17 -36.03
CA SER A 73 -23.95 -24.13 -36.64
C SER A 73 -22.53 -24.02 -36.12
N LYS A 74 -22.26 -23.14 -35.15
CA LYS A 74 -20.92 -22.97 -34.63
C LYS A 74 -20.99 -22.39 -33.23
N ASP A 75 -19.99 -22.69 -32.42
CA ASP A 75 -20.00 -22.25 -31.03
C ASP A 75 -19.95 -20.72 -30.95
N LEU A 76 -20.70 -20.17 -30.01
CA LEU A 76 -20.59 -18.77 -29.65
C LEU A 76 -19.63 -18.66 -28.47
N LEU A 77 -19.55 -17.48 -27.86
CA LEU A 77 -18.69 -17.27 -26.72
C LEU A 77 -19.39 -16.38 -25.70
N PHE A 78 -19.18 -16.68 -24.42
CA PHE A 78 -19.67 -15.85 -23.33
C PHE A 78 -18.51 -15.05 -22.74
N ILE A 79 -18.66 -13.73 -22.70
CA ILE A 79 -17.63 -12.83 -22.23
C ILE A 79 -18.22 -11.99 -21.09
N LEU A 80 -17.65 -12.16 -19.90
CA LEU A 80 -18.08 -11.38 -18.72
C LEU A 80 -16.84 -10.83 -18.04
N THR A 81 -16.82 -9.52 -17.84
CA THR A 81 -15.64 -8.81 -17.35
C THR A 81 -15.70 -8.64 -15.84
N ALA A 82 -14.52 -8.38 -15.25
CA ALA A 82 -14.44 -8.11 -13.83
C ALA A 82 -15.18 -6.84 -13.45
N LYS A 83 -15.46 -5.96 -14.41
CA LYS A 83 -16.35 -4.84 -14.20
C LYS A 83 -17.80 -5.19 -14.51
N TYR A 84 -18.09 -6.48 -14.72
CA TYR A 84 -19.43 -7.00 -14.96
C TYR A 84 -20.03 -6.54 -16.28
N ASN A 85 -19.20 -6.19 -17.25
CA ASN A 85 -19.66 -6.00 -18.62
C ASN A 85 -19.79 -7.38 -19.27
N ALA A 86 -21.02 -7.72 -19.67
CA ALA A 86 -21.31 -9.03 -20.22
C ALA A 86 -21.68 -8.89 -21.69
N CYS A 87 -21.01 -9.68 -22.54
CA CYS A 87 -21.34 -9.72 -23.95
C CYS A 87 -21.08 -11.13 -24.46
N ILE A 88 -21.87 -11.53 -25.46
CA ILE A 88 -21.76 -12.86 -26.04
C ILE A 88 -21.36 -12.67 -27.51
N LEU A 89 -20.25 -13.27 -27.89
CA LEU A 89 -19.60 -12.98 -29.14
C LEU A 89 -20.17 -13.82 -30.28
N GLU A 90 -19.62 -13.61 -31.48
CA GLU A 90 -19.91 -14.46 -32.62
C GLU A 90 -18.78 -14.26 -33.64
N TYR A 91 -17.97 -15.29 -33.85
CA TYR A 91 -16.94 -15.18 -34.86
C TYR A 91 -17.58 -15.06 -36.24
N LYS A 92 -16.92 -14.30 -37.11
CA LYS A 92 -17.39 -14.17 -38.49
C LYS A 92 -16.23 -13.71 -39.35
N GLN A 93 -16.04 -14.37 -40.48
CA GLN A 93 -15.02 -13.99 -41.45
C GLN A 93 -15.68 -13.83 -42.81
N SER A 94 -15.56 -12.65 -43.39
CA SER A 94 -16.11 -12.35 -44.71
C SER A 94 -14.96 -12.16 -45.67
N GLY A 95 -14.46 -13.27 -46.20
CA GLY A 95 -13.32 -13.27 -47.09
C GLY A 95 -12.01 -13.10 -46.34
N GLU A 96 -11.70 -11.86 -45.99
CA GLU A 96 -10.49 -11.52 -45.25
C GLU A 96 -10.75 -10.78 -43.94
N SER A 97 -11.84 -10.01 -43.87
CA SER A 97 -12.14 -9.16 -42.72
C SER A 97 -12.66 -10.04 -41.59
N ILE A 98 -11.73 -10.61 -40.82
CA ILE A 98 -12.09 -11.40 -39.64
C ILE A 98 -12.61 -10.46 -38.57
N ASP A 99 -13.93 -10.44 -38.37
CA ASP A 99 -14.56 -9.57 -37.40
C ASP A 99 -15.26 -10.44 -36.35
N ILE A 100 -14.91 -10.23 -35.09
CA ILE A 100 -15.59 -10.92 -33.98
C ILE A 100 -16.75 -10.02 -33.58
N ILE A 101 -17.86 -10.16 -34.31
CA ILE A 101 -19.05 -9.38 -34.01
C ILE A 101 -19.75 -9.95 -32.78
N THR A 102 -20.52 -9.12 -32.12
CA THR A 102 -21.15 -9.48 -30.85
C THR A 102 -22.65 -9.65 -31.04
N ARG A 103 -23.18 -10.78 -30.59
CA ARG A 103 -24.61 -10.99 -30.61
C ARG A 103 -25.31 -10.17 -29.52
N ALA A 104 -24.95 -10.42 -28.27
CA ALA A 104 -25.58 -9.76 -27.14
C ALA A 104 -24.52 -9.10 -26.28
N HIS A 105 -24.91 -8.03 -25.59
CA HIS A 105 -24.03 -7.28 -24.71
C HIS A 105 -24.85 -6.61 -23.63
N GLY A 106 -24.19 -6.23 -22.55
CA GLY A 106 -24.86 -5.46 -21.51
C GLY A 106 -24.15 -5.58 -20.17
N ASN A 107 -24.68 -4.82 -19.22
CA ASN A 107 -24.19 -4.81 -17.85
C ASN A 107 -25.11 -5.67 -16.99
N VAL A 108 -24.52 -6.47 -16.10
CA VAL A 108 -25.30 -7.38 -15.26
C VAL A 108 -24.98 -7.13 -13.79
N GLN A 109 -24.57 -5.92 -13.46
CA GLN A 109 -24.31 -5.56 -12.08
C GLN A 109 -25.52 -4.85 -11.48
N ASP A 110 -25.75 -5.09 -10.20
CA ASP A 110 -26.88 -4.50 -9.48
C ASP A 110 -26.36 -3.44 -8.51
N ARG A 111 -27.30 -2.62 -8.03
CA ARG A 111 -26.95 -1.43 -7.27
C ARG A 111 -26.19 -1.78 -5.99
N ILE A 112 -26.76 -2.67 -5.17
CA ILE A 112 -26.21 -2.98 -3.86
C ILE A 112 -25.88 -4.46 -3.79
N GLY A 113 -24.73 -4.77 -3.21
CA GLY A 113 -24.30 -6.16 -3.06
C GLY A 113 -22.86 -6.26 -2.64
N ARG A 114 -22.54 -7.27 -1.84
CA ARG A 114 -21.18 -7.49 -1.38
C ARG A 114 -20.56 -8.61 -2.21
N PRO A 115 -19.56 -8.34 -3.04
CA PRO A 115 -18.95 -9.41 -3.85
C PRO A 115 -18.49 -10.57 -2.98
N SER A 116 -18.70 -11.78 -3.48
CA SER A 116 -18.50 -12.99 -2.71
C SER A 116 -17.02 -13.20 -2.38
N GLU A 117 -16.78 -14.11 -1.44
CA GLU A 117 -15.43 -14.44 -0.98
C GLU A 117 -14.73 -15.42 -1.90
N THR A 118 -15.46 -16.39 -2.44
CA THR A 118 -14.93 -17.34 -3.41
C THR A 118 -14.99 -16.74 -4.83
N GLY A 119 -15.13 -15.42 -4.92
CA GLY A 119 -15.02 -14.76 -6.20
C GLY A 119 -16.29 -14.90 -7.02
N ILE A 120 -16.11 -15.04 -8.33
CA ILE A 120 -17.20 -15.03 -9.29
C ILE A 120 -17.14 -16.31 -10.11
N ILE A 121 -18.28 -16.97 -10.26
CA ILE A 121 -18.38 -18.23 -10.99
C ILE A 121 -19.49 -18.12 -12.01
N GLY A 122 -19.17 -18.42 -13.27
CA GLY A 122 -20.14 -18.32 -14.34
C GLY A 122 -20.22 -19.59 -15.17
N ILE A 123 -21.39 -20.22 -15.18
CA ILE A 123 -21.59 -21.49 -15.85
C ILE A 123 -22.86 -21.39 -16.69
N ILE A 124 -22.94 -22.24 -17.71
CA ILE A 124 -24.02 -22.20 -18.69
C ILE A 124 -24.76 -23.53 -18.68
N ASP A 125 -25.98 -23.48 -19.17
CA ASP A 125 -26.87 -24.64 -19.22
C ASP A 125 -26.46 -25.56 -20.36
N PRO A 126 -26.26 -26.86 -20.11
CA PRO A 126 -25.92 -27.77 -21.21
C PRO A 126 -27.01 -27.88 -22.26
N GLU A 127 -28.25 -27.51 -21.93
CA GLU A 127 -29.30 -27.33 -22.92
C GLU A 127 -29.27 -25.95 -23.55
N CYS A 128 -28.35 -25.08 -23.11
CA CYS A 128 -28.23 -23.71 -23.60
C CYS A 128 -29.55 -22.96 -23.48
N ARG A 129 -30.00 -22.82 -22.23
CA ARG A 129 -31.15 -21.98 -21.92
C ARG A 129 -30.96 -21.10 -20.70
N MET A 130 -29.87 -21.24 -19.94
CA MET A 130 -29.67 -20.47 -18.73
C MET A 130 -28.23 -19.97 -18.68
N ILE A 131 -28.06 -18.74 -18.20
CA ILE A 131 -26.74 -18.21 -17.85
C ILE A 131 -26.67 -18.16 -16.33
N GLY A 132 -25.86 -19.03 -15.74
CA GLY A 132 -25.73 -19.08 -14.30
C GLY A 132 -24.54 -18.30 -13.79
N LEU A 133 -24.78 -17.22 -13.06
CA LEU A 133 -23.72 -16.39 -12.51
C LEU A 133 -24.01 -16.11 -11.05
N ARG A 134 -22.98 -16.28 -10.22
CA ARG A 134 -23.04 -15.95 -8.79
C ARG A 134 -22.11 -14.76 -8.56
N LEU A 135 -22.67 -13.56 -8.57
CA LEU A 135 -21.89 -12.35 -8.38
C LEU A 135 -21.86 -11.94 -6.91
N TYR A 136 -23.03 -11.69 -6.33
CA TYR A 136 -23.16 -11.32 -4.93
C TYR A 136 -23.67 -12.50 -4.11
N ASP A 137 -23.32 -12.51 -2.84
CA ASP A 137 -23.79 -13.55 -1.93
C ASP A 137 -25.29 -13.43 -1.69
N GLY A 138 -25.93 -14.57 -1.49
CA GLY A 138 -27.36 -14.58 -1.20
C GLY A 138 -28.21 -14.07 -2.34
N LEU A 139 -27.77 -14.27 -3.58
CA LEU A 139 -28.52 -13.81 -4.75
C LEU A 139 -27.95 -14.50 -5.97
N PHE A 140 -28.82 -15.10 -6.78
CA PHE A 140 -28.42 -15.80 -7.99
C PHE A 140 -28.90 -15.03 -9.21
N LYS A 141 -27.99 -14.74 -10.14
CA LYS A 141 -28.31 -14.03 -11.37
C LYS A 141 -28.41 -15.04 -12.50
N VAL A 142 -29.60 -15.13 -13.11
CA VAL A 142 -29.85 -16.02 -14.24
C VAL A 142 -30.52 -15.20 -15.32
N ILE A 143 -30.17 -15.48 -16.57
CA ILE A 143 -30.72 -14.73 -17.71
C ILE A 143 -31.23 -15.71 -18.76
N PRO A 144 -32.45 -15.54 -19.26
CA PRO A 144 -33.00 -16.47 -20.25
C PRO A 144 -32.38 -16.24 -21.63
N LEU A 145 -31.95 -17.33 -22.25
CA LEU A 145 -31.33 -17.27 -23.57
C LEU A 145 -32.41 -17.32 -24.64
N ASP A 146 -32.50 -16.26 -25.44
CA ASP A 146 -33.51 -16.15 -26.48
C ASP A 146 -33.15 -14.95 -27.35
N ARG A 147 -33.82 -14.86 -28.50
CA ARG A 147 -33.62 -13.71 -29.38
C ARG A 147 -34.19 -12.44 -28.78
N ASP A 148 -35.27 -12.55 -28.00
CA ASP A 148 -35.89 -11.36 -27.42
C ASP A 148 -34.95 -10.65 -26.45
N ASN A 149 -34.21 -11.42 -25.65
CA ASN A 149 -33.28 -10.85 -24.67
C ASN A 149 -31.90 -10.72 -25.30
N LYS A 150 -31.76 -9.70 -26.14
CA LYS A 150 -30.47 -9.36 -26.72
C LYS A 150 -29.66 -8.42 -25.84
N GLU A 151 -30.28 -7.83 -24.83
CA GLU A 151 -29.60 -6.95 -23.89
C GLU A 151 -29.09 -7.67 -22.65
N LEU A 152 -29.25 -8.99 -22.60
CA LEU A 152 -28.93 -9.79 -21.41
C LEU A 152 -29.71 -9.29 -20.20
N LYS A 153 -30.98 -8.95 -20.41
CA LYS A 153 -31.84 -8.53 -19.31
C LYS A 153 -32.00 -9.67 -18.30
N ALA A 154 -31.88 -9.34 -17.02
CA ALA A 154 -31.69 -10.34 -15.99
C ALA A 154 -32.89 -10.40 -15.04
N PHE A 155 -33.09 -11.59 -14.48
CA PHE A 155 -34.02 -11.80 -13.36
C PHE A 155 -33.26 -12.49 -12.25
N ASN A 156 -33.69 -12.24 -11.01
CA ASN A 156 -32.95 -12.69 -9.84
C ASN A 156 -33.78 -13.67 -9.03
N ILE A 157 -33.07 -14.62 -8.42
CA ILE A 157 -33.67 -15.63 -7.56
C ILE A 157 -32.98 -15.57 -6.21
N ARG A 158 -33.72 -15.17 -5.19
CA ARG A 158 -33.15 -15.05 -3.85
C ARG A 158 -32.66 -16.40 -3.35
N LEU A 159 -31.44 -16.43 -2.84
CA LEU A 159 -30.86 -17.63 -2.27
C LEU A 159 -30.87 -17.52 -0.74
N GLU A 160 -31.45 -18.52 -0.08
CA GLU A 160 -31.47 -18.58 1.38
C GLU A 160 -30.21 -19.22 1.95
N GLU A 161 -29.14 -19.27 1.16
CA GLU A 161 -27.88 -19.88 1.57
C GLU A 161 -26.76 -18.89 1.27
N LEU A 162 -26.02 -18.50 2.31
CA LEU A 162 -25.02 -17.45 2.14
C LEU A 162 -23.75 -17.99 1.48
N HIS A 163 -23.08 -18.94 2.13
CA HIS A 163 -21.90 -19.54 1.55
C HIS A 163 -22.29 -20.47 0.40
N VAL A 164 -21.62 -20.31 -0.74
CA VAL A 164 -21.72 -21.23 -1.87
C VAL A 164 -20.34 -21.30 -2.50
N ILE A 165 -19.68 -22.46 -2.41
CA ILE A 165 -18.31 -22.55 -2.85
C ILE A 165 -18.22 -22.72 -4.37
N ASP A 166 -18.80 -23.80 -4.90
CA ASP A 166 -18.72 -24.05 -6.33
C ASP A 166 -20.06 -24.62 -6.80
N VAL A 167 -20.68 -23.97 -7.78
CA VAL A 167 -21.99 -24.33 -8.28
C VAL A 167 -21.88 -24.70 -9.76
N LYS A 168 -22.47 -25.82 -10.14
CA LYS A 168 -22.44 -26.30 -11.52
C LYS A 168 -23.82 -26.74 -11.95
N PHE A 169 -24.19 -26.40 -13.20
CA PHE A 169 -25.38 -26.95 -13.80
C PHE A 169 -25.20 -28.45 -14.04
N LEU A 170 -26.31 -29.17 -14.08
CA LEU A 170 -26.31 -30.63 -14.10
C LEU A 170 -26.62 -31.18 -15.47
N TYR A 171 -26.09 -32.38 -15.74
CA TYR A 171 -26.32 -33.11 -16.98
C TYR A 171 -27.47 -34.09 -16.80
N GLY A 172 -28.21 -34.30 -17.89
CA GLY A 172 -29.31 -35.26 -17.88
C GLY A 172 -30.43 -34.86 -16.95
N CYS A 173 -31.12 -33.76 -17.27
CA CYS A 173 -32.24 -33.29 -16.46
C CYS A 173 -33.26 -32.65 -17.38
N GLN A 174 -34.54 -32.89 -17.07
CA GLN A 174 -35.62 -32.29 -17.86
C GLN A 174 -35.60 -30.77 -17.75
N ALA A 175 -35.33 -30.27 -16.55
CA ALA A 175 -35.18 -28.84 -16.28
C ALA A 175 -33.80 -28.60 -15.66
N PRO A 176 -33.23 -27.41 -15.86
CA PRO A 176 -31.84 -27.20 -15.44
C PRO A 176 -31.66 -27.27 -13.93
N THR A 177 -30.95 -28.29 -13.46
CA THR A 177 -30.67 -28.45 -12.04
C THR A 177 -29.24 -28.03 -11.76
N ILE A 178 -29.03 -27.33 -10.65
CA ILE A 178 -27.72 -26.85 -10.25
C ILE A 178 -27.30 -27.60 -8.99
N CYS A 179 -26.02 -27.98 -8.93
CA CYS A 179 -25.50 -28.75 -7.80
C CYS A 179 -24.27 -28.04 -7.25
N PHE A 180 -24.34 -27.64 -5.97
CA PHE A 180 -23.27 -26.87 -5.35
C PHE A 180 -22.98 -27.39 -3.96
N VAL A 181 -21.70 -27.31 -3.58
CA VAL A 181 -21.26 -27.63 -2.23
C VAL A 181 -21.08 -26.33 -1.46
N TYR A 182 -21.63 -26.27 -0.26
CA TYR A 182 -21.61 -25.03 0.50
C TYR A 182 -21.43 -25.31 1.99
N GLN A 183 -20.62 -24.45 2.62
CA GLN A 183 -20.20 -24.61 4.01
C GLN A 183 -21.23 -24.03 4.97
N ASP A 184 -21.52 -24.78 6.02
CA ASP A 184 -22.39 -24.34 7.10
C ASP A 184 -21.81 -24.82 8.42
N PRO A 185 -22.19 -24.19 9.55
CA PRO A 185 -21.64 -24.63 10.84
C PRO A 185 -21.86 -26.09 11.12
N GLN A 186 -22.96 -26.68 10.64
CA GLN A 186 -23.13 -28.13 10.75
C GLN A 186 -22.04 -28.87 9.97
N GLY A 187 -21.68 -28.36 8.80
CA GLY A 187 -20.66 -28.98 7.98
C GLY A 187 -20.79 -28.54 6.54
N ARG A 188 -20.17 -29.32 5.66
CA ARG A 188 -20.21 -29.07 4.22
C ARG A 188 -21.26 -29.98 3.59
N HIS A 189 -22.23 -29.38 2.92
CA HIS A 189 -23.35 -30.10 2.34
C HIS A 189 -23.48 -29.75 0.87
N VAL A 190 -24.03 -30.68 0.10
CA VAL A 190 -24.20 -30.52 -1.34
C VAL A 190 -25.69 -30.52 -1.65
N LYS A 191 -26.21 -29.36 -2.04
CA LYS A 191 -27.64 -29.19 -2.21
C LYS A 191 -27.92 -28.63 -3.60
N THR A 192 -29.16 -28.83 -4.05
CA THR A 192 -29.54 -28.58 -5.43
C THR A 192 -30.87 -27.87 -5.51
N TYR A 193 -31.23 -27.48 -6.72
CA TYR A 193 -32.49 -26.80 -7.02
C TYR A 193 -32.86 -27.08 -8.46
N GLU A 194 -34.05 -26.63 -8.86
CA GLU A 194 -34.53 -26.75 -10.24
C GLU A 194 -34.95 -25.35 -10.69
N VAL A 195 -33.99 -24.58 -11.21
CA VAL A 195 -34.30 -23.21 -11.64
C VAL A 195 -35.25 -23.26 -12.82
N SER A 196 -36.37 -22.54 -12.70
CA SER A 196 -37.37 -22.49 -13.73
C SER A 196 -37.69 -21.06 -14.09
N LEU A 197 -37.94 -20.82 -15.38
CA LEU A 197 -38.24 -19.49 -15.87
C LEU A 197 -39.72 -19.13 -15.73
N ARG A 198 -40.61 -20.11 -15.76
CA ARG A 198 -42.03 -19.82 -15.73
C ARG A 198 -42.46 -19.14 -14.43
N GLU A 199 -41.91 -19.58 -13.30
CA GLU A 199 -42.23 -18.98 -12.01
C GLU A 199 -41.13 -18.06 -11.50
N LYS A 200 -40.02 -17.94 -12.23
CA LYS A 200 -38.95 -17.00 -11.91
C LYS A 200 -38.39 -17.24 -10.50
N GLU A 201 -38.33 -18.51 -10.10
CA GLU A 201 -37.87 -18.87 -8.77
C GLU A 201 -37.18 -20.24 -8.85
N PHE A 202 -36.96 -20.84 -7.69
CA PHE A 202 -36.35 -22.15 -7.58
C PHE A 202 -37.40 -23.20 -7.25
N ASN A 203 -36.97 -24.47 -7.26
CA ASN A 203 -37.84 -25.61 -7.01
C ASN A 203 -37.01 -26.72 -6.41
N LYS A 204 -37.71 -27.75 -5.91
CA LYS A 204 -37.05 -28.86 -5.26
C LYS A 204 -36.21 -29.64 -6.27
N GLY A 205 -35.07 -30.17 -5.79
CA GLY A 205 -34.14 -30.85 -6.65
C GLY A 205 -34.32 -32.35 -6.69
N PRO A 206 -33.41 -33.06 -7.36
CA PRO A 206 -33.51 -34.51 -7.45
C PRO A 206 -33.07 -35.25 -6.20
N TRP A 207 -32.44 -34.60 -5.23
CA TRP A 207 -32.02 -35.27 -4.01
C TRP A 207 -31.83 -34.21 -2.92
N LYS A 208 -31.43 -34.68 -1.74
CA LYS A 208 -31.32 -33.85 -0.55
C LYS A 208 -29.87 -33.46 -0.31
N GLN A 209 -29.61 -32.84 0.86
CA GLN A 209 -28.25 -32.53 1.26
C GLN A 209 -27.54 -33.81 1.72
N GLU A 210 -26.20 -33.77 1.66
CA GLU A 210 -25.39 -34.88 2.13
C GLU A 210 -24.24 -34.37 2.97
N ASN A 211 -23.90 -35.12 4.02
CA ASN A 211 -22.69 -34.87 4.77
C ASN A 211 -21.51 -35.46 4.03
N VAL A 212 -20.53 -34.62 3.71
CA VAL A 212 -19.43 -34.96 2.83
C VAL A 212 -18.12 -34.49 3.48
N GLU A 213 -17.02 -34.68 2.75
CA GLU A 213 -15.70 -34.36 3.27
C GLU A 213 -15.63 -32.91 3.75
N ALA A 214 -14.85 -32.70 4.82
CA ALA A 214 -14.76 -31.39 5.46
C ALA A 214 -14.05 -30.35 4.60
N GLU A 215 -13.48 -30.73 3.48
CA GLU A 215 -12.81 -29.79 2.58
C GLU A 215 -13.27 -29.99 1.14
N ALA A 216 -14.57 -30.19 0.94
CA ALA A 216 -15.10 -30.33 -0.42
C ALA A 216 -15.04 -28.99 -1.13
N SER A 217 -14.48 -28.98 -2.34
CA SER A 217 -14.13 -27.75 -3.04
C SER A 217 -14.99 -27.49 -4.26
N MET A 218 -15.06 -28.41 -5.22
CA MET A 218 -15.73 -28.12 -6.47
C MET A 218 -16.57 -29.30 -6.92
N VAL A 219 -17.53 -29.00 -7.78
CA VAL A 219 -18.34 -30.01 -8.45
C VAL A 219 -17.82 -30.15 -9.87
N ILE A 220 -18.08 -31.32 -10.46
CA ILE A 220 -17.85 -31.55 -11.89
C ILE A 220 -19.02 -32.37 -12.41
N ALA A 221 -19.96 -31.71 -13.09
CA ALA A 221 -21.17 -32.38 -13.56
C ALA A 221 -20.80 -33.40 -14.63
N VAL A 222 -20.81 -34.66 -14.26
CA VAL A 222 -20.51 -35.72 -15.24
C VAL A 222 -21.61 -35.79 -16.28
N PRO A 223 -21.29 -35.92 -17.56
CA PRO A 223 -22.33 -35.94 -18.58
C PRO A 223 -23.01 -37.31 -18.67
N GLU A 224 -24.02 -37.38 -19.54
CA GLU A 224 -24.71 -38.63 -19.78
C GLU A 224 -23.74 -39.64 -20.40
N PRO A 225 -23.95 -40.94 -20.17
CA PRO A 225 -25.11 -41.59 -19.53
C PRO A 225 -25.12 -41.57 -18.01
N PHE A 226 -23.99 -41.31 -17.35
CA PHE A 226 -23.95 -41.40 -15.90
C PHE A 226 -24.82 -40.33 -15.26
N GLY A 227 -24.67 -39.08 -15.67
CA GLY A 227 -25.42 -38.03 -15.02
C GLY A 227 -24.90 -37.77 -13.62
N GLY A 228 -25.72 -37.08 -12.83
CA GLY A 228 -25.34 -36.78 -11.47
C GLY A 228 -24.23 -35.74 -11.42
N ALA A 229 -23.43 -35.82 -10.37
CA ALA A 229 -22.35 -34.85 -10.17
C ALA A 229 -21.27 -35.48 -9.31
N ILE A 230 -20.02 -35.10 -9.60
CA ILE A 230 -18.86 -35.55 -8.86
C ILE A 230 -18.30 -34.36 -8.09
N ILE A 231 -17.92 -34.59 -6.83
CA ILE A 231 -17.46 -33.53 -5.94
C ILE A 231 -16.07 -33.89 -5.45
N ILE A 232 -15.10 -33.03 -5.72
CA ILE A 232 -13.70 -33.23 -5.34
C ILE A 232 -13.38 -32.35 -4.15
N GLY A 233 -12.72 -32.93 -3.15
CA GLY A 233 -12.27 -32.18 -2.01
C GLY A 233 -10.77 -32.31 -1.79
N GLN A 234 -10.29 -31.87 -0.64
CA GLN A 234 -8.88 -32.02 -0.30
C GLN A 234 -8.52 -33.45 0.05
N GLU A 235 -9.50 -34.25 0.49
CA GLU A 235 -9.25 -35.58 1.01
C GLU A 235 -9.79 -36.70 0.13
N SER A 236 -10.98 -36.54 -0.44
CA SER A 236 -11.61 -37.62 -1.18
C SER A 236 -12.59 -37.07 -2.20
N ILE A 237 -13.01 -37.93 -3.12
CA ILE A 237 -13.95 -37.59 -4.17
C ILE A 237 -15.19 -38.45 -4.02
N THR A 238 -16.33 -37.94 -4.48
CA THR A 238 -17.62 -38.60 -4.28
C THR A 238 -18.50 -38.42 -5.50
N TYR A 239 -19.53 -39.25 -5.58
CA TYR A 239 -20.51 -39.22 -6.67
C TYR A 239 -21.90 -39.10 -6.07
N HIS A 240 -22.68 -38.16 -6.57
CA HIS A 240 -23.98 -37.82 -5.98
C HIS A 240 -25.04 -37.72 -7.07
N ASN A 241 -25.81 -38.80 -7.25
CA ASN A 241 -26.91 -38.84 -8.20
C ASN A 241 -28.26 -39.05 -7.53
N GLY A 242 -28.33 -38.99 -6.21
CA GLY A 242 -29.56 -39.33 -5.51
C GLY A 242 -29.44 -40.67 -4.81
N ASP A 243 -30.03 -41.71 -5.40
CA ASP A 243 -29.91 -43.04 -4.84
C ASP A 243 -28.47 -43.51 -4.80
N LYS A 244 -27.72 -43.26 -5.88
CA LYS A 244 -26.34 -43.72 -5.95
C LYS A 244 -25.42 -42.84 -5.13
N TYR A 245 -24.35 -43.47 -4.62
CA TYR A 245 -23.33 -42.76 -3.86
C TYR A 245 -22.08 -43.62 -3.85
N LEU A 246 -20.99 -43.10 -4.42
CA LEU A 246 -19.70 -43.77 -4.41
C LEU A 246 -18.64 -42.77 -3.95
N ALA A 247 -17.60 -43.29 -3.30
CA ALA A 247 -16.53 -42.44 -2.82
C ALA A 247 -15.28 -43.30 -2.61
N ILE A 248 -14.17 -42.85 -3.18
CA ILE A 248 -12.89 -43.51 -3.01
C ILE A 248 -11.96 -42.57 -2.25
N ALA A 249 -11.02 -43.14 -1.50
CA ALA A 249 -10.06 -42.38 -0.72
C ALA A 249 -8.67 -42.58 -1.31
N PRO A 250 -8.25 -41.76 -2.27
CA PRO A 250 -6.95 -41.95 -2.90
C PRO A 250 -5.85 -41.31 -2.09
N PRO A 251 -4.77 -42.05 -1.80
CA PRO A 251 -3.71 -41.51 -0.95
C PRO A 251 -2.74 -40.59 -1.66
N ILE A 252 -2.78 -40.51 -3.00
CA ILE A 252 -1.83 -39.67 -3.73
C ILE A 252 -2.41 -38.30 -4.04
N ILE A 253 -3.68 -38.05 -3.72
CA ILE A 253 -4.26 -36.71 -3.86
C ILE A 253 -4.02 -35.85 -2.63
N LYS A 254 -3.54 -36.45 -1.54
CA LYS A 254 -3.42 -35.75 -0.26
C LYS A 254 -2.38 -34.63 -0.29
N GLN A 255 -1.50 -34.62 -1.30
CA GLN A 255 -0.38 -33.68 -1.29
C GLN A 255 -0.86 -32.23 -1.34
N SER A 256 -1.82 -31.93 -2.22
CA SER A 256 -2.30 -30.57 -2.38
C SER A 256 -3.73 -30.60 -2.88
N THR A 257 -4.43 -29.49 -2.67
CA THR A 257 -5.81 -29.40 -3.10
C THR A 257 -5.90 -29.37 -4.62
N ILE A 258 -6.92 -30.02 -5.15
CA ILE A 258 -7.12 -30.11 -6.59
C ILE A 258 -7.93 -28.90 -7.03
N VAL A 259 -7.39 -28.15 -8.00
CA VAL A 259 -7.89 -26.82 -8.34
C VAL A 259 -8.53 -26.81 -9.72
N CYS A 260 -7.84 -27.37 -10.72
CA CYS A 260 -8.27 -27.28 -12.10
C CYS A 260 -8.68 -28.64 -12.64
N HIS A 261 -9.79 -28.68 -13.36
CA HIS A 261 -10.36 -29.91 -13.90
C HIS A 261 -10.71 -29.72 -15.37
N ASN A 262 -10.72 -30.84 -16.10
CA ASN A 262 -11.02 -30.80 -17.52
C ASN A 262 -11.50 -32.17 -17.96
N ARG A 263 -12.42 -32.18 -18.93
CA ARG A 263 -13.01 -33.41 -19.44
C ARG A 263 -12.38 -33.77 -20.78
N VAL A 264 -11.76 -34.95 -20.84
CA VAL A 264 -11.03 -35.38 -22.03
C VAL A 264 -11.83 -36.43 -22.82
N ASP A 265 -13.14 -36.51 -22.61
CA ASP A 265 -13.98 -37.46 -23.33
C ASP A 265 -15.38 -36.88 -23.41
N PRO A 266 -16.02 -36.90 -24.58
CA PRO A 266 -17.34 -36.26 -24.71
C PRO A 266 -18.43 -36.90 -23.86
N ASN A 267 -18.26 -38.14 -23.43
CA ASN A 267 -19.25 -38.83 -22.60
C ASN A 267 -18.84 -38.89 -21.13
N GLY A 268 -17.77 -38.21 -20.76
CA GLY A 268 -17.38 -38.13 -19.36
C GLY A 268 -16.64 -39.34 -18.82
N SER A 269 -16.24 -40.28 -19.67
CA SER A 269 -15.57 -41.47 -19.18
C SER A 269 -14.20 -41.18 -18.58
N ARG A 270 -13.69 -39.97 -18.74
CA ARG A 270 -12.41 -39.58 -18.16
C ARG A 270 -12.46 -38.12 -17.73
N TYR A 271 -11.52 -37.75 -16.86
CA TYR A 271 -11.40 -36.37 -16.39
C TYR A 271 -9.94 -36.08 -16.08
N LEU A 272 -9.57 -34.80 -16.18
CA LEU A 272 -8.20 -34.35 -16.01
C LEU A 272 -8.15 -33.40 -14.82
N LEU A 273 -7.31 -33.72 -13.84
CA LEU A 273 -7.22 -32.94 -12.61
C LEU A 273 -5.83 -32.34 -12.46
N GLY A 274 -5.78 -31.18 -11.81
CA GLY A 274 -4.53 -30.51 -11.52
C GLY A 274 -4.57 -29.72 -10.22
N ASP A 275 -3.53 -29.85 -9.41
CA ASP A 275 -3.51 -29.25 -8.08
C ASP A 275 -2.89 -27.86 -8.12
N MET A 276 -2.61 -27.31 -6.93
CA MET A 276 -1.91 -26.04 -6.84
C MET A 276 -0.48 -26.16 -7.35
N GLU A 277 0.21 -27.23 -6.96
CA GLU A 277 1.60 -27.42 -7.35
C GLU A 277 1.76 -27.58 -8.85
N GLY A 278 0.71 -27.95 -9.56
CA GLY A 278 0.81 -28.17 -10.99
C GLY A 278 1.33 -29.54 -11.35
N ARG A 279 0.63 -30.57 -10.90
CA ARG A 279 0.86 -31.94 -11.34
C ARG A 279 -0.45 -32.51 -11.83
N LEU A 280 -0.37 -33.45 -12.77
CA LEU A 280 -1.55 -33.89 -13.51
C LEU A 280 -2.09 -35.18 -12.94
N PHE A 281 -3.42 -35.22 -12.77
CA PHE A 281 -4.12 -36.37 -12.23
C PHE A 281 -5.16 -36.85 -13.24
N MET A 282 -5.20 -38.15 -13.46
CA MET A 282 -6.12 -38.76 -14.42
C MET A 282 -7.27 -39.39 -13.64
N LEU A 283 -8.45 -38.80 -13.74
CA LEU A 283 -9.64 -39.33 -13.10
C LEU A 283 -10.44 -40.11 -14.14
N LEU A 284 -10.68 -41.39 -13.86
CA LEU A 284 -11.37 -42.29 -14.78
C LEU A 284 -12.67 -42.76 -14.16
N LEU A 285 -13.73 -42.80 -14.96
CA LEU A 285 -15.01 -43.35 -14.56
C LEU A 285 -15.27 -44.62 -15.36
N GLU A 286 -15.75 -45.65 -14.68
CA GLU A 286 -15.95 -46.96 -15.28
C GLU A 286 -17.45 -47.25 -15.36
N LYS A 287 -17.94 -47.55 -16.56
CA LYS A 287 -19.33 -47.91 -16.79
C LYS A 287 -19.53 -49.41 -16.83
N GLU A 288 -18.74 -50.16 -16.05
CA GLU A 288 -18.79 -51.62 -16.10
C GLU A 288 -20.17 -52.17 -15.74
N GLU A 289 -20.97 -51.41 -15.00
CA GLU A 289 -22.34 -51.83 -14.72
C GLU A 289 -23.18 -51.73 -16.00
N GLN A 290 -23.92 -52.80 -16.29
CA GLN A 290 -24.85 -52.82 -17.43
C GLN A 290 -26.08 -53.62 -16.98
N MET A 291 -27.08 -52.91 -16.45
CA MET A 291 -28.28 -53.56 -15.93
C MET A 291 -29.07 -54.25 -17.05
N ASP A 292 -29.63 -53.47 -17.96
CA ASP A 292 -30.37 -53.97 -19.10
C ASP A 292 -30.08 -53.15 -20.33
N GLY A 293 -28.80 -52.82 -20.54
CA GLY A 293 -28.39 -51.91 -21.59
C GLY A 293 -28.06 -50.52 -21.10
N THR A 294 -28.42 -50.17 -19.87
CA THR A 294 -28.06 -48.91 -19.25
C THR A 294 -26.83 -49.11 -18.36
N VAL A 295 -25.99 -48.10 -18.30
CA VAL A 295 -24.68 -48.19 -17.65
C VAL A 295 -24.59 -47.15 -16.55
N THR A 296 -23.93 -47.52 -15.45
CA THR A 296 -23.66 -46.60 -14.36
C THR A 296 -22.30 -46.97 -13.76
N LEU A 297 -21.87 -46.20 -12.75
CA LEU A 297 -20.50 -46.22 -12.28
C LEU A 297 -20.19 -47.53 -11.56
N LYS A 298 -18.89 -47.84 -11.46
CA LYS A 298 -18.38 -48.96 -10.67
C LYS A 298 -17.24 -48.56 -9.75
N ASP A 299 -16.39 -47.62 -10.16
CA ASP A 299 -15.31 -47.13 -9.30
C ASP A 299 -14.82 -45.80 -9.87
N LEU A 300 -14.02 -45.09 -9.06
CA LEU A 300 -13.58 -43.75 -9.41
C LEU A 300 -12.06 -43.67 -9.38
N ARG A 301 -11.40 -44.61 -10.07
CA ARG A 301 -9.94 -44.69 -10.03
C ARG A 301 -9.31 -43.36 -10.44
N VAL A 302 -8.26 -42.99 -9.70
CA VAL A 302 -7.52 -41.74 -9.94
C VAL A 302 -6.07 -42.10 -10.22
N GLU A 303 -5.53 -41.55 -11.30
CA GLU A 303 -4.17 -41.82 -11.74
C GLU A 303 -3.34 -40.54 -11.71
N LEU A 304 -2.03 -40.71 -11.53
CA LEU A 304 -1.08 -39.61 -11.63
C LEU A 304 -0.42 -39.65 -13.01
N LEU A 305 -0.55 -38.57 -13.77
CA LEU A 305 -0.04 -38.53 -15.13
C LEU A 305 1.38 -37.96 -15.18
N GLY A 306 1.56 -36.74 -14.70
CA GLY A 306 2.87 -36.11 -14.74
C GLY A 306 2.81 -34.73 -14.15
N GLU A 307 3.97 -34.06 -14.18
CA GLU A 307 4.13 -32.73 -13.61
C GLU A 307 4.18 -31.71 -14.73
N THR A 308 3.26 -30.75 -14.70
CA THR A 308 3.21 -29.65 -15.64
C THR A 308 3.63 -28.36 -14.95
N SER A 309 3.49 -27.24 -15.66
CA SER A 309 3.65 -25.95 -15.01
C SER A 309 2.45 -25.69 -14.10
N ILE A 310 2.64 -24.81 -13.12
CA ILE A 310 1.58 -24.51 -12.17
C ILE A 310 0.35 -24.03 -12.93
N ALA A 311 -0.72 -24.80 -12.86
CA ALA A 311 -1.85 -24.69 -13.77
C ALA A 311 -2.96 -23.84 -13.18
N GLU A 312 -3.65 -23.12 -14.06
CA GLU A 312 -4.83 -22.34 -13.69
C GLU A 312 -6.08 -22.80 -14.42
N CYS A 313 -6.00 -22.97 -15.74
CA CYS A 313 -7.15 -23.39 -16.54
C CYS A 313 -6.69 -24.45 -17.53
N LEU A 314 -7.12 -25.69 -17.33
CA LEU A 314 -6.75 -26.78 -18.22
C LEU A 314 -7.75 -26.90 -19.37
N THR A 315 -7.32 -27.65 -20.38
CA THR A 315 -8.09 -27.82 -21.61
C THR A 315 -7.49 -28.98 -22.40
N TYR A 316 -8.36 -29.82 -22.96
CA TYR A 316 -7.93 -30.97 -23.75
C TYR A 316 -8.15 -30.67 -25.23
N LEU A 317 -7.05 -30.66 -25.99
CA LEU A 317 -7.10 -30.61 -27.44
C LEU A 317 -6.88 -32.02 -28.00
N ASP A 318 -7.44 -32.27 -29.18
CA ASP A 318 -7.51 -33.62 -29.71
C ASP A 318 -6.13 -34.26 -29.83
N ASN A 319 -6.12 -35.59 -29.91
CA ASN A 319 -4.91 -36.39 -30.02
C ASN A 319 -4.03 -36.27 -28.78
N GLY A 320 -4.63 -36.11 -27.61
CA GLY A 320 -3.87 -36.09 -26.37
C GLY A 320 -2.95 -34.91 -26.18
N VAL A 321 -3.41 -33.71 -26.50
CA VAL A 321 -2.63 -32.49 -26.32
C VAL A 321 -3.43 -31.54 -25.44
N VAL A 322 -2.79 -31.01 -24.41
CA VAL A 322 -3.46 -30.17 -23.43
C VAL A 322 -2.71 -28.84 -23.31
N PHE A 323 -3.46 -27.74 -23.33
CA PHE A 323 -2.90 -26.41 -23.09
C PHE A 323 -2.99 -26.12 -21.59
N VAL A 324 -1.86 -26.24 -20.90
CA VAL A 324 -1.83 -26.11 -19.44
C VAL A 324 -1.68 -24.62 -19.14
N GLY A 325 -2.82 -23.92 -19.11
CA GLY A 325 -2.80 -22.50 -18.83
C GLY A 325 -2.19 -22.21 -17.47
N SER A 326 -1.36 -21.17 -17.42
CA SER A 326 -0.64 -20.83 -16.20
C SER A 326 -0.73 -19.32 -15.97
N ARG A 327 -0.48 -18.92 -14.73
CA ARG A 327 -0.41 -17.52 -14.37
C ARG A 327 0.93 -17.14 -13.76
N LEU A 328 1.51 -18.00 -12.95
CA LEU A 328 2.81 -17.76 -12.34
C LEU A 328 3.85 -18.77 -12.80
N GLY A 329 3.76 -19.18 -14.06
CA GLY A 329 4.72 -20.07 -14.67
C GLY A 329 4.74 -19.83 -16.16
N ASP A 330 5.06 -20.86 -16.93
CA ASP A 330 5.06 -20.80 -18.38
C ASP A 330 3.92 -21.65 -18.91
N SER A 331 3.02 -21.04 -19.67
CA SER A 331 1.94 -21.79 -20.30
C SER A 331 2.52 -22.83 -21.24
N GLN A 332 1.95 -24.03 -21.23
CA GLN A 332 2.58 -25.18 -21.85
C GLN A 332 1.68 -25.80 -22.92
N LEU A 333 2.20 -26.85 -23.54
CA LEU A 333 1.45 -27.69 -24.47
C LEU A 333 2.12 -29.05 -24.46
N VAL A 334 1.43 -30.05 -23.93
CA VAL A 334 2.03 -31.33 -23.61
C VAL A 334 1.24 -32.45 -24.27
N LYS A 335 1.96 -33.43 -24.82
CA LYS A 335 1.34 -34.63 -25.37
C LYS A 335 1.26 -35.68 -24.26
N LEU A 336 0.07 -36.24 -24.05
CA LEU A 336 -0.15 -37.25 -23.02
C LEU A 336 -0.07 -38.65 -23.62
N ASN A 337 1.11 -39.02 -24.07
CA ASN A 337 1.32 -40.37 -24.57
C ASN A 337 1.07 -41.38 -23.46
N VAL A 338 0.33 -42.44 -23.80
CA VAL A 338 -0.13 -43.41 -22.80
C VAL A 338 0.82 -44.57 -22.63
N ASP A 339 1.89 -44.65 -23.42
CA ASP A 339 2.87 -45.73 -23.29
C ASP A 339 4.26 -45.23 -22.91
N SER A 340 4.40 -43.95 -22.55
CA SER A 340 5.73 -43.39 -22.31
C SER A 340 6.41 -44.03 -21.11
N ASN A 341 5.87 -43.79 -19.91
CA ASN A 341 6.38 -44.37 -18.67
C ASN A 341 7.91 -44.34 -18.59
N GLU A 342 8.52 -43.27 -19.08
CA GLU A 342 9.98 -43.23 -19.15
C GLU A 342 10.60 -43.13 -17.76
N GLN A 343 9.97 -42.37 -16.86
CA GLN A 343 10.43 -42.30 -15.48
C GLN A 343 9.27 -42.35 -14.49
N GLY A 344 8.03 -42.37 -14.95
CA GLY A 344 6.88 -42.33 -14.08
C GLY A 344 5.92 -41.23 -14.48
N SER A 345 6.19 -40.62 -15.64
CA SER A 345 5.40 -39.52 -16.15
C SER A 345 4.83 -39.86 -17.52
N TYR A 346 3.58 -39.51 -17.74
CA TYR A 346 2.93 -39.61 -19.05
C TYR A 346 2.89 -38.27 -19.76
N VAL A 347 3.83 -37.38 -19.44
CA VAL A 347 3.80 -35.99 -19.88
C VAL A 347 5.15 -35.65 -20.49
N VAL A 348 5.12 -35.07 -21.70
CA VAL A 348 6.30 -34.52 -22.35
C VAL A 348 5.91 -33.20 -23.00
N ALA A 349 6.71 -32.16 -22.75
CA ALA A 349 6.36 -30.81 -23.18
C ALA A 349 6.72 -30.57 -24.64
N MET A 350 5.80 -29.94 -25.37
CA MET A 350 6.05 -29.56 -26.75
C MET A 350 6.28 -28.06 -26.91
N GLU A 351 5.33 -27.24 -26.44
CA GLU A 351 5.39 -25.80 -26.61
C GLU A 351 5.55 -25.11 -25.27
N THR A 352 5.73 -23.79 -25.33
CA THR A 352 5.86 -22.97 -24.12
C THR A 352 5.57 -21.53 -24.50
N PHE A 353 4.52 -20.95 -23.92
CA PHE A 353 4.21 -19.54 -24.14
C PHE A 353 4.90 -18.71 -23.06
N THR A 354 5.80 -17.83 -23.47
CA THR A 354 6.53 -17.01 -22.51
C THR A 354 5.55 -16.14 -21.73
N ASN A 355 5.70 -16.12 -20.41
CA ASN A 355 4.79 -15.42 -19.52
C ASN A 355 5.58 -14.44 -18.67
N LEU A 356 5.20 -13.16 -18.73
CA LEU A 356 5.93 -12.11 -18.02
C LEU A 356 5.54 -12.02 -16.55
N GLY A 357 4.26 -12.25 -16.23
CA GLY A 357 3.80 -12.20 -14.86
C GLY A 357 4.22 -13.43 -14.07
N PRO A 358 4.29 -13.28 -12.74
CA PRO A 358 4.11 -12.05 -11.98
C PRO A 358 5.40 -11.26 -11.86
N ILE A 359 5.38 -9.98 -12.19
CA ILE A 359 6.56 -9.13 -12.08
C ILE A 359 6.52 -8.46 -10.71
N VAL A 360 7.59 -8.62 -9.95
CA VAL A 360 7.67 -8.11 -8.58
C VAL A 360 8.56 -6.89 -8.48
N ASP A 361 9.78 -6.97 -9.01
CA ASP A 361 10.70 -5.85 -8.98
C ASP A 361 11.59 -5.90 -10.21
N MET A 362 11.86 -4.73 -10.80
CA MET A 362 12.62 -4.63 -12.03
C MET A 362 13.51 -3.40 -11.98
N CYS A 363 14.57 -3.43 -12.77
CA CYS A 363 15.50 -2.31 -12.91
C CYS A 363 15.81 -2.08 -14.37
N VAL A 364 15.49 -0.90 -14.88
CA VAL A 364 15.85 -0.55 -16.26
C VAL A 364 17.34 -0.30 -16.32
N VAL A 365 18.03 -1.04 -17.20
CA VAL A 365 19.49 -1.04 -17.27
C VAL A 365 19.93 -1.03 -18.72
N ASP A 366 21.24 -0.92 -18.93
CA ASP A 366 21.87 -1.01 -20.24
C ASP A 366 22.91 -2.13 -20.17
N LEU A 367 22.50 -3.36 -20.49
CA LEU A 367 23.41 -4.49 -20.42
C LEU A 367 24.57 -4.32 -21.41
N GLU A 368 24.26 -4.16 -22.68
CA GLU A 368 25.27 -4.19 -23.74
C GLU A 368 25.41 -2.85 -24.46
N ARG A 369 24.32 -2.31 -24.99
CA ARG A 369 24.38 -1.11 -25.82
C ARG A 369 24.11 0.11 -24.97
N GLN A 370 25.07 1.03 -24.93
CA GLN A 370 24.90 2.26 -24.17
C GLN A 370 23.85 3.15 -24.81
N GLY A 371 23.16 3.91 -23.97
CA GLY A 371 22.13 4.83 -24.42
C GLY A 371 20.77 4.19 -24.67
N GLN A 372 20.65 2.88 -24.50
CA GLN A 372 19.38 2.18 -24.69
C GLN A 372 19.11 1.28 -23.50
N GLY A 373 17.86 1.26 -23.05
CA GLY A 373 17.47 0.42 -21.93
C GLY A 373 17.03 -0.96 -22.38
N GLN A 374 17.46 -1.96 -21.62
CA GLN A 374 17.03 -3.35 -21.80
C GLN A 374 16.50 -3.81 -20.45
N LEU A 375 15.19 -3.68 -20.26
CA LEU A 375 14.57 -3.89 -18.96
C LEU A 375 14.75 -5.32 -18.48
N VAL A 376 15.15 -5.47 -17.22
CA VAL A 376 15.27 -6.77 -16.57
C VAL A 376 14.25 -6.82 -15.44
N THR A 377 13.51 -7.92 -15.36
CA THR A 377 12.43 -8.06 -14.41
C THR A 377 12.55 -9.39 -13.66
N CYS A 378 11.94 -9.43 -12.48
CA CYS A 378 11.84 -10.64 -11.69
C CYS A 378 10.44 -11.23 -11.89
N SER A 379 10.38 -12.43 -12.46
CA SER A 379 9.12 -13.02 -12.86
C SER A 379 9.03 -14.46 -12.37
N GLY A 380 7.81 -14.95 -12.26
CA GLY A 380 7.55 -16.29 -11.78
C GLY A 380 7.18 -16.30 -10.31
N ALA A 381 6.86 -17.50 -9.84
CA ALA A 381 6.51 -17.71 -8.44
C ALA A 381 6.73 -19.18 -8.10
N PHE A 382 7.16 -19.41 -6.86
CA PHE A 382 7.47 -20.75 -6.36
C PHE A 382 8.54 -21.35 -7.25
N LYS A 383 8.27 -22.43 -7.98
CA LYS A 383 9.30 -23.12 -8.76
C LYS A 383 9.54 -22.50 -10.13
N GLU A 384 8.79 -21.47 -10.51
CA GLU A 384 8.85 -20.91 -11.85
C GLU A 384 9.51 -19.54 -11.88
N GLY A 385 10.34 -19.22 -10.90
CA GLY A 385 11.03 -17.95 -10.88
C GLY A 385 11.99 -17.78 -12.05
N SER A 386 11.85 -16.67 -12.78
CA SER A 386 12.66 -16.45 -13.97
C SER A 386 12.77 -14.94 -14.21
N LEU A 387 13.71 -14.58 -15.08
CA LEU A 387 14.01 -13.19 -15.36
C LEU A 387 13.65 -12.86 -16.80
N ARG A 388 12.84 -11.83 -17.00
CA ARG A 388 12.37 -11.44 -18.33
C ARG A 388 13.18 -10.23 -18.79
N ILE A 389 14.25 -10.49 -19.53
CA ILE A 389 15.16 -9.44 -19.98
C ILE A 389 14.62 -8.92 -21.31
N ILE A 390 13.71 -7.95 -21.21
CA ILE A 390 13.10 -7.36 -22.40
C ILE A 390 14.10 -6.44 -23.09
N ARG A 391 14.13 -6.50 -24.42
CA ARG A 391 14.93 -5.60 -25.24
C ARG A 391 14.13 -5.20 -26.46
N ASN A 392 14.17 -3.92 -26.82
CA ASN A 392 13.42 -3.40 -27.96
C ASN A 392 14.35 -3.31 -29.16
N GLY A 393 14.45 -4.41 -29.89
CA GLY A 393 15.30 -4.44 -31.07
C GLY A 393 15.50 -5.85 -31.56
N ILE A 394 16.17 -5.96 -32.70
CA ILE A 394 16.48 -7.25 -33.32
C ILE A 394 17.97 -7.20 -33.68
N GLY A 395 18.81 -7.73 -32.80
CA GLY A 395 20.25 -7.70 -32.99
C GLY A 395 20.75 -8.82 -33.88
N ILE A 396 22.07 -8.91 -33.99
CA ILE A 396 22.73 -9.93 -34.80
C ILE A 396 23.92 -10.47 -34.03
N HIS A 397 24.10 -11.79 -34.11
CA HIS A 397 25.26 -12.47 -33.52
C HIS A 397 26.26 -12.75 -34.63
N GLU A 398 27.37 -12.01 -34.63
CA GLU A 398 28.40 -12.18 -35.65
C GLU A 398 29.27 -13.37 -35.31
N HIS A 399 29.19 -14.43 -36.13
CA HIS A 399 30.00 -15.62 -35.91
C HIS A 399 31.41 -15.49 -36.45
N ALA A 400 31.70 -14.44 -37.22
CA ALA A 400 33.03 -14.18 -37.75
C ALA A 400 33.37 -12.71 -37.53
N SER A 401 34.68 -12.42 -37.51
CA SER A 401 35.16 -11.05 -37.33
C SER A 401 36.53 -10.97 -38.00
N ILE A 402 36.56 -10.39 -39.20
CA ILE A 402 37.80 -10.19 -39.95
C ILE A 402 37.99 -8.69 -40.12
N ASP A 403 39.15 -8.20 -39.71
CA ASP A 403 39.43 -6.77 -39.81
C ASP A 403 39.53 -6.34 -41.26
N LEU A 404 38.74 -5.34 -41.65
CA LEU A 404 38.73 -4.82 -43.00
C LEU A 404 38.85 -3.30 -42.94
N PRO A 405 39.82 -2.71 -43.64
CA PRO A 405 40.01 -1.25 -43.56
C PRO A 405 38.91 -0.48 -44.29
N GLY A 406 37.72 -0.44 -43.69
CA GLY A 406 36.61 0.29 -44.28
C GLY A 406 36.11 -0.36 -45.56
N ILE A 407 35.50 -1.55 -45.43
CA ILE A 407 35.00 -2.26 -46.59
C ILE A 407 33.97 -1.40 -47.31
N LYS A 408 34.27 -1.01 -48.54
CA LYS A 408 33.39 -0.15 -49.32
C LYS A 408 32.44 -0.93 -50.21
N GLY A 409 32.61 -2.24 -50.33
CA GLY A 409 31.72 -3.05 -51.14
C GLY A 409 31.94 -4.54 -50.96
N LEU A 410 30.86 -5.29 -50.75
CA LEU A 410 30.93 -6.73 -50.58
C LEU A 410 29.74 -7.37 -51.30
N TRP A 411 29.99 -8.50 -51.95
CA TRP A 411 28.93 -9.20 -52.67
C TRP A 411 29.30 -10.67 -52.80
N PRO A 412 28.31 -11.57 -52.72
CA PRO A 412 28.61 -13.00 -52.82
C PRO A 412 28.91 -13.42 -54.25
N LEU A 413 29.88 -14.33 -54.39
CA LEU A 413 30.23 -14.92 -55.66
C LEU A 413 30.34 -16.43 -55.49
N ARG A 414 29.96 -17.16 -56.54
CA ARG A 414 29.99 -18.63 -56.53
C ARG A 414 30.75 -19.11 -57.76
N SER A 415 32.07 -19.23 -57.63
CA SER A 415 32.92 -19.75 -58.70
C SER A 415 32.99 -21.28 -58.64
N ASP A 416 31.83 -21.92 -58.57
CA ASP A 416 31.75 -23.38 -58.48
C ASP A 416 30.42 -23.85 -59.05
N PRO A 417 30.40 -24.35 -60.29
CA PRO A 417 29.14 -24.82 -60.87
C PRO A 417 28.53 -25.95 -60.05
N ASN A 418 27.20 -25.97 -59.98
CA ASN A 418 26.44 -26.98 -59.25
C ASN A 418 26.86 -27.02 -57.77
N ARG A 419 26.71 -25.88 -57.11
CA ARG A 419 27.08 -25.75 -55.70
C ARG A 419 25.89 -25.44 -54.80
N GLU A 420 25.04 -24.49 -55.19
CA GLU A 420 23.90 -24.05 -54.38
C GLU A 420 24.33 -23.57 -52.99
N THR A 421 25.55 -23.03 -52.91
CA THR A 421 26.09 -22.52 -51.66
C THR A 421 27.15 -21.48 -51.98
N ASP A 422 27.23 -20.46 -51.11
CA ASP A 422 28.17 -19.37 -51.33
C ASP A 422 29.61 -19.87 -51.26
N ASP A 423 30.43 -19.41 -52.18
CA ASP A 423 31.84 -19.80 -52.24
C ASP A 423 32.79 -18.62 -52.09
N THR A 424 32.54 -17.52 -52.78
CA THR A 424 33.44 -16.36 -52.75
C THR A 424 32.68 -15.13 -52.29
N LEU A 425 33.34 -14.30 -51.49
CA LEU A 425 32.81 -13.02 -51.03
C LEU A 425 33.86 -11.97 -51.36
N VAL A 426 33.80 -11.44 -52.58
CA VAL A 426 34.80 -10.47 -53.03
C VAL A 426 34.53 -9.13 -52.38
N LEU A 427 35.58 -8.50 -51.84
CA LEU A 427 35.46 -7.21 -51.21
C LEU A 427 35.72 -6.11 -52.24
N SER A 428 35.61 -4.85 -51.80
CA SER A 428 35.85 -3.70 -52.68
C SER A 428 36.46 -2.59 -51.83
N PHE A 429 37.76 -2.39 -52.00
CA PHE A 429 38.46 -1.33 -51.28
C PHE A 429 38.25 0.00 -52.00
N VAL A 430 39.03 1.01 -51.62
CA VAL A 430 38.92 2.32 -52.26
C VAL A 430 39.28 2.23 -53.74
N GLY A 431 40.35 1.51 -54.06
CA GLY A 431 40.78 1.36 -55.43
C GLY A 431 41.08 -0.07 -55.81
N GLN A 432 40.73 -1.01 -54.94
CA GLN A 432 41.02 -2.42 -55.16
C GLN A 432 39.79 -3.25 -54.80
N THR A 433 39.79 -4.51 -55.26
CA THR A 433 38.71 -5.44 -55.00
C THR A 433 39.32 -6.83 -54.79
N ARG A 434 39.49 -7.21 -53.52
CA ARG A 434 40.03 -8.52 -53.20
C ARG A 434 38.93 -9.58 -53.28
N VAL A 435 39.27 -10.71 -53.89
CA VAL A 435 38.36 -11.85 -54.01
C VAL A 435 38.83 -12.92 -53.04
N LEU A 436 37.93 -13.38 -52.18
CA LEU A 436 38.27 -14.30 -51.11
C LEU A 436 37.57 -15.64 -51.32
N MET A 437 38.31 -16.72 -51.06
CA MET A 437 37.76 -18.08 -51.11
C MET A 437 37.20 -18.43 -49.74
N LEU A 438 35.89 -18.69 -49.68
CA LEU A 438 35.25 -18.95 -48.39
C LEU A 438 34.22 -20.07 -48.59
N ASN A 439 34.65 -21.31 -48.36
CA ASN A 439 33.76 -22.46 -48.35
C ASN A 439 33.40 -22.89 -46.94
N GLY A 440 34.39 -23.12 -46.09
CA GLY A 440 34.16 -23.40 -44.68
C GLY A 440 34.68 -22.28 -43.80
N GLU A 441 35.85 -22.49 -43.21
CA GLU A 441 36.51 -21.49 -42.40
C GLU A 441 37.56 -20.70 -43.19
N GLU A 442 37.67 -20.94 -44.50
CA GLU A 442 38.67 -20.26 -45.30
C GLU A 442 38.33 -18.78 -45.45
N VAL A 443 39.33 -17.93 -45.26
CA VAL A 443 39.17 -16.49 -45.43
C VAL A 443 40.30 -15.96 -46.31
N GLU A 444 41.02 -16.88 -46.96
CA GLU A 444 42.12 -16.49 -47.82
C GLU A 444 41.60 -15.75 -49.05
N GLU A 445 42.38 -14.77 -49.51
CA GLU A 445 42.02 -13.94 -50.66
C GLU A 445 42.62 -14.57 -51.91
N THR A 446 41.79 -15.31 -52.64
CA THR A 446 42.21 -15.96 -53.88
C THR A 446 41.53 -15.26 -55.06
N GLU A 447 42.34 -14.74 -55.98
CA GLU A 447 41.85 -14.00 -57.13
C GLU A 447 41.71 -14.93 -58.33
N LEU A 448 40.52 -14.93 -58.93
CA LEU A 448 40.28 -15.75 -60.11
C LEU A 448 40.94 -15.15 -61.34
N MET A 449 41.21 -16.01 -62.33
CA MET A 449 41.80 -15.54 -63.57
C MET A 449 40.77 -14.80 -64.42
N GLY A 450 39.50 -15.14 -64.30
CA GLY A 450 38.42 -14.46 -65.00
C GLY A 450 38.00 -13.14 -64.40
N PHE A 451 38.64 -12.70 -63.32
CA PHE A 451 38.31 -11.45 -62.67
C PHE A 451 39.58 -10.62 -62.48
N VAL A 452 39.44 -9.31 -62.61
CA VAL A 452 40.54 -8.38 -62.40
C VAL A 452 40.70 -8.11 -60.91
N ASP A 453 41.83 -7.49 -60.53
CA ASP A 453 42.09 -7.15 -59.14
C ASP A 453 42.27 -5.66 -58.91
N ASP A 454 42.70 -4.90 -59.91
CA ASP A 454 42.93 -3.45 -59.75
C ASP A 454 41.70 -2.68 -60.23
N GLN A 455 40.61 -2.83 -59.48
CA GLN A 455 39.37 -2.11 -59.75
C GLN A 455 38.53 -2.12 -58.49
N GLN A 456 37.55 -1.22 -58.45
CA GLN A 456 36.62 -1.14 -57.32
C GLN A 456 35.38 -1.96 -57.67
N THR A 457 35.15 -3.04 -56.91
CA THR A 457 34.03 -3.92 -57.20
C THR A 457 32.70 -3.23 -56.88
N PHE A 458 31.79 -3.24 -57.84
CA PHE A 458 30.46 -2.71 -57.65
C PHE A 458 29.37 -3.74 -57.87
N PHE A 459 29.65 -4.82 -58.60
CA PHE A 459 28.69 -5.91 -58.79
C PHE A 459 29.49 -7.18 -59.06
N CYS A 460 29.61 -8.02 -58.05
CA CYS A 460 30.30 -9.30 -58.17
C CYS A 460 29.34 -10.39 -57.70
N GLY A 461 28.79 -11.14 -58.65
CA GLY A 461 27.77 -12.11 -58.31
C GLY A 461 27.61 -13.15 -59.38
N ASN A 462 26.54 -13.93 -59.26
CA ASN A 462 26.29 -15.09 -60.10
C ASN A 462 25.01 -14.88 -60.90
N VAL A 463 25.05 -15.27 -62.18
CA VAL A 463 23.92 -15.18 -63.08
C VAL A 463 23.77 -16.51 -63.81
N ALA A 464 22.65 -16.67 -64.49
CA ALA A 464 22.34 -17.90 -65.21
C ALA A 464 23.15 -17.95 -66.51
N HIS A 465 22.83 -18.93 -67.36
CA HIS A 465 23.50 -19.13 -68.65
C HIS A 465 24.99 -19.40 -68.48
N GLN A 466 25.37 -20.00 -67.34
CA GLN A 466 26.74 -20.40 -67.07
C GLN A 466 27.72 -19.23 -67.20
N GLN A 467 27.30 -18.06 -66.72
CA GLN A 467 28.12 -16.86 -66.77
C GLN A 467 28.17 -16.23 -65.39
N LEU A 468 29.37 -15.84 -64.96
CA LEU A 468 29.58 -15.14 -63.70
C LEU A 468 30.02 -13.72 -64.01
N ILE A 469 29.26 -12.74 -63.52
CA ILE A 469 29.50 -11.34 -63.83
C ILE A 469 30.20 -10.69 -62.64
N GLN A 470 31.38 -10.15 -62.88
CA GLN A 470 32.12 -9.35 -61.89
C GLN A 470 32.24 -7.96 -62.49
N ILE A 471 31.21 -7.13 -62.27
CA ILE A 471 31.14 -5.80 -62.86
C ILE A 471 31.84 -4.82 -61.95
N THR A 472 32.83 -4.12 -62.48
CA THR A 472 33.56 -3.08 -61.77
C THR A 472 33.16 -1.71 -62.30
N SER A 473 33.68 -0.67 -61.66
CA SER A 473 33.39 0.70 -62.11
C SER A 473 34.04 1.00 -63.45
N ALA A 474 35.04 0.23 -63.86
CA ALA A 474 35.69 0.46 -65.14
C ALA A 474 34.91 -0.20 -66.27
N SER A 475 34.76 -1.52 -66.22
CA SER A 475 34.06 -2.25 -67.26
C SER A 475 33.50 -3.54 -66.67
N VAL A 476 32.56 -4.15 -67.39
CA VAL A 476 31.92 -5.39 -66.97
C VAL A 476 32.67 -6.54 -67.65
N ARG A 477 33.61 -7.14 -66.92
CA ARG A 477 34.36 -8.28 -67.42
C ARG A 477 33.66 -9.56 -66.97
N LEU A 478 32.78 -10.07 -67.83
CA LEU A 478 31.97 -11.24 -67.51
C LEU A 478 32.83 -12.49 -67.59
N VAL A 479 32.83 -13.29 -66.52
CA VAL A 479 33.61 -14.50 -66.44
C VAL A 479 32.66 -15.70 -66.57
N SER A 480 33.26 -16.88 -66.71
CA SER A 480 32.52 -18.13 -66.88
C SER A 480 32.62 -18.97 -65.61
N GLN A 481 31.88 -20.08 -65.60
CA GLN A 481 31.86 -20.96 -64.44
C GLN A 481 32.88 -22.09 -64.57
N GLU A 482 32.77 -22.90 -65.63
CA GLU A 482 33.68 -24.02 -65.82
C GLU A 482 35.04 -23.56 -66.34
N PRO A 483 35.12 -22.80 -67.44
CA PRO A 483 36.43 -22.30 -67.87
C PRO A 483 36.87 -21.03 -67.16
N LYS A 484 35.93 -20.25 -66.61
CA LYS A 484 36.24 -19.01 -65.90
C LYS A 484 37.04 -18.05 -66.77
N ALA A 485 36.70 -18.00 -68.06
CA ALA A 485 37.35 -17.12 -69.01
C ALA A 485 36.46 -15.93 -69.33
N LEU A 486 37.08 -14.82 -69.71
CA LEU A 486 36.35 -13.61 -70.03
C LEU A 486 35.62 -13.77 -71.36
N VAL A 487 34.35 -14.17 -71.31
CA VAL A 487 33.58 -14.37 -72.53
C VAL A 487 33.44 -13.06 -73.30
N SER A 488 33.12 -11.98 -72.59
CA SER A 488 33.03 -10.67 -73.20
C SER A 488 33.33 -9.61 -72.14
N GLU A 489 33.73 -8.43 -72.60
CA GLU A 489 34.04 -7.30 -71.72
C GLU A 489 33.45 -6.05 -72.38
N TRP A 490 32.21 -5.74 -72.03
CA TRP A 490 31.54 -4.55 -72.56
C TRP A 490 32.16 -3.32 -71.93
N LYS A 491 32.94 -2.57 -72.70
CA LYS A 491 33.59 -1.35 -72.22
C LYS A 491 32.81 -0.13 -72.69
N GLU A 492 32.98 0.96 -71.97
CA GLU A 492 32.34 2.21 -72.33
C GLU A 492 32.90 2.70 -73.67
N PRO A 493 32.04 3.03 -74.64
CA PRO A 493 32.57 3.48 -75.94
C PRO A 493 33.46 4.70 -75.86
N GLN A 494 33.18 5.62 -74.94
CA GLN A 494 33.99 6.81 -74.76
C GLN A 494 34.95 6.68 -73.57
N ALA A 495 35.23 5.45 -73.15
CA ALA A 495 36.10 5.18 -71.99
C ALA A 495 35.58 5.85 -70.73
N LYS A 496 34.26 6.01 -70.63
CA LYS A 496 33.65 6.60 -69.46
C LYS A 496 33.58 5.59 -68.31
N ASN A 497 33.18 6.08 -67.14
CA ASN A 497 33.11 5.26 -65.94
C ASN A 497 31.69 5.25 -65.41
N ILE A 498 31.24 4.07 -64.98
CA ILE A 498 29.91 3.93 -64.40
C ILE A 498 29.96 4.37 -62.94
N SER A 499 29.04 5.26 -62.56
CA SER A 499 28.96 5.69 -61.17
C SER A 499 28.63 4.54 -60.25
N VAL A 500 27.74 3.65 -60.67
CA VAL A 500 27.42 2.43 -59.92
C VAL A 500 27.01 1.36 -60.92
N ALA A 501 27.47 0.14 -60.68
CA ALA A 501 27.18 -1.00 -61.55
C ALA A 501 25.92 -1.68 -61.04
N SER A 502 24.78 -1.30 -61.61
CA SER A 502 23.49 -1.90 -61.27
C SER A 502 23.19 -3.03 -62.24
N CYS A 503 22.52 -4.06 -61.75
CA CYS A 503 22.23 -5.23 -62.56
C CYS A 503 21.03 -5.96 -61.99
N ASN A 504 20.48 -6.86 -62.79
CA ASN A 504 19.33 -7.67 -62.45
C ASN A 504 19.74 -9.14 -62.44
N SER A 505 18.74 -10.02 -62.29
CA SER A 505 19.01 -11.45 -62.35
C SER A 505 19.55 -11.87 -63.72
N SER A 506 19.11 -11.19 -64.79
CA SER A 506 19.56 -11.54 -66.13
C SER A 506 19.87 -10.31 -66.99
N GLN A 507 20.11 -9.16 -66.38
CA GLN A 507 20.49 -7.97 -67.14
C GLN A 507 21.30 -7.04 -66.24
N VAL A 508 22.20 -6.29 -66.85
CA VAL A 508 23.08 -5.36 -66.14
C VAL A 508 22.95 -3.99 -66.80
N VAL A 509 22.48 -3.01 -66.02
CA VAL A 509 22.31 -1.64 -66.51
C VAL A 509 23.12 -0.73 -65.60
N VAL A 510 24.18 -0.14 -66.12
CA VAL A 510 25.05 0.73 -65.36
C VAL A 510 24.77 2.18 -65.75
N ALA A 511 25.30 3.11 -64.97
CA ALA A 511 25.13 4.54 -65.20
C ALA A 511 26.50 5.13 -65.51
N VAL A 512 26.90 5.08 -66.77
CA VAL A 512 28.19 5.59 -67.21
C VAL A 512 28.04 7.06 -67.55
N GLY A 513 28.70 7.91 -66.78
CA GLY A 513 28.55 9.34 -66.98
C GLY A 513 27.13 9.78 -66.68
N ARG A 514 26.48 10.37 -67.68
CA ARG A 514 25.10 10.84 -67.55
C ARG A 514 24.12 10.03 -68.39
N ALA A 515 24.52 8.84 -68.85
CA ALA A 515 23.68 8.00 -69.68
C ALA A 515 23.52 6.63 -69.06
N LEU A 516 22.38 6.00 -69.31
CA LEU A 516 22.08 4.68 -68.78
C LEU A 516 21.74 3.73 -69.92
N TYR A 517 22.38 2.56 -69.93
CA TYR A 517 22.13 1.55 -70.94
C TYR A 517 22.08 0.18 -70.27
N TYR A 518 21.37 -0.74 -70.90
CA TYR A 518 21.17 -2.10 -70.37
C TYR A 518 22.02 -3.08 -71.15
N LEU A 519 22.74 -3.93 -70.42
CA LEU A 519 23.64 -4.93 -71.02
C LEU A 519 23.37 -6.27 -70.35
N GLN A 520 22.46 -7.05 -70.92
CA GLN A 520 22.16 -8.37 -70.39
C GLN A 520 23.32 -9.32 -70.65
N ILE A 521 23.45 -10.33 -69.77
CA ILE A 521 24.52 -11.31 -69.89
C ILE A 521 24.01 -12.38 -70.85
N HIS A 522 24.27 -12.18 -72.14
CA HIS A 522 23.85 -13.12 -73.15
C HIS A 522 24.59 -14.45 -72.97
N PRO A 523 23.99 -15.56 -73.39
CA PRO A 523 24.65 -16.87 -73.25
C PRO A 523 26.03 -16.90 -73.91
N GLN A 524 27.07 -17.02 -73.07
CA GLN A 524 28.46 -17.05 -73.54
C GLN A 524 28.80 -15.82 -74.38
N GLU A 525 28.25 -14.68 -74.00
CA GLU A 525 28.46 -13.43 -74.73
C GLU A 525 27.97 -12.29 -73.83
N LEU A 526 27.94 -11.08 -74.40
CA LEU A 526 27.41 -9.91 -73.71
C LEU A 526 27.06 -8.86 -74.75
N ARG A 527 25.87 -8.28 -74.64
CA ARG A 527 25.41 -7.32 -75.62
C ARG A 527 24.44 -6.33 -74.96
N GLN A 528 24.26 -5.19 -75.61
CA GLN A 528 23.37 -4.14 -75.15
C GLN A 528 22.17 -4.03 -76.09
N ILE A 529 20.98 -3.89 -75.51
CA ILE A 529 19.75 -3.79 -76.28
C ILE A 529 19.12 -2.41 -76.19
N SER A 530 19.72 -1.49 -75.43
CA SER A 530 19.16 -0.16 -75.29
C SER A 530 20.30 0.83 -75.02
N HIS A 531 20.03 2.10 -75.30
CA HIS A 531 21.00 3.16 -75.07
C HIS A 531 20.25 4.48 -74.99
N THR A 532 20.30 5.13 -73.84
CA THR A 532 19.59 6.39 -73.64
C THR A 532 20.27 7.19 -72.55
N GLU A 533 19.96 8.48 -72.49
CA GLU A 533 20.49 9.38 -71.49
C GLU A 533 19.36 10.18 -70.85
N MET A 534 19.51 10.46 -69.57
CA MET A 534 18.52 11.22 -68.82
C MET A 534 18.90 12.68 -68.75
N GLU A 535 17.99 13.50 -68.22
CA GLU A 535 18.24 14.93 -68.08
C GLU A 535 19.40 15.19 -67.11
N HIS A 536 19.45 14.45 -66.01
CA HIS A 536 20.50 14.59 -65.01
C HIS A 536 21.26 13.27 -64.88
N GLU A 537 22.41 13.34 -64.21
CA GLU A 537 23.22 12.16 -63.99
C GLU A 537 22.50 11.20 -63.06
N VAL A 538 22.60 9.90 -63.38
CA VAL A 538 21.95 8.87 -62.59
C VAL A 538 22.81 8.56 -61.37
N ALA A 539 22.55 9.25 -60.27
CA ALA A 539 23.30 9.00 -59.04
C ALA A 539 23.02 7.60 -58.51
N CYS A 540 21.77 7.16 -58.57
CA CYS A 540 21.38 5.83 -58.13
C CYS A 540 20.71 5.10 -59.28
N LEU A 541 21.26 3.95 -59.65
CA LEU A 541 20.70 3.10 -60.69
C LEU A 541 20.22 1.80 -60.05
N ASP A 542 18.98 1.44 -60.30
CA ASP A 542 18.37 0.25 -59.69
C ASP A 542 17.52 -0.44 -60.75
N ILE A 543 18.04 -1.54 -61.30
CA ILE A 543 17.31 -2.37 -62.27
C ILE A 543 17.35 -3.79 -61.72
N THR A 544 16.32 -4.17 -60.97
CA THR A 544 16.23 -5.49 -60.35
C THR A 544 14.97 -6.19 -60.79
N PRO A 545 15.01 -7.51 -60.98
CA PRO A 545 13.82 -8.23 -61.46
C PRO A 545 12.69 -8.19 -60.45
N LEU A 546 11.46 -8.17 -60.98
CA LEU A 546 10.26 -8.19 -60.16
C LEU A 546 9.85 -9.64 -59.92
N GLY A 547 8.65 -9.85 -59.37
CA GLY A 547 8.13 -11.18 -59.23
C GLY A 547 7.87 -11.84 -60.57
N ASP A 548 7.85 -13.17 -60.55
CA ASP A 548 7.66 -13.99 -61.75
C ASP A 548 8.77 -13.75 -62.77
N SER A 549 8.65 -14.39 -63.94
CA SER A 549 9.60 -14.23 -65.03
C SER A 549 11.01 -14.67 -64.64
N ASN A 550 11.63 -13.94 -63.71
CA ASN A 550 12.99 -14.21 -63.24
C ASN A 550 14.00 -14.14 -64.39
N GLY A 551 13.67 -13.38 -65.43
CA GLY A 551 14.58 -13.20 -66.55
C GLY A 551 14.68 -11.76 -66.99
N LEU A 552 13.81 -10.90 -66.48
CA LEU A 552 13.80 -9.50 -66.87
C LEU A 552 13.22 -8.66 -65.74
N SER A 553 13.54 -7.37 -65.76
CA SER A 553 13.03 -6.43 -64.78
C SER A 553 11.99 -5.54 -65.44
N PRO A 554 10.70 -5.67 -65.09
CA PRO A 554 9.68 -4.84 -65.75
C PRO A 554 9.88 -3.34 -65.57
N LEU A 555 10.34 -2.91 -64.38
CA LEU A 555 10.47 -1.49 -64.09
C LEU A 555 11.76 -1.24 -63.32
N CYS A 556 12.36 -0.08 -63.57
CA CYS A 556 13.58 0.35 -62.90
C CYS A 556 13.42 1.78 -62.44
N ALA A 557 13.68 2.03 -61.16
CA ALA A 557 13.61 3.37 -60.59
C ALA A 557 15.02 3.88 -60.32
N ILE A 558 15.27 5.14 -60.69
CA ILE A 558 16.60 5.72 -60.60
C ILE A 558 16.51 7.08 -59.91
N GLY A 559 17.66 7.57 -59.47
CA GLY A 559 17.76 8.87 -58.85
C GLY A 559 18.62 9.79 -59.69
N LEU A 560 18.25 11.07 -59.71
CA LEU A 560 18.96 12.08 -60.48
C LEU A 560 19.79 12.94 -59.53
N TRP A 561 21.09 13.06 -59.84
CA TRP A 561 21.98 13.83 -58.97
C TRP A 561 21.61 15.30 -58.96
N THR A 562 21.25 15.85 -60.12
CA THR A 562 20.90 17.27 -60.23
C THR A 562 19.44 17.54 -59.90
N ASP A 563 18.64 16.50 -59.62
CA ASP A 563 17.24 16.67 -59.29
C ASP A 563 16.83 16.05 -57.97
N ILE A 564 17.54 15.03 -57.50
CA ILE A 564 17.24 14.37 -56.22
C ILE A 564 15.81 13.86 -56.21
N SER A 565 15.41 13.20 -57.30
CA SER A 565 14.06 12.67 -57.43
C SER A 565 14.12 11.24 -57.95
N ALA A 566 13.04 10.50 -57.71
CA ALA A 566 12.94 9.11 -58.15
C ALA A 566 12.51 9.09 -59.62
N ARG A 567 13.42 8.66 -60.49
CA ARG A 567 13.17 8.56 -61.92
C ARG A 567 12.92 7.11 -62.29
N ILE A 568 11.68 6.79 -62.64
CA ILE A 568 11.29 5.44 -63.01
C ILE A 568 11.02 5.42 -64.51
N LEU A 569 11.60 4.43 -65.19
CA LEU A 569 11.46 4.32 -66.64
C LEU A 569 11.59 2.86 -67.04
N LYS A 570 11.14 2.56 -68.25
CA LYS A 570 11.20 1.21 -68.78
C LYS A 570 12.65 0.78 -69.00
N LEU A 571 12.91 -0.51 -68.78
CA LEU A 571 14.26 -1.02 -69.00
C LEU A 571 14.65 -1.05 -70.47
N PRO A 572 13.87 -1.65 -71.39
CA PRO A 572 14.27 -1.65 -72.80
C PRO A 572 13.95 -0.38 -73.55
N SER A 573 13.48 0.66 -72.86
CA SER A 573 13.11 1.92 -73.48
C SER A 573 13.57 3.06 -72.57
N PHE A 574 13.07 4.26 -72.83
CA PHE A 574 13.39 5.43 -72.02
C PHE A 574 12.15 6.20 -71.59
N GLU A 575 10.95 5.68 -71.83
CA GLU A 575 9.74 6.36 -71.40
C GLU A 575 9.65 6.36 -69.88
N LEU A 576 9.40 7.55 -69.32
CA LEU A 576 9.39 7.70 -67.87
C LEU A 576 8.16 7.02 -67.28
N LEU A 577 8.38 6.05 -66.39
CA LEU A 577 7.27 5.37 -65.73
C LEU A 577 6.56 6.31 -64.75
N HIS A 578 7.32 6.99 -63.90
CA HIS A 578 6.74 7.91 -62.93
C HIS A 578 7.82 8.81 -62.38
N LYS A 579 7.39 9.95 -61.80
CA LYS A 579 8.27 10.89 -61.14
C LYS A 579 7.71 11.19 -59.75
N GLU A 580 8.60 11.24 -58.77
CA GLU A 580 8.21 11.45 -57.37
C GLU A 580 8.58 12.87 -56.95
N MET A 581 7.60 13.58 -56.37
CA MET A 581 7.85 14.95 -55.92
C MET A 581 8.78 14.98 -54.72
N LEU A 582 8.63 14.03 -53.81
CA LEU A 582 9.44 14.02 -52.59
C LEU A 582 10.91 13.83 -52.92
N GLY A 583 11.77 14.58 -52.23
CA GLY A 583 13.19 14.52 -52.46
C GLY A 583 13.78 15.84 -52.90
N GLY A 584 14.96 16.17 -52.39
CA GLY A 584 15.61 17.42 -52.75
C GLY A 584 16.96 17.51 -52.07
N GLU A 585 17.76 18.46 -52.56
CA GLU A 585 19.09 18.72 -52.03
C GLU A 585 19.96 17.47 -52.05
N ILE A 586 20.01 16.76 -50.92
CA ILE A 586 20.80 15.54 -50.84
C ILE A 586 20.23 14.50 -51.78
N ILE A 587 21.10 13.91 -52.60
CA ILE A 587 20.71 12.92 -53.59
C ILE A 587 20.31 11.62 -52.89
N PRO A 588 19.44 10.80 -53.49
CA PRO A 588 19.16 9.48 -52.92
C PRO A 588 20.40 8.60 -52.92
N ARG A 589 20.48 7.73 -51.92
CA ARG A 589 21.64 6.84 -51.77
C ARG A 589 21.40 5.43 -52.29
N SER A 590 20.16 4.95 -52.24
CA SER A 590 19.86 3.61 -52.72
C SER A 590 18.37 3.52 -53.03
N ILE A 591 18.04 2.75 -54.07
CA ILE A 591 16.66 2.52 -54.49
C ILE A 591 16.48 1.02 -54.74
N LEU A 592 15.33 0.51 -54.31
CA LEU A 592 15.02 -0.90 -54.51
C LEU A 592 13.51 -1.07 -54.53
N MET A 593 13.04 -2.08 -55.25
CA MET A 593 11.64 -2.45 -55.26
C MET A 593 11.46 -3.62 -54.29
N THR A 594 10.63 -3.41 -53.27
CA THR A 594 10.45 -4.36 -52.18
C THR A 594 9.09 -5.03 -52.28
N THR A 595 9.07 -6.34 -52.04
CA THR A 595 7.86 -7.13 -52.23
C THR A 595 7.39 -7.75 -50.91
N PHE A 596 7.35 -6.94 -49.85
CA PHE A 596 6.88 -7.42 -48.56
C PHE A 596 5.43 -7.89 -48.65
N GLU A 597 5.19 -9.14 -48.24
CA GLU A 597 3.86 -9.73 -48.24
C GLU A 597 3.19 -9.62 -49.61
N SER A 598 3.98 -9.86 -50.66
CA SER A 598 3.51 -9.78 -52.04
C SER A 598 2.95 -8.40 -52.38
N SER A 599 3.46 -7.36 -51.72
CA SER A 599 3.06 -5.99 -51.97
C SER A 599 4.29 -5.19 -52.39
N HIS A 600 4.18 -4.49 -53.51
CA HIS A 600 5.31 -3.77 -54.07
C HIS A 600 5.61 -2.52 -53.26
N TYR A 601 6.87 -2.36 -52.85
CA TYR A 601 7.29 -1.20 -52.06
C TYR A 601 8.64 -0.72 -52.57
N LEU A 602 8.88 0.58 -52.37
CA LEU A 602 10.12 1.22 -52.84
C LEU A 602 10.43 2.39 -51.90
N LEU A 603 11.41 2.19 -51.01
CA LEU A 603 11.86 3.22 -50.10
C LEU A 603 13.10 3.90 -50.67
N CYS A 604 13.07 5.23 -50.73
CA CYS A 604 14.15 6.01 -51.33
C CYS A 604 15.06 6.49 -50.19
N ALA A 605 16.04 5.64 -49.83
CA ALA A 605 17.00 5.99 -48.80
C ALA A 605 18.00 6.99 -49.35
N LEU A 606 18.06 8.17 -48.75
CA LEU A 606 18.94 9.23 -49.21
C LEU A 606 20.28 9.19 -48.50
N GLY A 607 21.22 9.97 -49.02
CA GLY A 607 22.55 10.05 -48.43
C GLY A 607 22.65 10.89 -47.18
N ASP A 608 21.57 11.57 -46.80
CA ASP A 608 21.56 12.38 -45.59
C ASP A 608 20.74 11.75 -44.47
N GLY A 609 20.06 10.64 -44.73
CA GLY A 609 19.27 9.96 -43.74
C GLY A 609 17.76 10.03 -43.91
N ALA A 610 17.27 10.19 -45.14
CA ALA A 610 15.84 10.22 -45.41
C ALA A 610 15.47 9.04 -46.30
N LEU A 611 14.46 8.28 -45.88
CA LEU A 611 13.98 7.11 -46.62
C LEU A 611 12.54 7.38 -47.03
N PHE A 612 12.34 7.75 -48.30
CA PHE A 612 11.02 8.04 -48.83
C PHE A 612 10.33 6.72 -49.11
N TYR A 613 9.70 6.15 -48.08
CA TYR A 613 8.99 4.89 -48.22
C TYR A 613 7.82 5.06 -49.19
N PHE A 614 7.68 4.14 -50.13
CA PHE A 614 6.66 4.23 -51.16
C PHE A 614 6.48 2.84 -51.78
N GLY A 615 5.48 2.75 -52.65
CA GLY A 615 5.20 1.53 -53.38
C GLY A 615 5.60 1.65 -54.84
N LEU A 616 5.20 0.65 -55.61
CA LEU A 616 5.45 0.62 -57.05
C LEU A 616 4.42 -0.25 -57.73
N ASN A 617 4.31 -0.10 -59.04
CA ASN A 617 3.45 -0.94 -59.87
C ASN A 617 4.32 -1.70 -60.87
N ILE A 618 4.30 -3.03 -60.79
CA ILE A 618 5.13 -3.85 -61.66
C ILE A 618 4.64 -3.76 -63.10
N GLU A 619 3.32 -3.74 -63.30
CA GLU A 619 2.77 -3.71 -64.65
C GLU A 619 3.06 -2.39 -65.35
N THR A 620 2.55 -1.29 -64.80
CA THR A 620 2.75 0.02 -65.40
C THR A 620 2.45 1.09 -64.36
N GLY A 621 3.20 2.19 -64.41
CA GLY A 621 3.00 3.29 -63.51
C GLY A 621 3.62 3.06 -62.15
N LEU A 622 3.40 4.03 -61.26
CA LEU A 622 3.87 3.96 -59.89
C LEU A 622 3.04 4.90 -59.04
N LEU A 623 3.09 4.68 -57.73
CA LEU A 623 2.35 5.48 -56.76
C LEU A 623 3.30 6.40 -56.01
N SER A 624 2.74 7.15 -55.06
CA SER A 624 3.51 8.09 -54.25
C SER A 624 3.65 7.61 -52.81
N ASP A 625 2.54 7.36 -52.12
CA ASP A 625 2.53 6.87 -50.74
C ASP A 625 3.50 7.66 -49.87
N ARG A 626 3.18 8.94 -49.69
CA ARG A 626 4.10 9.87 -49.04
C ARG A 626 4.35 9.47 -47.59
N LYS A 627 5.55 8.95 -47.32
CA LYS A 627 5.92 8.53 -45.97
C LYS A 627 7.44 8.44 -45.91
N LYS A 628 8.05 9.25 -45.04
CA LYS A 628 9.50 9.27 -44.89
C LYS A 628 9.84 9.01 -43.42
N VAL A 629 10.15 7.76 -43.09
CA VAL A 629 10.58 7.37 -41.75
C VAL A 629 12.10 7.42 -41.73
N THR A 630 12.66 8.21 -40.80
CA THR A 630 14.09 8.45 -40.78
C THR A 630 14.83 7.19 -40.38
N LEU A 631 15.54 6.59 -41.33
CA LEU A 631 16.39 5.43 -41.08
C LEU A 631 17.83 5.85 -40.80
N GLY A 632 18.00 6.75 -39.84
CA GLY A 632 19.31 7.27 -39.49
C GLY A 632 19.57 8.64 -40.05
N THR A 633 20.83 9.07 -39.91
CA THR A 633 21.28 10.37 -40.40
C THR A 633 22.65 10.27 -41.07
N GLN A 634 22.96 9.10 -41.63
CA GLN A 634 24.25 8.81 -42.23
C GLN A 634 24.03 8.14 -43.59
N PRO A 635 25.03 8.14 -44.46
CA PRO A 635 24.89 7.43 -45.73
C PRO A 635 24.56 5.97 -45.52
N THR A 636 23.67 5.45 -46.38
CA THR A 636 23.06 4.14 -46.19
C THR A 636 23.16 3.33 -47.48
N VAL A 637 22.58 2.13 -47.44
CA VAL A 637 22.48 1.27 -48.61
C VAL A 637 21.40 0.22 -48.33
N LEU A 638 20.59 -0.05 -49.34
CA LEU A 638 19.47 -0.99 -49.22
C LEU A 638 19.87 -2.32 -49.84
N ARG A 639 20.05 -3.34 -48.99
CA ARG A 639 20.40 -4.69 -49.42
C ARG A 639 19.41 -5.67 -48.81
N THR A 640 18.87 -6.54 -49.65
CA THR A 640 17.85 -7.51 -49.23
C THR A 640 18.40 -8.92 -49.32
N PHE A 641 18.23 -9.68 -48.23
CA PHE A 641 18.56 -11.09 -48.18
C PHE A 641 17.37 -11.82 -47.59
N ARG A 642 17.03 -12.99 -48.14
CA ARG A 642 15.82 -13.66 -47.67
C ARG A 642 16.06 -14.40 -46.36
N SER A 643 16.82 -15.50 -46.41
CA SER A 643 17.25 -16.23 -45.22
C SER A 643 16.09 -16.72 -44.36
N LEU A 644 14.86 -16.41 -44.76
CA LEU A 644 13.70 -16.77 -43.95
C LEU A 644 12.47 -17.10 -44.79
N SER A 645 12.62 -17.29 -46.11
CA SER A 645 11.55 -17.54 -47.06
C SER A 645 10.68 -16.30 -47.32
N THR A 646 11.06 -15.14 -46.79
CA THR A 646 10.39 -13.89 -47.07
C THR A 646 11.41 -12.85 -47.52
N THR A 647 10.92 -11.63 -47.78
CA THR A 647 11.76 -10.57 -48.32
C THR A 647 12.92 -10.23 -47.39
N ASN A 648 12.60 -9.72 -46.20
CA ASN A 648 13.59 -9.44 -45.15
C ASN A 648 14.68 -8.49 -45.65
N VAL A 649 14.25 -7.30 -46.06
CA VAL A 649 15.16 -6.29 -46.59
C VAL A 649 15.54 -5.35 -45.47
N PHE A 650 16.84 -5.19 -45.24
CA PHE A 650 17.38 -4.36 -44.16
C PHE A 650 18.33 -3.33 -44.75
N ALA A 651 18.12 -2.06 -44.38
CA ALA A 651 18.92 -0.95 -44.88
C ALA A 651 20.00 -0.62 -43.85
N CYS A 652 21.26 -0.86 -44.22
CA CYS A 652 22.38 -0.55 -43.33
C CYS A 652 22.53 0.95 -43.18
N SER A 653 22.81 1.38 -41.95
CA SER A 653 23.05 2.80 -41.65
C SER A 653 23.89 2.87 -40.38
N ASP A 654 24.24 4.10 -39.98
CA ASP A 654 25.02 4.28 -38.75
C ASP A 654 24.35 3.59 -37.57
N ARG A 655 23.02 3.66 -37.52
CA ARG A 655 22.25 2.71 -36.74
C ARG A 655 21.55 1.75 -37.69
N PRO A 656 21.47 0.47 -37.36
CA PRO A 656 20.89 -0.50 -38.28
C PRO A 656 19.37 -0.45 -38.27
N THR A 657 18.79 0.04 -39.36
CA THR A 657 17.35 0.15 -39.50
C THR A 657 16.85 -0.98 -40.39
N VAL A 658 15.95 -1.79 -39.85
CA VAL A 658 15.43 -2.97 -40.54
C VAL A 658 14.01 -2.67 -41.01
N ILE A 659 13.71 -3.04 -42.24
CA ILE A 659 12.42 -2.78 -42.87
C ILE A 659 11.65 -4.10 -42.89
N TYR A 660 10.81 -4.31 -41.89
CA TYR A 660 9.93 -5.46 -41.84
C TYR A 660 8.49 -5.02 -41.68
N SER A 661 7.60 -5.72 -42.37
CA SER A 661 6.16 -5.51 -42.26
C SER A 661 5.56 -6.63 -41.41
N SER A 662 4.79 -6.25 -40.39
CA SER A 662 4.17 -7.24 -39.52
C SER A 662 3.21 -8.13 -40.30
N ASN A 663 2.12 -7.55 -40.79
CA ASN A 663 1.21 -8.24 -41.70
C ASN A 663 1.16 -7.54 -43.06
N HIS A 664 0.89 -6.23 -43.09
CA HIS A 664 0.96 -5.46 -44.32
C HIS A 664 1.52 -4.06 -44.10
N LYS A 665 1.91 -3.69 -42.88
CA LYS A 665 2.45 -2.38 -42.58
C LYS A 665 3.85 -2.53 -41.99
N LEU A 666 4.78 -1.71 -42.47
CA LEU A 666 6.17 -1.84 -42.06
C LEU A 666 6.34 -1.49 -40.60
N VAL A 667 7.04 -2.36 -39.86
CA VAL A 667 7.38 -2.14 -38.47
C VAL A 667 8.90 -2.02 -38.38
N PHE A 668 9.38 -0.80 -38.14
CA PHE A 668 10.82 -0.53 -38.14
C PHE A 668 11.41 -0.98 -36.81
N SER A 669 11.69 -2.28 -36.73
CA SER A 669 12.40 -2.85 -35.59
C SER A 669 13.86 -2.45 -35.75
N ASN A 670 14.22 -1.32 -35.12
CA ASN A 670 15.56 -0.78 -35.26
C ASN A 670 16.58 -1.75 -34.69
N VAL A 671 17.43 -2.31 -35.55
CA VAL A 671 18.29 -3.43 -35.20
C VAL A 671 19.37 -2.98 -34.22
N ASN A 672 20.08 -3.95 -33.64
CA ASN A 672 21.17 -3.70 -32.70
C ASN A 672 22.48 -4.11 -33.36
N LEU A 673 23.18 -3.13 -33.95
CA LEU A 673 24.51 -3.33 -34.50
C LEU A 673 25.30 -2.05 -34.29
N LYS A 674 26.63 -2.18 -34.31
CA LYS A 674 27.50 -1.04 -34.05
C LYS A 674 27.30 0.07 -35.07
N GLU A 675 27.64 -0.20 -36.33
CA GLU A 675 27.39 0.75 -37.41
C GLU A 675 27.45 -0.04 -38.72
N VAL A 676 26.31 -0.19 -39.38
CA VAL A 676 26.22 -1.00 -40.59
C VAL A 676 26.30 -0.07 -41.80
N ASN A 677 27.36 -0.21 -42.60
CA ASN A 677 27.53 0.62 -43.79
C ASN A 677 26.98 -0.07 -45.04
N TYR A 678 27.47 -1.26 -45.33
CA TYR A 678 27.00 -2.05 -46.47
C TYR A 678 26.67 -3.45 -45.98
N MET A 679 25.74 -4.11 -46.68
CA MET A 679 25.22 -5.40 -46.24
C MET A 679 25.27 -6.37 -47.42
N CYS A 680 25.71 -7.60 -47.14
CA CYS A 680 25.80 -8.65 -48.16
C CYS A 680 25.62 -10.01 -47.49
N PRO A 681 24.73 -10.86 -48.01
CA PRO A 681 24.45 -12.13 -47.32
C PRO A 681 25.58 -13.13 -47.52
N LEU A 682 26.04 -13.70 -46.40
CA LEU A 682 27.05 -14.76 -46.43
C LEU A 682 26.35 -16.10 -46.18
N ASN A 683 25.78 -16.63 -47.25
CA ASN A 683 25.08 -17.93 -47.19
C ASN A 683 26.03 -19.08 -47.51
N SER A 684 27.13 -19.16 -46.77
CA SER A 684 28.12 -20.19 -47.01
C SER A 684 27.62 -21.54 -46.50
N ASP A 685 28.35 -22.60 -46.88
CA ASP A 685 28.02 -23.94 -46.40
C ASP A 685 28.12 -24.01 -44.88
N GLY A 686 29.17 -23.41 -44.31
CA GLY A 686 29.31 -23.31 -42.88
C GLY A 686 28.55 -22.18 -42.25
N TYR A 687 27.86 -21.37 -43.05
CA TYR A 687 27.06 -20.24 -42.56
C TYR A 687 25.66 -20.37 -43.15
N PRO A 688 24.84 -21.27 -42.62
CA PRO A 688 23.50 -21.48 -43.17
C PRO A 688 22.56 -20.36 -42.74
N ASP A 689 21.94 -19.70 -43.72
CA ASP A 689 21.01 -18.61 -43.49
C ASP A 689 21.65 -17.43 -42.74
N SER A 690 22.97 -17.37 -42.71
CA SER A 690 23.68 -16.33 -41.99
C SER A 690 23.84 -15.10 -42.90
N LEU A 691 24.67 -14.15 -42.46
CA LEU A 691 24.90 -12.93 -43.22
C LEU A 691 26.28 -12.39 -42.86
N ALA A 692 26.78 -11.49 -43.70
CA ALA A 692 28.09 -10.87 -43.50
C ALA A 692 27.87 -9.41 -43.12
N LEU A 693 28.15 -9.09 -41.85
CA LEU A 693 28.01 -7.72 -41.36
C LEU A 693 29.23 -6.92 -41.79
N ALA A 694 29.09 -6.17 -42.87
CA ALA A 694 30.19 -5.37 -43.41
C ALA A 694 30.16 -3.99 -42.75
N ASN A 695 31.10 -3.74 -41.85
CA ASN A 695 31.23 -2.48 -41.13
C ASN A 695 32.54 -1.81 -41.49
N ASN A 696 32.67 -0.55 -41.05
CA ASN A 696 33.88 0.23 -41.30
C ASN A 696 34.99 -0.07 -40.30
N SER A 697 34.74 -0.93 -39.32
CA SER A 697 35.74 -1.32 -38.33
C SER A 697 36.31 -2.70 -38.59
N THR A 698 35.45 -3.71 -38.74
CA THR A 698 35.91 -5.07 -39.02
C THR A 698 34.79 -5.81 -39.74
N LEU A 699 35.13 -6.47 -40.85
CA LEU A 699 34.15 -7.23 -41.61
C LEU A 699 33.73 -8.46 -40.82
N THR A 700 32.47 -8.50 -40.42
CA THR A 700 31.93 -9.57 -39.60
C THR A 700 30.93 -10.40 -40.39
N ILE A 701 30.73 -11.64 -39.97
CA ILE A 701 29.74 -12.53 -40.55
C ILE A 701 29.02 -13.25 -39.41
N GLY A 702 27.71 -13.45 -39.58
CA GLY A 702 26.94 -14.11 -38.54
C GLY A 702 25.49 -14.22 -38.94
N THR A 703 24.69 -14.69 -37.99
CA THR A 703 23.26 -14.88 -38.18
C THR A 703 22.50 -13.83 -37.38
N ILE A 704 21.57 -13.15 -38.03
CA ILE A 704 20.75 -12.14 -37.36
C ILE A 704 19.62 -12.81 -36.60
N ASP A 705 19.05 -12.08 -35.65
CA ASP A 705 17.95 -12.59 -34.86
C ASP A 705 16.65 -12.54 -35.67
N GLU A 706 15.55 -12.93 -35.02
CA GLU A 706 14.25 -12.91 -35.66
C GLU A 706 13.73 -11.47 -35.77
N ILE A 707 12.69 -11.30 -36.59
CA ILE A 707 12.03 -10.01 -36.74
C ILE A 707 10.96 -9.96 -35.65
N GLN A 708 11.38 -9.54 -34.46
CA GLN A 708 10.50 -9.49 -33.29
C GLN A 708 10.51 -8.09 -32.70
N LYS A 709 9.39 -7.70 -32.11
CA LYS A 709 9.27 -6.36 -31.53
C LYS A 709 10.08 -6.25 -30.25
N LEU A 710 9.82 -7.12 -29.28
CA LEU A 710 10.51 -7.12 -28.00
C LEU A 710 11.03 -8.53 -27.72
N HIS A 711 12.31 -8.76 -27.99
CA HIS A 711 12.92 -10.07 -27.75
C HIS A 711 13.11 -10.26 -26.25
N ILE A 712 12.44 -11.25 -25.68
CA ILE A 712 12.41 -11.49 -24.25
C ILE A 712 13.24 -12.74 -23.95
N ARG A 713 14.26 -12.59 -23.11
CA ARG A 713 15.04 -13.72 -22.65
C ARG A 713 14.37 -14.33 -21.42
N THR A 714 14.99 -15.38 -20.87
CA THR A 714 14.49 -16.03 -19.66
C THR A 714 15.57 -16.94 -19.11
N VAL A 715 15.81 -16.86 -17.81
CA VAL A 715 16.75 -17.75 -17.13
C VAL A 715 16.05 -18.34 -15.91
N PRO A 716 16.07 -19.65 -15.72
CA PRO A 716 15.31 -20.26 -14.62
C PRO A 716 16.01 -20.12 -13.29
N LEU A 717 15.23 -19.77 -12.27
CA LEU A 717 15.70 -19.72 -10.89
C LEU A 717 15.20 -20.86 -10.03
N TYR A 718 13.98 -21.35 -10.29
CA TYR A 718 13.36 -22.42 -9.52
C TYR A 718 13.15 -22.01 -8.06
N GLU A 719 13.01 -20.71 -7.83
CA GLU A 719 12.59 -20.19 -6.54
C GLU A 719 11.99 -18.81 -6.76
N SER A 720 11.17 -18.38 -5.80
CA SER A 720 10.43 -17.14 -5.97
C SER A 720 11.38 -15.96 -6.08
N PRO A 721 11.19 -15.05 -7.05
CA PRO A 721 11.98 -13.81 -7.06
C PRO A 721 11.25 -12.70 -6.33
N ARG A 722 11.97 -11.96 -5.47
CA ARG A 722 11.35 -10.91 -4.68
C ARG A 722 11.77 -9.51 -5.12
N LYS A 723 13.07 -9.22 -5.16
CA LYS A 723 13.55 -7.88 -5.46
C LYS A 723 14.77 -7.97 -6.37
N ILE A 724 15.07 -6.87 -7.05
CA ILE A 724 16.26 -6.81 -7.91
C ILE A 724 16.79 -5.38 -7.91
N CYS A 725 18.11 -5.26 -8.07
CA CYS A 725 18.77 -3.97 -8.17
C CYS A 725 19.99 -4.10 -9.06
N TYR A 726 20.27 -3.08 -9.85
CA TYR A 726 21.40 -3.08 -10.77
C TYR A 726 22.61 -2.43 -10.10
N GLN A 727 23.75 -3.13 -10.16
CA GLN A 727 25.03 -2.59 -9.71
C GLN A 727 25.97 -2.59 -10.91
N GLU A 728 26.34 -1.38 -11.37
CA GLU A 728 27.07 -1.28 -12.62
C GLU A 728 28.53 -1.71 -12.48
N VAL A 729 29.20 -1.27 -11.43
CA VAL A 729 30.65 -1.44 -11.33
C VAL A 729 31.01 -2.91 -11.15
N SER A 730 30.23 -3.64 -10.35
CA SER A 730 30.55 -5.04 -10.09
C SER A 730 30.16 -5.98 -11.23
N GLN A 731 29.41 -5.48 -12.21
CA GLN A 731 28.96 -6.28 -13.35
C GLN A 731 28.17 -7.50 -12.89
N CYS A 732 27.05 -7.22 -12.21
CA CYS A 732 26.21 -8.26 -11.66
C CYS A 732 24.87 -7.66 -11.25
N PHE A 733 23.98 -8.53 -10.77
CA PHE A 733 22.68 -8.15 -10.24
C PHE A 733 22.56 -8.65 -8.81
N GLY A 734 21.55 -8.15 -8.11
CA GLY A 734 21.21 -8.67 -6.80
C GLY A 734 19.73 -8.98 -6.69
N VAL A 735 19.37 -10.20 -6.28
CA VAL A 735 17.98 -10.63 -6.28
C VAL A 735 17.68 -11.38 -4.98
N LEU A 736 16.50 -11.12 -4.42
CA LEU A 736 16.04 -11.75 -3.19
C LEU A 736 15.10 -12.89 -3.53
N SER A 737 15.34 -14.06 -2.91
CA SER A 737 14.62 -15.28 -3.25
C SER A 737 14.21 -16.00 -1.98
N SER A 738 13.13 -16.79 -2.09
CA SER A 738 12.55 -17.50 -0.95
C SER A 738 12.19 -18.92 -1.40
N ARG A 739 13.09 -19.87 -1.15
CA ARG A 739 12.84 -21.27 -1.47
C ARG A 739 12.16 -21.96 -0.29
N ILE A 740 11.05 -22.63 -0.56
CA ILE A 740 10.30 -23.32 0.49
C ILE A 740 11.05 -24.59 0.86
N GLU A 741 11.39 -24.73 2.14
CA GLU A 741 12.07 -25.91 2.65
C GLU A 741 11.15 -26.63 3.63
N VAL A 742 11.18 -27.96 3.58
CA VAL A 742 10.27 -28.79 4.37
C VAL A 742 10.89 -29.07 5.73
N GLN A 743 10.12 -28.83 6.79
CA GLN A 743 10.56 -29.11 8.16
C GLN A 743 10.36 -30.60 8.43
N ASP A 744 11.45 -31.37 8.40
CA ASP A 744 11.38 -32.79 8.68
C ASP A 744 11.75 -33.04 10.15
N THR A 745 11.87 -34.31 10.51
CA THR A 745 12.24 -34.70 11.88
C THR A 745 13.75 -34.86 11.99
N SER A 746 14.46 -33.79 11.65
CA SER A 746 15.92 -33.81 11.69
C SER A 746 16.55 -32.59 12.34
N GLY A 747 15.76 -31.58 12.71
CA GLY A 747 16.31 -30.34 13.20
C GLY A 747 16.73 -29.37 12.12
N GLY A 748 16.67 -29.78 10.86
CA GLY A 748 16.95 -28.91 9.74
C GLY A 748 15.83 -28.94 8.73
N THR A 749 16.11 -28.52 7.50
CA THR A 749 15.09 -28.51 6.44
C THR A 749 15.76 -28.91 5.13
N THR A 750 15.17 -29.88 4.44
CA THR A 750 15.70 -30.34 3.17
C THR A 750 15.07 -29.56 2.02
N ALA A 751 15.89 -29.23 1.02
CA ALA A 751 15.39 -28.53 -0.15
C ALA A 751 14.46 -29.42 -0.95
N LEU A 752 13.37 -28.83 -1.46
CA LEU A 752 12.40 -29.60 -2.23
C LEU A 752 12.98 -30.05 -3.56
N ARG A 753 13.38 -29.10 -4.39
CA ARG A 753 14.06 -29.35 -5.66
C ARG A 753 15.28 -28.46 -5.74
N PRO A 754 16.26 -28.84 -6.57
CA PRO A 754 17.40 -27.93 -6.81
C PRO A 754 16.91 -26.61 -7.38
N SER A 755 17.48 -25.52 -6.88
CA SER A 755 17.10 -24.19 -7.34
C SER A 755 18.33 -23.33 -7.58
N ALA A 756 18.12 -22.05 -7.87
CA ALA A 756 19.25 -21.14 -8.05
C ALA A 756 20.05 -21.00 -6.75
N SER A 757 19.34 -20.87 -5.62
CA SER A 757 20.03 -20.77 -4.34
C SER A 757 20.79 -22.05 -4.02
N THR A 758 20.19 -23.20 -4.30
CA THR A 758 20.84 -24.48 -4.00
C THR A 758 22.02 -24.73 -4.94
N GLN A 759 21.87 -24.40 -6.21
CA GLN A 759 22.86 -24.73 -7.23
C GLN A 759 23.77 -23.57 -7.57
N ALA A 760 23.80 -22.53 -6.75
CA ALA A 760 24.72 -21.42 -6.97
C ALA A 760 26.17 -21.89 -6.80
N LEU A 761 27.07 -21.24 -7.52
CA LEU A 761 28.47 -21.64 -7.48
C LEU A 761 29.08 -21.45 -6.10
N SER A 762 28.63 -20.42 -5.36
CA SER A 762 29.11 -20.16 -4.01
C SER A 762 27.94 -19.81 -3.13
N SER A 763 27.93 -20.35 -1.91
CA SER A 763 26.86 -20.09 -0.96
C SER A 763 27.46 -19.66 0.37
N SER A 764 26.81 -18.69 1.02
CA SER A 764 27.22 -18.20 2.32
C SER A 764 26.03 -18.14 3.24
N VAL A 765 26.22 -18.53 4.49
CA VAL A 765 25.19 -18.50 5.52
C VAL A 765 25.59 -17.47 6.57
N SER A 766 24.64 -16.62 6.94
CA SER A 766 24.92 -15.58 7.93
C SER A 766 25.09 -16.20 9.31
N SER A 767 26.08 -15.71 10.05
CA SER A 767 26.34 -16.15 11.42
C SER A 767 26.29 -14.90 12.30
N SER A 768 25.09 -14.55 12.76
CA SER A 768 24.87 -13.41 13.62
C SER A 768 24.46 -13.89 15.00
N LYS A 769 25.23 -13.52 16.02
CA LYS A 769 24.97 -13.88 17.40
C LYS A 769 24.60 -12.64 18.22
N LEU A 770 23.82 -11.75 17.62
CA LEU A 770 23.43 -10.50 18.26
C LEU A 770 22.15 -10.60 19.04
N PHE A 771 21.54 -11.78 19.12
CA PHE A 771 20.30 -11.98 19.86
C PHE A 771 20.08 -13.46 20.18
N THR A 780 9.48 -26.17 13.13
CA THR A 780 9.78 -26.98 14.31
C THR A 780 9.19 -28.38 14.17
N SER A 781 7.88 -28.45 13.95
CA SER A 781 7.20 -29.72 13.80
C SER A 781 7.49 -30.33 12.43
N PHE A 782 7.15 -31.62 12.29
CA PHE A 782 7.37 -32.33 11.04
C PHE A 782 6.34 -31.93 10.00
N GLY A 783 6.78 -31.91 8.73
CA GLY A 783 5.89 -31.70 7.62
C GLY A 783 5.47 -30.27 7.37
N GLU A 784 6.03 -29.32 8.10
CA GLU A 784 5.68 -27.92 7.91
C GLU A 784 6.65 -27.24 6.96
N GLU A 785 6.20 -26.15 6.34
CA GLU A 785 7.01 -25.41 5.39
C GLU A 785 7.51 -24.11 6.04
N VAL A 786 8.78 -23.82 5.82
CA VAL A 786 9.42 -22.60 6.34
C VAL A 786 10.21 -21.95 5.21
N GLU A 787 9.92 -20.67 4.96
CA GLU A 787 10.64 -19.94 3.92
C GLU A 787 12.06 -19.64 4.37
N VAL A 788 13.01 -19.83 3.46
CA VAL A 788 14.40 -19.43 3.68
C VAL A 788 14.72 -18.37 2.64
N HIS A 789 15.12 -17.19 3.11
CA HIS A 789 15.35 -16.06 2.21
C HIS A 789 16.83 -15.94 1.88
N ASN A 790 17.10 -15.52 0.64
CA ASN A 790 18.46 -15.45 0.13
C ASN A 790 18.66 -14.18 -0.67
N LEU A 791 19.91 -13.73 -0.70
CA LEU A 791 20.37 -12.74 -1.67
C LEU A 791 21.20 -13.47 -2.71
N LEU A 792 20.70 -13.51 -3.94
CA LEU A 792 21.41 -14.13 -5.04
C LEU A 792 22.07 -13.06 -5.90
N ILE A 793 23.28 -13.35 -6.36
CA ILE A 793 24.04 -12.45 -7.20
C ILE A 793 24.24 -13.11 -8.55
N ILE A 794 23.77 -12.46 -9.61
CA ILE A 794 23.72 -13.04 -10.94
C ILE A 794 24.36 -12.06 -11.93
N ASP A 795 25.25 -12.57 -12.77
CA ASP A 795 25.94 -11.76 -13.76
C ASP A 795 24.97 -11.29 -14.85
N GLN A 796 25.34 -10.20 -15.52
CA GLN A 796 24.49 -9.63 -16.56
C GLN A 796 24.70 -10.25 -17.93
N HIS A 797 25.84 -10.92 -18.16
CA HIS A 797 26.07 -11.56 -19.46
C HIS A 797 25.40 -12.92 -19.54
N THR A 798 25.82 -13.86 -18.69
CA THR A 798 25.35 -15.23 -18.74
C THR A 798 24.23 -15.51 -17.74
N PHE A 799 23.94 -14.58 -16.83
CA PHE A 799 22.89 -14.75 -15.83
C PHE A 799 23.09 -16.02 -15.00
N GLU A 800 24.35 -16.31 -14.69
CA GLU A 800 24.70 -17.42 -13.82
C GLU A 800 24.70 -16.96 -12.37
N VAL A 801 24.10 -17.76 -11.49
CA VAL A 801 24.04 -17.40 -10.07
C VAL A 801 25.45 -17.55 -9.48
N LEU A 802 26.03 -16.45 -9.05
CA LEU A 802 27.42 -16.44 -8.57
C LEU A 802 27.54 -16.55 -7.07
N HIS A 803 26.55 -16.08 -6.32
CA HIS A 803 26.59 -16.21 -4.87
C HIS A 803 25.17 -16.19 -4.32
N ALA A 804 24.84 -17.23 -3.54
CA ALA A 804 23.58 -17.31 -2.83
C ALA A 804 23.87 -17.13 -1.34
N HIS A 805 23.32 -16.08 -0.75
CA HIS A 805 23.58 -15.76 0.64
C HIS A 805 22.41 -16.23 1.50
N GLN A 806 22.70 -17.02 2.53
CA GLN A 806 21.67 -17.63 3.35
C GLN A 806 21.51 -16.83 4.64
N PHE A 807 20.31 -16.32 4.87
CA PHE A 807 20.05 -15.49 6.03
C PHE A 807 19.87 -16.35 7.29
N LEU A 808 19.61 -15.69 8.40
CA LEU A 808 19.37 -16.39 9.66
C LEU A 808 18.03 -17.12 9.60
N GLN A 809 17.88 -18.09 10.50
CA GLN A 809 16.61 -18.82 10.58
C GLN A 809 15.48 -17.88 10.93
N ASN A 810 14.37 -18.01 10.21
CA ASN A 810 13.18 -17.18 10.42
C ASN A 810 13.51 -15.69 10.27
N GLU A 811 14.32 -15.37 9.27
CA GLU A 811 14.70 -13.99 8.97
C GLU A 811 14.11 -13.62 7.61
N TYR A 812 13.38 -12.52 7.57
CA TYR A 812 12.68 -12.09 6.36
C TYR A 812 13.37 -10.87 5.76
N ALA A 813 13.64 -10.91 4.45
CA ALA A 813 14.29 -9.83 3.74
C ALA A 813 13.23 -9.01 3.00
N LEU A 814 13.14 -7.72 3.33
CA LEU A 814 12.06 -6.88 2.85
C LEU A 814 12.49 -5.82 1.84
N SER A 815 13.73 -5.35 1.90
CA SER A 815 14.16 -4.19 1.11
C SER A 815 15.50 -4.46 0.48
N LEU A 816 15.68 -3.95 -0.74
CA LEU A 816 16.91 -4.12 -1.50
C LEU A 816 17.37 -2.78 -2.03
N VAL A 817 18.65 -2.47 -1.85
CA VAL A 817 19.23 -1.23 -2.38
C VAL A 817 20.69 -1.49 -2.73
N SER A 818 21.12 -0.95 -3.86
CA SER A 818 22.51 -0.99 -4.28
C SER A 818 22.95 0.43 -4.56
N CYS A 819 23.97 0.89 -3.83
CA CYS A 819 24.43 2.27 -3.94
C CYS A 819 25.79 2.37 -3.26
N LYS A 820 26.45 3.50 -3.47
CA LYS A 820 27.71 3.82 -2.82
C LYS A 820 27.50 5.04 -1.93
N LEU A 821 27.86 4.90 -0.65
CA LEU A 821 27.46 5.85 0.37
C LEU A 821 28.62 6.75 0.77
N GLY A 822 28.27 7.94 1.23
CA GLY A 822 29.22 8.86 1.85
C GLY A 822 30.46 9.18 1.04
N LYS A 823 31.62 8.77 1.53
CA LYS A 823 32.91 9.13 0.95
C LYS A 823 33.80 7.90 0.81
N ASP A 824 33.27 6.81 0.29
CA ASP A 824 34.03 5.58 0.09
C ASP A 824 34.26 5.30 -1.39
N PRO A 825 35.33 4.56 -1.71
CA PRO A 825 35.62 4.24 -3.12
C PRO A 825 34.93 3.01 -3.66
N ASN A 826 34.23 2.25 -2.83
CA ASN A 826 33.58 1.01 -3.25
C ASN A 826 32.09 1.07 -2.96
N THR A 827 31.31 0.56 -3.90
CA THR A 827 29.86 0.50 -3.74
C THR A 827 29.46 -0.74 -2.94
N TYR A 828 28.22 -0.74 -2.46
CA TYR A 828 27.79 -1.73 -1.49
C TYR A 828 26.46 -2.35 -1.88
N PHE A 829 26.32 -3.62 -1.51
CA PHE A 829 25.06 -4.35 -1.55
C PHE A 829 24.49 -4.34 -0.14
N ILE A 830 23.38 -3.65 0.07
CA ILE A 830 22.82 -3.50 1.41
C ILE A 830 21.39 -4.02 1.37
N VAL A 831 21.10 -4.98 2.24
CA VAL A 831 19.78 -5.58 2.36
C VAL A 831 19.34 -5.43 3.81
N GLY A 832 18.04 -5.22 4.02
CA GLY A 832 17.53 -5.15 5.37
C GLY A 832 16.64 -6.30 5.74
N THR A 833 17.12 -7.18 6.61
CA THR A 833 16.32 -8.30 7.07
C THR A 833 15.30 -7.83 8.11
N ALA A 834 14.31 -8.68 8.38
CA ALA A 834 13.25 -8.36 9.34
C ALA A 834 12.82 -9.66 10.02
N MET A 835 13.39 -9.94 11.19
CA MET A 835 13.09 -11.19 11.89
C MET A 835 11.62 -11.19 12.32
N VAL A 836 10.84 -12.07 11.73
CA VAL A 836 9.42 -12.20 12.02
C VAL A 836 9.18 -13.58 12.65
N TYR A 837 8.37 -13.60 13.71
CA TYR A 837 8.06 -14.83 14.42
C TYR A 837 6.57 -15.09 14.37
N PRO A 838 6.16 -16.37 14.32
CA PRO A 838 4.71 -16.65 14.28
C PRO A 838 3.97 -16.17 15.51
N GLU A 839 4.62 -16.18 16.68
CA GLU A 839 3.99 -15.66 17.88
C GLU A 839 3.92 -14.14 17.86
N GLU A 840 5.02 -13.49 17.47
CA GLU A 840 5.08 -12.02 17.47
C GLU A 840 4.38 -11.50 16.23
N ALA A 841 3.26 -10.81 16.42
CA ALA A 841 2.48 -10.33 15.29
C ALA A 841 3.25 -9.29 14.48
N GLU A 842 3.77 -8.27 15.14
CA GLU A 842 4.60 -7.26 14.48
C GLU A 842 6.05 -7.46 14.88
N PRO A 843 6.96 -7.61 13.92
CA PRO A 843 8.35 -7.93 14.27
C PRO A 843 8.99 -6.81 15.07
N LYS A 844 9.96 -7.19 15.91
CA LYS A 844 10.56 -6.24 16.84
C LYS A 844 12.07 -6.15 16.74
N GLN A 845 12.72 -6.94 15.89
CA GLN A 845 14.17 -6.84 15.74
C GLN A 845 14.53 -7.18 14.30
N GLY A 846 14.65 -6.14 13.47
CA GLY A 846 15.12 -6.29 12.10
C GLY A 846 16.62 -6.35 12.04
N ARG A 847 17.17 -5.89 10.91
CA ARG A 847 18.61 -5.82 10.75
C ARG A 847 18.92 -5.01 9.50
N ILE A 848 20.15 -4.51 9.43
CA ILE A 848 20.73 -3.91 8.24
C ILE A 848 22.13 -4.50 8.07
N VAL A 849 22.38 -5.12 6.94
CA VAL A 849 23.64 -5.84 6.71
C VAL A 849 24.27 -5.32 5.42
N VAL A 850 25.59 -5.14 5.46
CA VAL A 850 26.35 -4.54 4.37
C VAL A 850 27.05 -5.66 3.60
N PHE A 851 26.86 -5.69 2.29
CA PHE A 851 27.62 -6.56 1.40
C PHE A 851 28.32 -5.72 0.34
N GLN A 852 29.47 -6.22 -0.11
CA GLN A 852 30.24 -5.57 -1.17
C GLN A 852 30.83 -6.65 -2.06
N TYR A 853 30.35 -6.73 -3.30
CA TYR A 853 30.91 -7.72 -4.23
C TYR A 853 32.30 -7.27 -4.68
N SER A 854 33.26 -8.19 -4.55
CA SER A 854 34.62 -7.98 -5.03
C SER A 854 35.34 -9.32 -5.02
N ASP A 855 36.09 -9.60 -6.09
CA ASP A 855 36.93 -10.79 -6.19
C ASP A 855 36.11 -12.08 -6.04
N GLY A 856 34.91 -12.08 -6.59
CA GLY A 856 34.11 -13.28 -6.65
C GLY A 856 33.47 -13.72 -5.35
N LYS A 857 33.50 -12.88 -4.31
CA LYS A 857 32.91 -13.24 -3.03
C LYS A 857 32.08 -12.09 -2.50
N LEU A 858 31.02 -12.44 -1.78
CA LEU A 858 30.16 -11.47 -1.08
C LEU A 858 30.47 -11.56 0.40
N GLN A 859 30.89 -10.44 0.99
CA GLN A 859 31.29 -10.41 2.38
C GLN A 859 30.52 -9.32 3.13
N THR A 860 30.42 -9.49 4.44
CA THR A 860 29.77 -8.53 5.31
C THR A 860 30.85 -7.67 5.96
N VAL A 861 31.33 -6.69 5.20
CA VAL A 861 32.35 -5.78 5.71
C VAL A 861 31.79 -4.85 6.77
N ALA A 862 30.47 -4.74 6.88
CA ALA A 862 29.84 -3.94 7.92
C ALA A 862 28.48 -4.55 8.25
N GLU A 863 27.99 -4.23 9.44
CA GLU A 863 26.72 -4.77 9.91
C GLU A 863 26.06 -3.78 10.84
N LYS A 864 24.73 -3.74 10.80
CA LYS A 864 23.94 -2.87 11.66
C LYS A 864 22.83 -3.67 12.32
N GLU A 865 22.61 -3.41 13.61
CA GLU A 865 21.53 -4.02 14.38
C GLU A 865 20.48 -2.98 14.69
N VAL A 866 19.21 -3.32 14.46
CA VAL A 866 18.10 -2.40 14.65
C VAL A 866 17.02 -3.09 15.47
N LYS A 867 16.10 -2.30 16.00
CA LYS A 867 14.99 -2.78 16.81
C LYS A 867 13.69 -2.52 16.04
N GLY A 868 13.31 -3.48 15.21
CA GLY A 868 12.09 -3.37 14.46
C GLY A 868 12.06 -4.23 13.22
N ALA A 869 11.71 -3.63 12.09
CA ALA A 869 11.70 -4.32 10.80
C ALA A 869 11.77 -3.26 9.72
N VAL A 870 12.77 -3.36 8.85
CA VAL A 870 12.99 -2.35 7.83
C VAL A 870 12.13 -2.67 6.60
N TYR A 871 11.55 -1.63 6.00
CA TYR A 871 10.61 -1.81 4.90
C TYR A 871 11.03 -1.15 3.59
N SER A 872 11.81 -0.07 3.63
CA SER A 872 12.23 0.59 2.41
C SER A 872 13.55 1.30 2.65
N MET A 873 14.46 1.20 1.68
CA MET A 873 15.82 1.69 1.81
C MET A 873 16.23 2.38 0.51
N VAL A 874 16.39 3.70 0.57
CA VAL A 874 16.88 4.49 -0.54
C VAL A 874 18.20 5.14 -0.12
N GLU A 875 18.92 5.67 -1.11
CA GLU A 875 20.13 6.44 -0.85
C GLU A 875 19.78 7.92 -0.95
N PHE A 876 19.91 8.64 0.17
CA PHE A 876 19.54 10.05 0.23
C PHE A 876 20.81 10.90 0.12
N ASN A 877 21.32 11.00 -1.11
CA ASN A 877 22.44 11.86 -1.45
C ASN A 877 23.67 11.52 -0.59
N GLY A 878 24.14 10.29 -0.74
CA GLY A 878 25.31 9.83 -0.02
C GLY A 878 25.04 9.21 1.33
N LYS A 879 23.79 9.24 1.80
CA LYS A 879 23.43 8.66 3.08
C LYS A 879 22.19 7.79 2.92
N LEU A 880 22.14 6.71 3.70
CA LEU A 880 21.11 5.69 3.55
C LEU A 880 19.90 6.04 4.41
N LEU A 881 18.72 6.01 3.79
CA LEU A 881 17.47 6.39 4.45
C LEU A 881 16.62 5.13 4.63
N ALA A 882 16.85 4.43 5.73
CA ALA A 882 16.11 3.20 6.04
C ALA A 882 14.91 3.53 6.92
N SER A 883 13.74 3.02 6.54
CA SER A 883 12.52 3.23 7.31
C SER A 883 12.27 1.96 8.12
N ILE A 884 12.51 2.04 9.42
CA ILE A 884 12.38 0.91 10.33
C ILE A 884 10.99 0.97 10.97
N ASN A 885 10.22 -0.10 10.82
CA ASN A 885 8.86 -0.18 11.32
C ASN A 885 8.02 1.01 10.84
N SER A 886 7.85 2.01 11.69
CA SER A 886 7.08 3.20 11.35
C SER A 886 7.84 4.47 11.71
N THR A 887 9.17 4.40 11.69
CA THR A 887 10.03 5.55 11.98
C THR A 887 11.01 5.71 10.81
N VAL A 888 10.69 6.62 9.89
CA VAL A 888 11.58 6.89 8.78
C VAL A 888 12.89 7.47 9.32
N ARG A 889 13.97 6.71 9.18
CA ARG A 889 15.23 7.00 9.84
C ARG A 889 16.30 7.31 8.79
N LEU A 890 17.15 8.28 9.10
CA LEU A 890 18.30 8.59 8.27
C LEU A 890 19.54 7.92 8.83
N TYR A 891 20.65 8.10 8.13
CA TYR A 891 21.94 7.62 8.61
C TYR A 891 23.02 8.49 7.99
N GLU A 892 24.26 8.25 8.40
CA GLU A 892 25.42 8.84 7.76
C GLU A 892 26.51 7.78 7.72
N TRP A 893 26.79 7.27 6.53
CA TRP A 893 27.90 6.35 6.36
C TRP A 893 29.19 7.05 6.81
N THR A 894 29.83 6.50 7.84
CA THR A 894 31.00 7.12 8.44
C THR A 894 32.28 6.56 7.82
N THR A 895 33.42 7.05 8.31
CA THR A 895 34.71 6.58 7.85
C THR A 895 35.14 5.27 8.50
N GLU A 896 34.46 4.85 9.56
CA GLU A 896 34.73 3.58 10.21
C GLU A 896 33.89 2.44 9.64
N LYS A 897 33.09 2.71 8.61
CA LYS A 897 32.23 1.72 7.97
C LYS A 897 31.25 1.13 8.99
N GLU A 898 30.40 1.99 9.52
CA GLU A 898 29.37 1.60 10.47
C GLU A 898 28.27 2.65 10.44
N LEU A 899 27.05 2.24 10.12
CA LEU A 899 25.94 3.18 9.98
C LEU A 899 25.69 3.89 11.30
N ARG A 900 25.55 5.21 11.23
CA ARG A 900 25.26 6.04 12.41
C ARG A 900 24.01 6.85 12.13
N THR A 901 23.03 6.75 13.03
CA THR A 901 21.79 7.50 12.85
C THR A 901 22.05 8.98 13.08
N GLU A 902 21.55 9.80 12.18
CA GLU A 902 21.70 11.25 12.26
C GLU A 902 20.41 11.95 12.65
N CYS A 903 19.33 11.67 11.94
CA CYS A 903 18.03 12.25 12.25
C CYS A 903 16.97 11.17 12.19
N ASN A 904 15.91 11.37 12.96
CA ASN A 904 14.78 10.46 13.00
C ASN A 904 13.50 11.22 12.73
N HIS A 905 12.47 10.47 12.32
CA HIS A 905 11.15 11.06 12.17
C HIS A 905 10.14 9.95 12.43
N TYR A 906 9.31 10.13 13.46
CA TYR A 906 8.33 9.13 13.86
C TYR A 906 7.01 9.43 13.18
N ASN A 907 6.47 8.44 12.48
CA ASN A 907 5.33 8.63 11.59
C ASN A 907 4.03 8.19 12.24
N ASN A 908 2.95 8.89 11.89
CA ASN A 908 1.61 8.44 12.23
C ASN A 908 1.19 7.20 11.44
N ILE A 909 1.99 6.80 10.46
CA ILE A 909 1.70 5.66 9.60
C ILE A 909 2.92 4.75 9.60
N MET A 910 2.83 3.69 8.81
CA MET A 910 3.90 2.69 8.72
C MET A 910 4.68 2.97 7.43
N ALA A 911 5.95 3.34 7.58
CA ALA A 911 6.73 3.78 6.44
C ALA A 911 7.09 2.61 5.54
N LEU A 912 6.20 2.26 4.63
CA LEU A 912 6.34 1.09 3.76
C LEU A 912 7.02 1.40 2.44
N TYR A 913 6.72 2.55 1.83
CA TYR A 913 7.31 2.96 0.56
C TYR A 913 8.16 4.21 0.75
N LEU A 914 9.27 4.27 0.03
CA LEU A 914 10.22 5.38 0.16
C LEU A 914 10.73 5.74 -1.22
N LYS A 915 10.44 6.96 -1.67
CA LYS A 915 10.90 7.46 -2.97
C LYS A 915 11.44 8.87 -2.78
N THR A 916 12.69 9.09 -3.16
CA THR A 916 13.37 10.36 -2.92
C THR A 916 13.89 10.95 -4.22
N LYS A 917 13.82 12.28 -4.33
CA LYS A 917 14.40 13.02 -5.44
C LYS A 917 15.00 14.30 -4.89
N GLY A 918 16.23 14.61 -5.31
CA GLY A 918 16.91 15.78 -4.81
C GLY A 918 17.07 15.74 -3.31
N ASP A 919 16.30 16.56 -2.61
CA ASP A 919 16.26 16.56 -1.15
C ASP A 919 14.83 16.49 -0.66
N PHE A 920 14.03 15.62 -1.29
CA PHE A 920 12.67 15.35 -0.88
C PHE A 920 12.54 13.87 -0.53
N ILE A 921 11.50 13.55 0.24
CA ILE A 921 11.24 12.18 0.69
C ILE A 921 9.76 11.91 0.55
N LEU A 922 9.42 10.76 -0.03
CA LEU A 922 8.04 10.32 -0.19
C LEU A 922 7.83 9.08 0.67
N VAL A 923 6.80 9.11 1.52
CA VAL A 923 6.50 8.02 2.44
C VAL A 923 5.05 7.59 2.23
N GLY A 924 4.83 6.28 2.23
CA GLY A 924 3.50 5.74 2.11
C GLY A 924 3.40 4.39 2.79
N ASP A 925 2.20 4.07 3.26
CA ASP A 925 1.92 2.79 3.89
C ASP A 925 1.06 1.95 2.94
N LEU A 926 0.65 0.77 3.41
CA LEU A 926 -0.11 -0.14 2.58
C LEU A 926 -1.53 0.36 2.31
N MET A 927 -1.99 1.39 3.00
CA MET A 927 -3.35 1.90 2.83
C MET A 927 -3.36 3.35 2.34
N ARG A 928 -2.52 3.65 1.36
CA ARG A 928 -2.58 4.92 0.62
C ARG A 928 -2.51 6.13 1.56
N SER A 929 -1.61 6.07 2.54
CA SER A 929 -1.31 7.23 3.37
C SER A 929 -0.02 7.82 2.82
N VAL A 930 -0.16 8.67 1.82
CA VAL A 930 1.00 9.23 1.13
C VAL A 930 1.53 10.41 1.94
N LEU A 931 2.83 10.37 2.25
CA LEU A 931 3.47 11.39 3.07
C LEU A 931 4.64 12.00 2.30
N LEU A 932 4.81 13.30 2.45
CA LEU A 932 5.90 14.03 1.81
C LEU A 932 6.72 14.75 2.87
N LEU A 933 8.01 14.45 2.92
CA LEU A 933 8.93 15.03 3.89
C LEU A 933 10.03 15.79 3.16
N ALA A 934 10.45 16.91 3.72
CA ALA A 934 11.56 17.69 3.19
C ALA A 934 12.71 17.67 4.18
N TYR A 935 13.89 17.35 3.68
CA TYR A 935 15.10 17.44 4.48
C TYR A 935 15.64 18.87 4.44
N LYS A 936 16.09 19.35 5.60
CA LYS A 936 16.66 20.69 5.73
C LYS A 936 18.07 20.56 6.30
N PRO A 937 19.08 20.43 5.44
CA PRO A 937 20.45 20.31 5.96
C PRO A 937 20.93 21.54 6.70
N MET A 938 20.26 22.68 6.54
CA MET A 938 20.57 23.86 7.33
C MET A 938 20.16 23.70 8.79
N GLU A 939 19.39 22.67 9.12
CA GLU A 939 19.05 22.35 10.50
C GLU A 939 19.46 20.94 10.90
N GLY A 940 19.61 20.02 9.96
CA GLY A 940 19.94 18.65 10.28
C GLY A 940 18.76 17.79 10.69
N ASN A 941 17.54 18.24 10.45
CA ASN A 941 16.34 17.53 10.87
C ASN A 941 15.34 17.48 9.73
N PHE A 942 14.46 16.48 9.77
CA PHE A 942 13.36 16.37 8.83
C PHE A 942 12.27 17.39 9.09
N GLU A 943 11.28 17.37 8.21
CA GLU A 943 10.18 18.32 8.21
C GLU A 943 9.02 17.67 7.47
N GLU A 944 7.90 18.37 7.45
CA GLU A 944 6.73 17.93 6.71
C GLU A 944 6.17 19.11 5.91
N ILE A 945 5.70 18.84 4.69
CA ILE A 945 5.13 19.86 3.82
C ILE A 945 3.64 19.65 3.64
N ALA A 946 3.26 18.50 3.08
CA ALA A 946 1.86 18.15 2.87
C ALA A 946 1.67 16.70 3.26
N ARG A 947 0.43 16.37 3.64
CA ARG A 947 0.14 15.06 4.22
C ARG A 947 -1.27 14.68 3.80
N ASP A 948 -1.38 13.86 2.76
CA ASP A 948 -2.67 13.41 2.24
C ASP A 948 -2.95 12.00 2.74
N PHE A 949 -4.13 11.80 3.31
CA PHE A 949 -4.54 10.52 3.85
C PHE A 949 -5.82 10.06 3.17
N ASN A 950 -5.84 8.80 2.73
CA ASN A 950 -7.03 8.22 2.14
C ASN A 950 -7.03 6.72 2.42
N PRO A 951 -8.16 6.16 2.84
CA PRO A 951 -8.24 4.71 3.07
C PRO A 951 -8.47 3.97 1.77
N ASN A 952 -7.43 3.28 1.29
CA ASN A 952 -7.49 2.44 0.10
C ASN A 952 -6.16 1.71 -0.02
N TRP A 953 -6.21 0.47 -0.49
CA TRP A 953 -4.98 -0.29 -0.62
C TRP A 953 -4.12 0.26 -1.74
N MET A 954 -2.81 0.31 -1.51
CA MET A 954 -1.87 0.88 -2.47
C MET A 954 -0.77 -0.11 -2.75
N SER A 955 -0.50 -0.35 -4.03
CA SER A 955 0.43 -1.38 -4.48
C SER A 955 1.86 -0.87 -4.55
N ALA A 956 2.09 0.22 -5.27
CA ALA A 956 3.40 0.84 -5.31
C ALA A 956 3.25 2.31 -5.68
N VAL A 957 4.27 3.10 -5.35
CA VAL A 957 4.24 4.54 -5.53
C VAL A 957 5.56 4.99 -6.11
N GLU A 958 5.53 6.11 -6.85
CA GLU A 958 6.72 6.67 -7.47
C GLU A 958 6.52 8.16 -7.68
N ILE A 959 7.58 8.93 -7.47
CA ILE A 959 7.53 10.37 -7.65
C ILE A 959 7.83 10.69 -9.11
N LEU A 960 6.98 11.51 -9.71
CA LEU A 960 7.17 11.88 -11.11
C LEU A 960 8.22 12.97 -11.25
N ASP A 961 7.96 14.13 -10.65
CA ASP A 961 8.89 15.25 -10.62
C ASP A 961 8.80 15.89 -9.25
N ASP A 962 9.38 17.09 -9.11
CA ASP A 962 9.42 17.76 -7.82
C ASP A 962 8.02 18.02 -7.26
N ASP A 963 7.00 18.07 -8.11
CA ASP A 963 5.64 18.34 -7.66
C ASP A 963 4.70 17.17 -7.81
N ASN A 964 4.97 16.24 -8.71
CA ASN A 964 4.01 15.18 -9.07
C ASN A 964 4.45 13.84 -8.50
N PHE A 965 3.52 13.15 -7.86
CA PHE A 965 3.74 11.84 -7.25
C PHE A 965 2.71 10.87 -7.79
N LEU A 966 3.16 9.69 -8.21
CA LEU A 966 2.31 8.69 -8.85
C LEU A 966 2.33 7.39 -8.08
N GLY A 967 1.19 6.71 -8.05
CA GLY A 967 1.10 5.42 -7.39
C GLY A 967 0.00 4.57 -8.00
N ALA A 968 0.05 3.28 -7.69
CA ALA A 968 -0.96 2.32 -8.10
C ALA A 968 -1.69 1.82 -6.87
N GLU A 969 -3.01 1.88 -6.90
CA GLU A 969 -3.84 1.62 -5.73
C GLU A 969 -4.76 0.43 -5.99
N ASN A 970 -5.68 0.19 -5.05
CA ASN A 970 -6.57 -0.95 -5.11
C ASN A 970 -7.60 -0.78 -6.23
N ALA A 971 -8.18 -1.91 -6.63
CA ALA A 971 -9.22 -1.97 -7.66
C ALA A 971 -8.66 -1.60 -9.04
N PHE A 972 -7.42 -1.97 -9.29
CA PHE A 972 -6.78 -1.83 -10.60
C PHE A 972 -6.89 -0.39 -11.12
N ASN A 973 -6.26 0.52 -10.40
CA ASN A 973 -6.33 1.93 -10.74
C ASN A 973 -4.96 2.58 -10.61
N LEU A 974 -4.80 3.71 -11.29
CA LEU A 974 -3.60 4.52 -11.22
C LEU A 974 -3.98 5.94 -10.82
N PHE A 975 -3.21 6.53 -9.92
CA PHE A 975 -3.47 7.89 -9.47
C PHE A 975 -2.16 8.66 -9.36
N VAL A 976 -2.26 9.98 -9.53
CA VAL A 976 -1.14 10.88 -9.39
C VAL A 976 -1.49 11.91 -8.33
N CYS A 977 -0.46 12.43 -7.66
CA CYS A 977 -0.62 13.44 -6.64
C CYS A 977 0.31 14.60 -6.94
N GLN A 978 -0.13 15.81 -6.56
CA GLN A 978 0.65 17.02 -6.85
C GLN A 978 0.39 18.05 -5.77
N LYS A 979 1.46 18.65 -5.25
CA LYS A 979 1.35 19.69 -4.24
C LYS A 979 1.52 21.05 -4.91
N ASP A 980 0.55 21.93 -4.72
CA ASP A 980 0.61 23.25 -5.33
C ASP A 980 1.57 24.14 -4.56
N SER A 981 2.47 24.79 -5.28
CA SER A 981 3.42 25.72 -4.67
C SER A 981 2.84 27.11 -4.49
N ALA A 982 1.64 27.38 -5.02
CA ALA A 982 1.00 28.69 -4.91
C ALA A 982 -0.02 28.73 -3.78
N ALA A 983 0.22 27.99 -2.70
CA ALA A 983 -0.70 27.97 -1.58
C ALA A 983 -0.55 29.26 -0.78
N THR A 984 -1.55 30.14 -0.85
CA THR A 984 -1.51 31.39 -0.10
C THR A 984 -1.61 31.16 1.40
N THR A 985 -2.17 30.04 1.83
CA THR A 985 -2.27 29.69 3.24
C THR A 985 -1.64 28.32 3.45
N ASP A 986 -0.91 28.17 4.56
CA ASP A 986 -0.18 26.92 4.81
C ASP A 986 -1.11 25.73 4.98
N GLU A 987 -2.41 25.96 5.25
CA GLU A 987 -3.35 24.84 5.30
C GLU A 987 -3.45 24.15 3.95
N GLU A 988 -3.45 24.93 2.86
CA GLU A 988 -3.43 24.33 1.53
C GLU A 988 -2.06 23.77 1.19
N ARG A 989 -0.99 24.39 1.70
CA ARG A 989 0.36 23.85 1.49
C ARG A 989 0.56 22.53 2.22
N GLN A 990 -0.30 22.22 3.19
CA GLN A 990 -0.23 20.95 3.92
C GLN A 990 -1.14 19.88 3.30
N HIS A 991 -1.39 19.95 1.99
CA HIS A 991 -2.28 19.03 1.33
C HIS A 991 -1.70 18.64 -0.03
N LEU A 992 -1.78 17.35 -0.35
CA LEU A 992 -1.35 16.84 -1.65
C LEU A 992 -2.58 16.70 -2.54
N GLN A 993 -2.69 17.57 -3.53
CA GLN A 993 -3.82 17.50 -4.45
C GLN A 993 -3.70 16.26 -5.33
N GLU A 994 -4.86 15.76 -5.76
CA GLU A 994 -4.93 14.64 -6.68
C GLU A 994 -5.54 15.12 -7.99
N VAL A 995 -4.90 14.77 -9.11
CA VAL A 995 -5.40 15.11 -10.43
C VAL A 995 -5.39 13.93 -11.39
N GLY A 996 -4.87 12.77 -10.95
CA GLY A 996 -4.79 11.62 -11.83
C GLY A 996 -5.73 10.51 -11.45
N LEU A 997 -6.65 10.17 -12.35
CA LEU A 997 -7.54 9.03 -12.17
C LEU A 997 -7.47 8.19 -13.44
N PHE A 998 -7.33 6.87 -13.26
CA PHE A 998 -7.17 5.97 -14.40
C PHE A 998 -7.35 4.53 -13.98
N HIS A 999 -8.19 3.77 -14.69
CA HIS A 999 -8.29 2.33 -14.45
C HIS A 999 -7.29 1.65 -15.38
N LEU A 1000 -6.11 1.36 -14.83
CA LEU A 1000 -5.08 0.68 -15.62
C LEU A 1000 -5.53 -0.71 -16.03
N GLY A 1001 -6.45 -1.30 -15.27
CA GLY A 1001 -6.86 -2.67 -15.53
C GLY A 1001 -5.87 -3.71 -15.08
N GLU A 1002 -4.88 -3.32 -14.27
CA GLU A 1002 -3.82 -4.21 -13.86
C GLU A 1002 -3.46 -3.90 -12.40
N PHE A 1003 -2.44 -4.59 -11.89
CA PHE A 1003 -2.03 -4.46 -10.49
C PHE A 1003 -0.51 -4.32 -10.44
N VAL A 1004 -0.04 -3.08 -10.43
CA VAL A 1004 1.40 -2.82 -10.46
C VAL A 1004 2.06 -3.32 -9.19
N ASN A 1005 3.29 -3.82 -9.33
CA ASN A 1005 4.13 -4.12 -8.18
C ASN A 1005 5.33 -3.20 -8.04
N VAL A 1006 5.79 -2.59 -9.13
CA VAL A 1006 7.05 -1.83 -9.10
C VAL A 1006 6.98 -0.75 -10.18
N PHE A 1007 7.61 0.38 -9.88
CA PHE A 1007 7.85 1.44 -10.84
C PHE A 1007 9.35 1.61 -11.04
N CYS A 1008 9.74 2.01 -12.25
CA CYS A 1008 11.16 2.19 -12.54
C CYS A 1008 11.31 3.29 -13.59
N HIS A 1009 12.39 4.05 -13.46
CA HIS A 1009 12.65 5.20 -14.32
C HIS A 1009 13.59 4.78 -15.44
N GLY A 1010 13.15 4.96 -16.67
CA GLY A 1010 13.95 4.60 -17.82
C GLY A 1010 13.06 4.37 -19.03
N SER A 1011 13.72 4.06 -20.14
CA SER A 1011 13.02 3.76 -21.39
C SER A 1011 13.78 2.68 -22.14
N LEU A 1012 13.07 2.02 -23.06
CA LEU A 1012 13.62 0.91 -23.82
C LEU A 1012 14.00 1.31 -25.25
N VAL A 1013 14.04 2.60 -25.55
CA VAL A 1013 14.41 3.10 -26.85
C VAL A 1013 15.80 3.72 -26.79
N MET A 1014 16.34 4.05 -27.95
CA MET A 1014 17.58 4.81 -28.02
C MET A 1014 17.29 6.26 -27.67
N GLN A 1015 17.94 6.76 -26.61
CA GLN A 1015 17.66 8.11 -26.11
C GLN A 1015 18.11 9.12 -27.16
N ASN A 1016 17.16 9.77 -27.81
CA ASN A 1016 17.42 10.70 -28.90
C ASN A 1016 17.02 12.11 -28.47
N LEU A 1017 17.88 13.08 -28.76
CA LEU A 1017 17.58 14.47 -28.44
C LEU A 1017 16.45 15.00 -29.31
N GLY A 1018 16.55 14.79 -30.61
CA GLY A 1018 15.57 15.33 -31.54
C GLY A 1018 15.69 16.82 -31.80
N GLU A 1019 16.78 17.45 -31.35
CA GLU A 1019 17.03 18.88 -31.54
C GLU A 1019 15.95 19.72 -30.87
N THR A 1020 14.71 19.62 -31.35
CA THR A 1020 13.57 20.35 -30.81
C THR A 1020 12.96 19.66 -29.60
N SER A 1021 13.72 18.81 -28.92
CA SER A 1021 13.26 18.03 -27.77
C SER A 1021 12.15 17.08 -28.18
N THR A 1022 11.43 16.54 -27.21
CA THR A 1022 10.39 15.55 -27.44
C THR A 1022 9.11 15.97 -26.73
N PRO A 1023 7.96 15.52 -27.22
CA PRO A 1023 6.71 15.80 -26.49
C PRO A 1023 6.70 15.29 -25.07
N THR A 1024 7.26 14.11 -24.84
CA THR A 1024 7.25 13.49 -23.53
C THR A 1024 8.40 14.00 -22.67
N GLN A 1025 8.17 14.06 -21.36
CA GLN A 1025 9.19 14.38 -20.38
C GLN A 1025 9.26 13.26 -19.35
N GLY A 1026 10.48 12.83 -19.02
CA GLY A 1026 10.66 11.74 -18.10
C GLY A 1026 10.30 10.41 -18.73
N SER A 1027 10.62 9.30 -18.05
CA SER A 1027 10.26 7.98 -18.57
C SER A 1027 10.22 7.00 -17.40
N VAL A 1028 9.02 6.60 -16.98
CA VAL A 1028 8.83 5.67 -15.89
C VAL A 1028 8.04 4.47 -16.38
N LEU A 1029 8.48 3.28 -15.97
CA LEU A 1029 7.92 2.01 -16.41
C LEU A 1029 7.40 1.25 -15.21
N PHE A 1030 6.30 0.52 -15.39
CA PHE A 1030 5.70 -0.25 -14.31
C PHE A 1030 5.43 -1.68 -14.73
N GLY A 1031 5.79 -2.63 -13.87
CA GLY A 1031 5.47 -4.02 -14.07
C GLY A 1031 4.11 -4.39 -13.50
N THR A 1032 3.77 -5.67 -13.57
CA THR A 1032 2.47 -6.12 -13.12
C THR A 1032 2.52 -7.61 -12.79
N VAL A 1033 1.47 -8.08 -12.13
CA VAL A 1033 1.34 -9.49 -11.79
C VAL A 1033 1.06 -10.34 -13.03
N ASN A 1034 0.61 -9.73 -14.13
CA ASN A 1034 0.44 -10.43 -15.39
C ASN A 1034 1.59 -10.19 -16.36
N GLY A 1035 2.25 -9.05 -16.25
CA GLY A 1035 3.35 -8.72 -17.13
C GLY A 1035 3.10 -7.54 -18.05
N MET A 1036 2.05 -6.77 -17.83
CA MET A 1036 1.72 -5.65 -18.71
C MET A 1036 2.69 -4.52 -18.38
N ILE A 1037 3.90 -4.61 -18.96
CA ILE A 1037 4.87 -3.55 -18.80
C ILE A 1037 4.42 -2.35 -19.63
N GLY A 1038 4.33 -1.19 -18.98
CA GLY A 1038 3.84 -0.02 -19.66
C GLY A 1038 4.75 1.17 -19.52
N LEU A 1039 4.22 2.36 -19.81
CA LEU A 1039 5.00 3.58 -19.75
C LEU A 1039 4.06 4.76 -19.60
N VAL A 1040 4.32 5.61 -18.62
CA VAL A 1040 3.61 6.87 -18.47
C VAL A 1040 4.65 7.99 -18.40
N THR A 1041 4.49 8.99 -19.26
CA THR A 1041 5.44 10.08 -19.39
C THR A 1041 4.66 11.39 -19.45
N SER A 1042 5.11 12.37 -18.68
CA SER A 1042 4.38 13.63 -18.60
C SER A 1042 4.35 14.34 -19.95
N LEU A 1043 3.36 15.18 -20.13
CA LEU A 1043 3.14 15.91 -21.38
C LEU A 1043 2.93 17.39 -21.10
N SER A 1044 3.01 18.18 -22.15
CA SER A 1044 2.70 19.60 -22.06
C SER A 1044 1.19 19.80 -21.91
N GLU A 1045 0.81 21.02 -21.55
CA GLU A 1045 -0.61 21.35 -21.45
C GLU A 1045 -1.29 21.26 -22.82
N SER A 1046 -0.64 21.79 -23.86
CA SER A 1046 -1.25 21.80 -25.18
C SER A 1046 -1.12 20.46 -25.88
N TRP A 1047 -0.04 19.71 -25.61
CA TRP A 1047 0.05 18.34 -26.12
C TRP A 1047 -1.09 17.49 -25.56
N TYR A 1048 -1.27 17.54 -24.24
CA TYR A 1048 -2.35 16.78 -23.61
C TYR A 1048 -3.72 17.29 -24.04
N ASN A 1049 -3.83 18.59 -24.34
CA ASN A 1049 -5.11 19.13 -24.81
C ASN A 1049 -5.45 18.63 -26.20
N LEU A 1050 -4.45 18.46 -27.06
CA LEU A 1050 -4.70 17.91 -28.39
C LEU A 1050 -5.06 16.43 -28.32
N LEU A 1051 -4.23 15.64 -27.62
CA LEU A 1051 -4.46 14.20 -27.55
C LEU A 1051 -5.80 13.89 -26.91
N LEU A 1052 -6.13 14.56 -25.81
CA LEU A 1052 -7.42 14.32 -25.16
C LEU A 1052 -8.58 14.67 -26.08
N ASP A 1053 -8.48 15.77 -26.81
CA ASP A 1053 -9.58 16.19 -27.68
C ASP A 1053 -9.72 15.33 -28.92
N MET A 1054 -8.74 14.47 -29.22
CA MET A 1054 -8.83 13.55 -30.34
C MET A 1054 -9.01 12.11 -29.89
N GLN A 1055 -8.58 11.76 -28.68
CA GLN A 1055 -8.92 10.46 -28.10
C GLN A 1055 -10.44 10.34 -27.94
N ASN A 1056 -11.09 11.42 -27.50
CA ASN A 1056 -12.54 11.45 -27.49
C ASN A 1056 -13.11 11.34 -28.90
N ARG A 1057 -12.36 11.81 -29.90
CA ARG A 1057 -12.78 11.72 -31.29
C ARG A 1057 -12.47 10.37 -31.92
N LEU A 1058 -11.53 9.62 -31.35
CA LEU A 1058 -11.29 8.25 -31.80
C LEU A 1058 -12.51 7.37 -31.54
N ASN A 1059 -13.01 7.38 -30.31
CA ASN A 1059 -14.02 6.44 -29.87
C ASN A 1059 -15.35 6.57 -30.60
N LYS A 1060 -15.57 7.68 -31.30
CA LYS A 1060 -16.80 7.82 -32.06
C LYS A 1060 -16.77 7.07 -33.39
N VAL A 1061 -15.66 6.44 -33.73
CA VAL A 1061 -15.58 5.69 -34.99
C VAL A 1061 -15.12 4.26 -34.73
N ILE A 1062 -14.02 4.10 -34.00
CA ILE A 1062 -13.48 2.76 -33.76
C ILE A 1062 -14.35 2.05 -32.73
N LYS A 1063 -14.77 0.83 -33.08
CA LYS A 1063 -15.70 0.05 -32.26
C LYS A 1063 -14.96 -1.09 -31.57
N SER A 1064 -15.46 -1.46 -30.39
CA SER A 1064 -14.81 -2.45 -29.55
C SER A 1064 -15.57 -3.77 -29.57
N VAL A 1065 -14.96 -4.78 -28.96
CA VAL A 1065 -15.55 -6.10 -28.84
C VAL A 1065 -16.47 -6.10 -27.62
N GLY A 1066 -17.78 -6.07 -27.87
CA GLY A 1066 -18.77 -5.99 -26.83
C GLY A 1066 -19.45 -4.65 -26.71
N LYS A 1067 -19.10 -3.68 -27.56
CA LYS A 1067 -19.62 -2.32 -27.49
C LYS A 1067 -19.37 -1.69 -26.13
N ILE A 1068 -18.25 -2.04 -25.50
CA ILE A 1068 -17.85 -1.44 -24.23
C ILE A 1068 -17.16 -0.11 -24.52
N GLU A 1069 -17.69 0.97 -23.96
CA GLU A 1069 -17.11 2.28 -24.20
C GLU A 1069 -15.77 2.41 -23.48
N HIS A 1070 -14.95 3.33 -23.97
CA HIS A 1070 -13.66 3.58 -23.33
C HIS A 1070 -13.81 4.41 -22.06
N SER A 1071 -14.81 5.30 -22.01
CA SER A 1071 -15.05 6.08 -20.80
C SER A 1071 -15.32 5.16 -19.61
N PHE A 1072 -16.21 4.18 -19.80
CA PHE A 1072 -16.53 3.24 -18.73
C PHE A 1072 -15.32 2.39 -18.37
N TRP A 1073 -14.57 1.94 -19.38
CA TRP A 1073 -13.47 1.01 -19.14
C TRP A 1073 -12.38 1.66 -18.31
N ARG A 1074 -12.01 2.89 -18.62
CA ARG A 1074 -10.88 3.56 -17.99
C ARG A 1074 -11.23 4.30 -16.70
N SER A 1075 -12.51 4.43 -16.38
CA SER A 1075 -12.93 5.25 -15.26
C SER A 1075 -12.40 4.71 -13.94
N PHE A 1076 -12.19 5.62 -13.00
CA PHE A 1076 -11.73 5.25 -11.66
C PHE A 1076 -12.65 4.24 -11.03
N HIS A 1077 -12.08 3.18 -10.46
CA HIS A 1077 -12.85 2.11 -9.84
C HIS A 1077 -12.50 2.02 -8.36
N THR A 1078 -13.50 2.18 -7.51
CA THR A 1078 -13.43 1.83 -6.11
C THR A 1078 -14.69 1.05 -5.76
N GLU A 1079 -14.61 0.26 -4.68
CA GLU A 1079 -15.76 -0.52 -4.25
C GLU A 1079 -16.96 0.35 -3.89
N ARG A 1080 -16.73 1.64 -3.64
CA ARG A 1080 -17.79 2.55 -3.20
C ARG A 1080 -18.09 3.69 -4.16
N LYS A 1081 -17.18 4.01 -5.08
CA LYS A 1081 -17.38 5.18 -5.92
C LYS A 1081 -16.65 5.00 -7.25
N THR A 1082 -17.23 5.56 -8.32
CA THR A 1082 -16.65 5.57 -9.65
C THR A 1082 -16.56 7.00 -10.15
N GLU A 1083 -15.43 7.35 -10.76
CA GLU A 1083 -15.19 8.69 -11.25
C GLU A 1083 -14.48 8.63 -12.60
N PRO A 1084 -14.82 9.52 -13.53
CA PRO A 1084 -14.17 9.51 -14.84
C PRO A 1084 -12.67 9.75 -14.72
N ALA A 1085 -11.92 9.15 -15.64
CA ALA A 1085 -10.47 9.26 -15.67
C ALA A 1085 -10.07 10.64 -16.18
N THR A 1086 -9.29 11.38 -15.40
CA THR A 1086 -8.84 12.71 -15.75
C THR A 1086 -7.34 12.82 -15.51
N GLY A 1087 -6.67 13.60 -16.35
CA GLY A 1087 -5.24 13.78 -16.23
C GLY A 1087 -4.41 12.62 -16.72
N PHE A 1088 -4.96 11.77 -17.59
CA PHE A 1088 -4.23 10.65 -18.14
C PHE A 1088 -4.61 10.50 -19.61
N ILE A 1089 -3.68 9.97 -20.40
CA ILE A 1089 -3.88 9.74 -21.83
C ILE A 1089 -3.55 8.29 -22.12
N ASP A 1090 -4.44 7.60 -22.83
CA ASP A 1090 -4.27 6.19 -23.17
C ASP A 1090 -3.48 6.11 -24.46
N GLY A 1091 -2.27 5.54 -24.39
CA GLY A 1091 -1.43 5.42 -25.57
C GLY A 1091 -1.81 4.26 -26.46
N ASP A 1092 -2.34 3.18 -25.88
CA ASP A 1092 -2.72 2.03 -26.68
C ASP A 1092 -3.89 2.37 -27.59
N LEU A 1093 -4.85 3.14 -27.09
CA LEU A 1093 -5.92 3.63 -27.94
C LEU A 1093 -5.40 4.64 -28.96
N ILE A 1094 -4.45 5.48 -28.55
CA ILE A 1094 -3.95 6.52 -29.42
C ILE A 1094 -3.12 5.92 -30.55
N GLU A 1095 -2.29 4.91 -30.22
CA GLU A 1095 -1.53 4.23 -31.26
C GLU A 1095 -2.42 3.48 -32.24
N SER A 1096 -3.59 3.02 -31.78
CA SER A 1096 -4.53 2.33 -32.66
C SER A 1096 -5.18 3.26 -33.68
N PHE A 1097 -4.88 4.56 -33.63
CA PHE A 1097 -5.38 5.48 -34.64
C PHE A 1097 -4.70 5.26 -35.98
N LEU A 1098 -3.45 4.77 -35.98
CA LEU A 1098 -2.74 4.54 -37.23
C LEU A 1098 -3.44 3.46 -38.07
N ASP A 1099 -3.76 2.33 -37.46
CA ASP A 1099 -4.31 1.19 -38.19
C ASP A 1099 -5.72 1.43 -38.69
N ILE A 1100 -6.37 2.51 -38.28
CA ILE A 1100 -7.70 2.81 -38.77
C ILE A 1100 -7.64 3.08 -40.28
N SER A 1101 -8.78 2.92 -40.95
CA SER A 1101 -8.81 3.05 -42.40
C SER A 1101 -8.81 4.52 -42.82
N ARG A 1102 -8.43 4.75 -44.08
CA ARG A 1102 -8.27 6.11 -44.58
C ARG A 1102 -9.56 6.94 -44.53
N PRO A 1103 -10.71 6.48 -45.04
CA PRO A 1103 -11.91 7.35 -44.98
C PRO A 1103 -12.38 7.63 -43.57
N LYS A 1104 -12.02 6.79 -42.60
CA LYS A 1104 -12.34 7.10 -41.21
C LYS A 1104 -11.44 8.20 -40.65
N MET A 1105 -10.20 8.30 -41.12
CA MET A 1105 -9.33 9.39 -40.72
C MET A 1105 -9.88 10.74 -41.17
N GLN A 1106 -10.76 10.76 -42.16
CA GLN A 1106 -11.42 12.01 -42.54
C GLN A 1106 -12.49 12.40 -41.52
N GLU A 1107 -13.16 11.42 -40.93
CA GLU A 1107 -14.17 11.73 -39.92
C GLU A 1107 -13.55 12.02 -38.56
N VAL A 1108 -12.34 11.51 -38.31
CA VAL A 1108 -11.68 11.77 -37.02
C VAL A 1108 -11.40 13.25 -36.85
N VAL A 1109 -10.83 13.88 -37.88
CA VAL A 1109 -10.42 15.28 -37.82
C VAL A 1109 -11.31 16.08 -38.78
N ALA A 1110 -12.12 16.97 -38.21
CA ALA A 1110 -12.90 17.91 -39.00
C ALA A 1110 -12.86 19.34 -38.47
N ASN A 1111 -12.62 19.56 -37.18
CA ASN A 1111 -12.49 20.89 -36.60
C ASN A 1111 -11.38 20.92 -35.56
N LEU A 1112 -10.31 20.14 -35.77
CA LEU A 1112 -9.35 19.89 -34.71
C LEU A 1112 -8.57 21.14 -34.32
N GLN A 1113 -8.16 21.96 -35.30
CA GLN A 1113 -7.30 23.12 -35.06
C GLN A 1113 -5.98 22.68 -34.40
N TYR A 1114 -5.22 21.91 -35.18
CA TYR A 1114 -4.02 21.28 -34.65
C TYR A 1114 -2.86 22.26 -34.49
N ASP A 1115 -2.46 22.90 -35.58
CA ASP A 1115 -1.24 23.69 -35.57
C ASP A 1115 -1.32 24.85 -34.59
N ASP A 1116 -0.22 25.08 -33.87
CA ASP A 1116 -0.10 26.22 -32.98
C ASP A 1116 1.03 27.16 -33.39
N GLY A 1117 1.76 26.85 -34.46
CA GLY A 1117 2.88 27.65 -34.90
C GLY A 1117 2.47 28.83 -35.77
N SER A 1118 1.96 29.89 -35.14
CA SER A 1118 1.53 31.10 -35.82
C SER A 1118 0.44 30.80 -36.86
N GLY A 1119 -0.69 30.31 -36.35
CA GLY A 1119 -1.80 29.94 -37.19
C GLY A 1119 -2.41 28.62 -36.78
N MET A 1120 -3.72 28.60 -36.53
CA MET A 1120 -4.36 27.39 -36.05
C MET A 1120 -4.34 26.29 -37.11
N LYS A 1121 -4.56 26.65 -38.38
CA LYS A 1121 -4.65 25.69 -39.47
C LYS A 1121 -5.68 24.60 -39.14
N ARG A 1122 -6.94 25.04 -39.04
CA ARG A 1122 -8.02 24.18 -38.59
C ARG A 1122 -8.20 22.94 -39.46
N GLU A 1123 -7.78 22.99 -40.73
CA GLU A 1123 -7.92 21.83 -41.61
C GLU A 1123 -7.13 20.64 -41.09
N ALA A 1124 -5.84 20.86 -40.83
CA ALA A 1124 -4.91 19.87 -40.29
C ALA A 1124 -4.87 18.58 -41.10
N THR A 1125 -5.35 18.60 -42.35
CA THR A 1125 -5.32 17.47 -43.26
C THR A 1125 -5.64 16.15 -42.56
N ALA A 1126 -4.82 15.13 -42.83
CA ALA A 1126 -4.89 13.88 -42.08
C ALA A 1126 -3.51 13.47 -41.63
N ASP A 1127 -2.48 13.85 -42.39
CA ASP A 1127 -1.11 13.46 -42.08
C ASP A 1127 -0.56 14.21 -40.87
N ASP A 1128 -1.19 15.33 -40.49
CA ASP A 1128 -0.72 16.05 -39.31
C ASP A 1128 -0.86 15.20 -38.05
N LEU A 1129 -1.98 14.48 -37.93
CA LEU A 1129 -2.10 13.52 -36.84
C LEU A 1129 -1.06 12.40 -36.97
N ILE A 1130 -0.87 11.89 -38.18
CA ILE A 1130 0.17 10.89 -38.39
C ILE A 1130 1.55 11.48 -38.15
N LYS A 1131 1.70 12.80 -38.23
CA LYS A 1131 2.96 13.42 -37.86
C LYS A 1131 3.20 13.32 -36.35
N VAL A 1132 2.15 13.52 -35.56
CA VAL A 1132 2.30 13.49 -34.10
C VAL A 1132 2.13 12.08 -33.55
N VAL A 1133 1.11 11.35 -34.02
CA VAL A 1133 0.82 10.04 -33.46
C VAL A 1133 1.98 9.08 -33.74
N GLU A 1134 2.55 9.12 -34.94
CA GLU A 1134 3.72 8.30 -35.23
C GLU A 1134 4.91 8.71 -34.35
N GLU A 1135 5.07 10.02 -34.14
CA GLU A 1135 6.12 10.50 -33.24
C GLU A 1135 5.98 9.90 -31.85
N LEU A 1136 4.73 9.76 -31.38
CA LEU A 1136 4.48 9.21 -30.05
C LEU A 1136 4.92 7.75 -29.96
N THR A 1137 4.69 6.98 -31.03
CA THR A 1137 4.95 5.54 -30.99
C THR A 1137 6.44 5.23 -30.86
N ARG A 1138 7.29 6.24 -31.02
CA ARG A 1138 8.73 6.05 -30.95
C ARG A 1138 9.28 6.06 -29.53
N ILE A 1139 8.43 6.34 -28.52
CA ILE A 1139 8.94 6.37 -27.16
C ILE A 1139 9.12 4.96 -26.61
N HIS A 1140 8.46 3.97 -27.21
CA HIS A 1140 8.67 2.59 -26.82
C HIS A 1140 8.90 1.73 -28.06
N ARG B 25 -18.82 21.97 38.14
CA ARG B 25 -18.28 21.67 36.82
C ARG B 25 -16.87 21.06 36.92
N PRO B 26 -16.74 19.79 36.53
CA PRO B 26 -15.43 19.13 36.61
C PRO B 26 -14.36 19.74 35.74
N ASP B 27 -14.72 20.57 34.75
CA ASP B 27 -13.72 21.15 33.86
C ASP B 27 -12.71 21.98 34.64
N MET B 28 -13.17 22.81 35.56
CA MET B 28 -12.28 23.49 36.48
C MET B 28 -12.05 22.73 37.78
N GLY B 29 -12.79 21.64 38.01
CA GLY B 29 -12.61 20.81 39.17
C GLY B 29 -12.84 21.53 40.49
N TYR B 30 -11.77 21.71 41.27
CA TYR B 30 -11.84 22.34 42.58
C TYR B 30 -12.10 23.84 42.51
N ASN B 31 -12.34 24.41 41.33
CA ASN B 31 -12.30 25.85 41.12
C ASN B 31 -13.68 26.45 40.86
N THR B 32 -14.71 25.98 41.54
CA THR B 32 -16.03 26.57 41.40
C THR B 32 -16.86 26.29 42.66
N LEU B 33 -17.83 27.16 42.89
CA LEU B 33 -18.73 27.00 44.03
C LEU B 33 -19.79 25.93 43.78
N ALA B 34 -20.24 25.79 42.54
CA ALA B 34 -21.29 24.81 42.22
C ALA B 34 -20.84 23.39 42.49
N ASN B 35 -19.54 23.11 42.43
CA ASN B 35 -19.03 21.78 42.75
C ASN B 35 -19.07 21.48 44.24
N PHE B 36 -19.07 22.51 45.09
CA PHE B 36 -18.96 22.34 46.53
C PHE B 36 -20.33 22.40 47.19
N ARG B 37 -20.48 21.63 48.27
CA ARG B 37 -21.70 21.61 49.08
C ARG B 37 -21.35 22.07 50.49
N ILE B 38 -21.87 23.23 50.88
CA ILE B 38 -21.58 23.80 52.19
C ILE B 38 -22.40 23.05 53.24
N GLU B 39 -21.76 22.68 54.34
CA GLU B 39 -22.41 21.97 55.43
C GLU B 39 -22.72 22.89 56.60
N LYS B 40 -21.71 23.56 57.15
CA LYS B 40 -21.89 24.43 58.30
C LYS B 40 -20.75 25.46 58.30
N LYS B 41 -20.72 26.27 59.36
CA LYS B 41 -19.69 27.28 59.55
C LYS B 41 -18.84 26.91 60.76
N ILE B 42 -17.52 26.92 60.57
CA ILE B 42 -16.58 26.56 61.64
C ILE B 42 -15.72 27.73 62.08
N GLY B 43 -15.68 28.83 61.32
CA GLY B 43 -14.87 29.97 61.70
C GLY B 43 -15.49 31.25 61.20
N ARG B 44 -15.21 32.34 61.91
CA ARG B 44 -15.72 33.66 61.54
C ARG B 44 -14.74 34.71 62.06
N GLY B 45 -13.88 35.20 61.16
CA GLY B 45 -12.96 36.26 61.50
C GLY B 45 -13.54 37.63 61.25
N GLN B 46 -12.71 38.65 61.46
CA GLN B 46 -13.15 40.02 61.23
C GLN B 46 -13.50 40.25 59.76
N PHE B 47 -12.70 39.71 58.84
CA PHE B 47 -12.93 39.87 57.42
C PHE B 47 -13.28 38.59 56.69
N SER B 48 -12.78 37.44 57.14
CA SER B 48 -12.99 36.18 56.43
C SER B 48 -13.73 35.20 57.33
N GLU B 49 -14.41 34.25 56.69
CA GLU B 49 -15.15 33.20 57.39
C GLU B 49 -14.64 31.85 56.95
N VAL B 50 -14.52 30.93 57.90
CA VAL B 50 -13.97 29.59 57.67
C VAL B 50 -15.11 28.59 57.77
N TYR B 51 -15.20 27.71 56.78
CA TYR B 51 -16.23 26.68 56.74
C TYR B 51 -15.58 25.32 56.50
N ARG B 52 -16.28 24.27 56.92
CA ARG B 52 -15.95 22.90 56.56
C ARG B 52 -17.05 22.37 55.64
N ALA B 53 -16.65 21.72 54.56
CA ALA B 53 -17.60 21.31 53.53
C ALA B 53 -16.95 20.22 52.69
N ALA B 54 -17.60 19.88 51.58
CA ALA B 54 -17.10 18.86 50.67
C ALA B 54 -17.49 19.26 49.24
N CYS B 55 -17.07 18.45 48.28
CA CYS B 55 -17.33 18.70 46.87
C CYS B 55 -18.02 17.49 46.28
N LEU B 56 -19.10 17.71 45.52
CA LEU B 56 -19.81 16.60 44.92
C LEU B 56 -19.12 16.15 43.63
N LEU B 57 -17.81 15.99 43.70
CA LEU B 57 -17.04 15.31 42.66
C LEU B 57 -16.13 14.29 43.32
N ASP B 58 -15.69 14.60 44.54
CA ASP B 58 -14.87 13.70 45.34
C ASP B 58 -15.28 13.61 46.81
N GLY B 59 -15.94 14.61 47.37
CA GLY B 59 -16.34 14.54 48.76
C GLY B 59 -15.23 14.78 49.75
N VAL B 60 -14.07 15.23 49.31
CA VAL B 60 -12.94 15.41 50.23
C VAL B 60 -13.25 16.57 51.18
N PRO B 61 -13.14 16.38 52.49
CA PRO B 61 -13.28 17.50 53.42
C PRO B 61 -12.22 18.56 53.14
N VAL B 62 -12.63 19.82 53.25
CA VAL B 62 -11.80 20.96 52.88
C VAL B 62 -12.06 22.10 53.85
N ALA B 63 -11.33 23.19 53.67
CA ALA B 63 -11.49 24.40 54.48
C ALA B 63 -11.73 25.56 53.54
N LEU B 64 -12.99 25.98 53.43
CA LEU B 64 -13.37 27.10 52.56
C LEU B 64 -13.22 28.41 53.33
N LYS B 65 -12.46 29.33 52.77
CA LYS B 65 -12.18 30.63 53.39
C LYS B 65 -12.72 31.72 52.47
N LYS B 66 -13.85 32.31 52.84
CA LYS B 66 -14.51 33.33 52.03
C LYS B 66 -14.26 34.70 52.62
N VAL B 67 -13.79 35.63 51.78
CA VAL B 67 -13.55 37.01 52.18
C VAL B 67 -14.12 37.92 51.11
N GLN B 68 -14.44 39.16 51.51
CA GLN B 68 -15.03 40.15 50.60
C GLN B 68 -13.99 41.24 50.36
N ILE B 69 -13.15 41.02 49.34
CA ILE B 69 -12.08 41.95 49.03
C ILE B 69 -12.63 43.26 48.47
N PHE B 70 -13.79 43.21 47.82
CA PHE B 70 -14.33 44.42 47.19
C PHE B 70 -14.68 45.49 48.20
N ASP B 71 -14.96 45.12 49.45
CA ASP B 71 -15.39 46.06 50.47
C ASP B 71 -14.32 46.36 51.51
N LEU B 72 -13.14 45.75 51.41
CA LEU B 72 -12.15 45.92 52.47
C LEU B 72 -10.80 46.43 51.99
N MET B 73 -10.33 45.99 50.83
CA MET B 73 -9.01 46.35 50.34
C MET B 73 -9.11 46.98 48.96
N ASP B 74 -8.22 47.92 48.69
CA ASP B 74 -8.18 48.60 47.40
C ASP B 74 -7.60 47.68 46.33
N ALA B 75 -7.50 48.20 45.11
CA ALA B 75 -7.01 47.39 43.99
C ALA B 75 -5.56 47.00 44.18
N LYS B 76 -4.74 47.92 44.68
CA LYS B 76 -3.31 47.63 44.85
C LYS B 76 -3.09 46.51 45.85
N ALA B 77 -3.84 46.50 46.95
CA ALA B 77 -3.64 45.50 47.98
C ALA B 77 -3.98 44.09 47.49
N ARG B 78 -4.83 43.98 46.47
CA ARG B 78 -5.19 42.66 45.96
C ARG B 78 -4.05 42.01 45.20
N ALA B 79 -3.23 42.80 44.49
CA ALA B 79 -2.12 42.24 43.74
C ALA B 79 -1.13 41.54 44.64
N ASP B 80 -0.77 42.18 45.76
CA ASP B 80 0.15 41.55 46.71
C ASP B 80 -0.47 40.31 47.35
N CYS B 81 -1.77 40.38 47.67
CA CYS B 81 -2.43 39.22 48.25
C CYS B 81 -2.48 38.05 47.27
N ILE B 82 -2.79 38.33 46.00
CA ILE B 82 -2.80 37.28 44.99
C ILE B 82 -1.42 36.70 44.78
N LYS B 83 -0.40 37.56 44.70
CA LYS B 83 0.96 37.10 44.49
C LYS B 83 1.45 36.24 45.65
N GLU B 84 1.13 36.65 46.88
CA GLU B 84 1.52 35.84 48.04
C GLU B 84 0.79 34.50 48.03
N ILE B 85 -0.49 34.50 47.66
CA ILE B 85 -1.25 33.26 47.57
C ILE B 85 -0.61 32.31 46.57
N ASP B 86 -0.11 32.85 45.46
CA ASP B 86 0.58 32.01 44.47
C ASP B 86 1.83 31.38 45.07
N LEU B 87 2.52 32.07 45.97
CA LEU B 87 3.66 31.47 46.66
C LEU B 87 3.21 30.28 47.51
N LEU B 88 2.09 30.42 48.22
CA LEU B 88 1.57 29.32 49.03
C LEU B 88 1.09 28.16 48.17
N LYS B 89 0.82 28.39 46.88
CA LYS B 89 0.42 27.29 46.01
C LYS B 89 1.52 26.25 45.89
N GLN B 90 2.77 26.69 45.78
CA GLN B 90 3.90 25.79 45.69
C GLN B 90 4.23 25.10 47.01
N LEU B 91 3.62 25.55 48.11
CA LEU B 91 3.86 24.96 49.43
C LEU B 91 3.19 23.59 49.48
N ASN B 92 4.00 22.54 49.34
CA ASN B 92 3.52 21.16 49.34
C ASN B 92 4.37 20.36 50.31
N HIS B 93 3.80 20.06 51.48
CA HIS B 93 4.51 19.31 52.51
C HIS B 93 3.48 18.58 53.37
N PRO B 94 3.77 17.34 53.79
CA PRO B 94 2.82 16.62 54.65
C PRO B 94 2.56 17.31 55.98
N ASN B 95 3.55 18.02 56.52
CA ASN B 95 3.40 18.71 57.80
C ASN B 95 2.78 20.09 57.65
N VAL B 96 2.42 20.50 56.44
CA VAL B 96 1.75 21.76 56.20
C VAL B 96 0.42 21.47 55.51
N ILE B 97 -0.57 22.31 55.76
CA ILE B 97 -1.87 22.15 55.12
C ILE B 97 -1.72 22.37 53.62
N LYS B 98 -2.11 21.37 52.84
CA LYS B 98 -1.95 21.45 51.40
C LYS B 98 -2.90 22.47 50.80
N TYR B 99 -2.43 23.19 49.79
CA TYR B 99 -3.23 24.20 49.11
C TYR B 99 -3.91 23.56 47.91
N TYR B 100 -5.25 23.52 47.94
CA TYR B 100 -6.00 22.92 46.84
C TYR B 100 -6.16 23.90 45.68
N ALA B 101 -6.81 25.03 45.93
CA ALA B 101 -7.03 26.02 44.89
C ALA B 101 -7.42 27.34 45.53
N SER B 102 -7.24 28.42 44.76
CA SER B 102 -7.69 29.75 45.14
C SER B 102 -8.32 30.40 43.93
N PHE B 103 -9.50 30.99 44.12
CA PHE B 103 -10.25 31.53 43.00
C PHE B 103 -11.15 32.65 43.49
N ILE B 104 -11.78 33.34 42.55
CA ILE B 104 -12.71 34.42 42.83
C ILE B 104 -14.08 34.03 42.27
N GLU B 105 -15.11 34.15 43.10
CA GLU B 105 -16.46 33.87 42.68
C GLU B 105 -17.44 34.68 43.53
N ASP B 106 -18.42 35.29 42.87
CA ASP B 106 -19.42 36.13 43.54
C ASP B 106 -18.76 37.23 44.37
N ASN B 107 -17.75 37.86 43.78
CA ASN B 107 -16.99 38.94 44.43
C ASN B 107 -16.35 38.49 45.73
N GLU B 108 -15.98 37.21 45.81
CA GLU B 108 -15.33 36.66 46.99
C GLU B 108 -14.16 35.79 46.57
N LEU B 109 -13.03 35.96 47.24
CA LEU B 109 -11.86 35.10 47.03
C LEU B 109 -12.03 33.84 47.85
N ASN B 110 -12.39 32.73 47.21
CA ASN B 110 -12.64 31.47 47.88
C ASN B 110 -11.38 30.61 47.83
N ILE B 111 -10.91 30.19 49.00
CA ILE B 111 -9.69 29.42 49.14
C ILE B 111 -10.04 28.10 49.82
N VAL B 112 -9.62 26.99 49.23
CA VAL B 112 -9.91 25.65 49.73
C VAL B 112 -8.61 25.00 50.17
N LEU B 113 -8.60 24.49 51.40
CA LEU B 113 -7.40 23.88 51.97
C LEU B 113 -7.70 22.46 52.46
N GLU B 114 -6.76 21.86 53.18
CA GLU B 114 -6.98 20.56 53.79
C GLU B 114 -7.64 20.74 55.15
N LEU B 115 -8.80 20.12 55.34
CA LEU B 115 -9.54 20.24 56.58
C LEU B 115 -8.93 19.34 57.65
N ALA B 116 -8.71 19.90 58.83
CA ALA B 116 -8.19 19.17 59.99
C ALA B 116 -9.18 19.35 61.14
N ASP B 117 -10.18 18.47 61.19
CA ASP B 117 -11.24 18.56 62.18
C ASP B 117 -10.92 17.81 63.47
N ALA B 118 -9.78 17.12 63.53
CA ALA B 118 -9.42 16.36 64.73
C ALA B 118 -9.03 17.25 65.90
N GLY B 119 -8.85 18.54 65.68
CA GLY B 119 -8.49 19.47 66.73
C GLY B 119 -7.18 20.19 66.44
N ASP B 120 -6.85 21.10 67.35
CA ASP B 120 -5.65 21.91 67.24
C ASP B 120 -4.75 21.67 68.44
N LEU B 121 -3.57 22.31 68.42
CA LEU B 121 -2.60 22.14 69.49
C LEU B 121 -3.13 22.66 70.82
N SER B 122 -3.83 23.80 70.79
CA SER B 122 -4.32 24.40 72.03
C SER B 122 -5.39 23.57 72.71
N ARG B 123 -5.97 22.58 72.02
CA ARG B 123 -7.02 21.76 72.63
C ARG B 123 -6.43 20.88 73.74
N MET B 124 -5.31 20.21 73.46
CA MET B 124 -4.71 19.36 74.49
C MET B 124 -4.02 20.18 75.57
N ILE B 125 -3.53 21.39 75.22
CA ILE B 125 -2.93 22.25 76.21
C ILE B 125 -3.96 22.63 77.28
N LYS B 126 -5.17 22.99 76.85
CA LYS B 126 -6.26 23.18 77.80
C LYS B 126 -6.63 21.89 78.49
N HIS B 127 -6.61 20.77 77.75
CA HIS B 127 -6.94 19.48 78.34
C HIS B 127 -5.97 19.09 79.45
N PHE B 128 -4.67 19.30 79.23
CA PHE B 128 -3.70 19.05 80.28
C PHE B 128 -3.82 20.07 81.41
N LYS B 129 -4.26 21.29 81.08
CA LYS B 129 -4.52 22.27 82.12
C LYS B 129 -5.68 21.82 83.01
N LYS B 130 -6.73 21.26 82.41
CA LYS B 130 -7.83 20.71 83.20
C LYS B 130 -7.36 19.53 84.04
N GLN B 131 -6.52 18.67 83.47
CA GLN B 131 -5.94 17.56 84.22
C GLN B 131 -4.92 18.01 85.24
N LYS B 132 -4.42 19.25 85.12
CA LYS B 132 -3.40 19.80 86.02
C LYS B 132 -2.15 18.93 86.05
N ARG B 133 -1.80 18.33 84.91
CA ARG B 133 -0.62 17.49 84.77
C ARG B 133 0.28 18.08 83.71
N LEU B 134 1.56 18.27 84.06
CA LEU B 134 2.51 18.81 83.11
C LEU B 134 2.76 17.81 81.99
N ILE B 135 2.79 18.32 80.76
CA ILE B 135 3.00 17.47 79.59
C ILE B 135 4.42 16.90 79.63
N PRO B 136 4.61 15.59 79.40
CA PRO B 136 5.95 15.02 79.49
C PRO B 136 6.92 15.66 78.52
N GLU B 137 8.19 15.75 78.94
CA GLU B 137 9.20 16.37 78.11
C GLU B 137 9.41 15.62 76.81
N ARG B 138 9.41 14.29 76.85
CA ARG B 138 9.58 13.50 75.63
C ARG B 138 8.45 13.74 74.65
N THR B 139 7.24 13.98 75.15
CA THR B 139 6.11 14.23 74.26
C THR B 139 6.21 15.58 73.56
N VAL B 140 6.76 16.58 74.24
CA VAL B 140 6.83 17.92 73.67
C VAL B 140 7.68 17.94 72.41
N TRP B 141 8.82 17.26 72.44
CA TRP B 141 9.72 17.26 71.29
C TRP B 141 9.23 16.36 70.16
N LYS B 142 8.29 15.47 70.43
CA LYS B 142 7.83 14.54 69.39
C LYS B 142 7.15 15.28 68.24
N TYR B 143 6.31 16.26 68.55
CA TYR B 143 5.58 17.00 67.53
C TYR B 143 6.17 18.38 67.25
N PHE B 144 7.02 18.89 68.14
CA PHE B 144 7.64 20.20 67.90
C PHE B 144 8.62 20.14 66.75
N VAL B 145 9.31 19.00 66.58
CA VAL B 145 10.19 18.82 65.43
C VAL B 145 9.38 18.81 64.14
N GLN B 146 8.19 18.21 64.17
CA GLN B 146 7.32 18.21 62.99
C GLN B 146 6.88 19.62 62.63
N LEU B 147 6.56 20.43 63.64
CA LEU B 147 6.21 21.82 63.39
C LEU B 147 7.41 22.60 62.86
N CYS B 148 8.61 22.30 63.36
CA CYS B 148 9.81 22.96 62.85
C CYS B 148 10.04 22.65 61.38
N SER B 149 9.77 21.40 60.97
CA SER B 149 9.87 21.06 59.56
C SER B 149 8.87 21.86 58.73
N ALA B 150 7.65 22.04 59.24
CA ALA B 150 6.67 22.86 58.55
C ALA B 150 7.11 24.31 58.47
N LEU B 151 7.68 24.84 59.55
CA LEU B 151 8.19 26.20 59.53
C LEU B 151 9.37 26.34 58.57
N GLU B 152 10.17 25.28 58.43
CA GLU B 152 11.30 25.33 57.51
C GLU B 152 10.84 25.42 56.06
N HIS B 153 9.68 24.84 55.73
CA HIS B 153 9.25 24.76 54.34
C HIS B 153 8.99 26.15 53.76
N MET B 154 8.16 26.95 54.42
CA MET B 154 7.83 28.27 53.87
C MET B 154 8.92 29.29 54.14
N HIS B 155 9.78 29.06 55.14
CA HIS B 155 10.91 29.96 55.35
C HIS B 155 11.99 29.77 54.29
N SER B 156 12.10 28.56 53.73
CA SER B 156 13.06 28.31 52.66
C SER B 156 12.62 28.93 51.34
N ARG B 157 11.32 29.15 51.17
CA ARG B 157 10.77 29.73 49.94
C ARG B 157 10.44 31.21 50.10
N ARG B 158 10.97 31.85 51.14
CA ARG B 158 10.78 33.29 51.39
C ARG B 158 9.30 33.63 51.57
N VAL B 159 8.64 32.90 52.46
CA VAL B 159 7.24 33.14 52.82
C VAL B 159 7.13 33.15 54.34
N MET B 160 6.44 34.15 54.87
CA MET B 160 6.25 34.27 56.30
C MET B 160 4.84 33.85 56.68
N HIS B 161 4.64 33.58 57.98
CA HIS B 161 3.40 33.07 58.51
C HIS B 161 2.58 34.12 59.26
N ARG B 162 3.23 34.83 60.20
CA ARG B 162 2.63 35.91 60.98
C ARG B 162 1.56 35.45 61.95
N ASP B 163 1.20 34.16 61.91
CA ASP B 163 0.13 33.65 62.77
C ASP B 163 0.50 32.28 63.33
N ILE B 164 1.73 32.13 63.80
CA ILE B 164 2.18 30.87 64.39
C ILE B 164 1.68 30.84 65.84
N LYS B 165 0.76 29.93 66.13
CA LYS B 165 0.16 29.81 67.45
C LYS B 165 -0.38 28.40 67.60
N PRO B 166 -0.63 27.95 68.84
CA PRO B 166 -1.24 26.62 69.01
C PRO B 166 -2.62 26.51 68.40
N ALA B 167 -3.29 27.62 68.12
CA ALA B 167 -4.64 27.57 67.54
C ALA B 167 -4.62 26.97 66.14
N ASN B 168 -3.62 27.31 65.33
CA ASN B 168 -3.55 26.83 63.95
C ASN B 168 -2.50 25.74 63.78
N VAL B 169 -2.21 25.00 64.84
CA VAL B 169 -1.37 23.81 64.78
C VAL B 169 -2.26 22.61 65.07
N PHE B 170 -2.66 21.90 64.03
CA PHE B 170 -3.63 20.83 64.14
C PHE B 170 -2.94 19.46 64.13
N ILE B 171 -3.52 18.52 64.88
CA ILE B 171 -3.04 17.15 64.95
C ILE B 171 -4.22 16.21 64.71
N THR B 172 -4.00 15.20 63.88
CA THR B 172 -4.97 14.12 63.73
C THR B 172 -4.74 13.06 64.79
N ALA B 173 -5.49 11.95 64.69
CA ALA B 173 -5.28 10.83 65.60
C ALA B 173 -3.97 10.11 65.35
N THR B 174 -3.28 10.39 64.24
CA THR B 174 -2.02 9.74 63.92
C THR B 174 -0.82 10.42 64.55
N GLY B 175 -1.00 11.59 65.15
CA GLY B 175 0.12 12.33 65.72
C GLY B 175 0.87 13.21 64.75
N VAL B 176 0.30 13.51 63.59
CA VAL B 176 0.94 14.33 62.57
C VAL B 176 0.47 15.78 62.74
N VAL B 177 1.42 16.70 62.75
CA VAL B 177 1.15 18.12 62.99
C VAL B 177 1.10 18.84 61.65
N LYS B 178 0.03 19.60 61.43
CA LYS B 178 -0.05 20.50 60.29
C LYS B 178 -0.18 21.93 60.78
N LEU B 179 0.34 22.87 59.99
CA LEU B 179 0.32 24.29 60.32
C LEU B 179 -0.58 25.00 59.33
N GLY B 180 -1.67 25.58 59.83
CA GLY B 180 -2.63 26.26 58.97
C GLY B 180 -2.74 27.74 59.23
N ASP B 181 -3.70 28.38 58.55
CA ASP B 181 -3.93 29.82 58.66
C ASP B 181 -2.64 30.59 58.36
N LEU B 182 -2.17 30.45 57.12
CA LEU B 182 -0.88 31.00 56.69
C LEU B 182 -1.00 32.51 56.44
N GLY B 183 -1.38 33.23 57.49
CA GLY B 183 -1.44 34.68 57.45
C GLY B 183 -2.47 35.27 56.52
N LEU B 184 -3.38 34.46 55.98
CA LEU B 184 -4.41 35.00 55.09
C LEU B 184 -5.30 35.99 55.82
N GLY B 185 -5.70 35.67 57.05
CA GLY B 185 -6.49 36.60 57.84
C GLY B 185 -5.72 37.87 58.18
N ARG B 186 -4.41 37.74 58.42
CA ARG B 186 -3.61 38.89 58.79
C ARG B 186 -3.22 39.76 57.61
N PHE B 187 -3.35 39.27 56.37
CA PHE B 187 -3.06 40.09 55.21
C PHE B 187 -4.12 41.18 55.03
N PHE B 188 -5.38 40.85 55.29
CA PHE B 188 -6.46 41.83 55.15
C PHE B 188 -6.56 42.77 56.34
N SER B 189 -5.90 42.47 57.45
CA SER B 189 -5.96 43.29 58.65
C SER B 189 -4.79 44.25 58.78
N SER B 190 -3.98 44.41 57.72
CA SER B 190 -2.85 45.32 57.78
C SER B 190 -3.27 46.78 57.93
N LYS B 191 -4.49 47.11 57.54
CA LYS B 191 -5.01 48.47 57.67
C LYS B 191 -5.78 48.68 58.97
N THR B 192 -5.84 47.66 59.83
CA THR B 192 -6.58 47.72 61.09
C THR B 192 -5.69 47.29 62.24
N THR B 193 -4.48 47.86 62.31
CA THR B 193 -3.54 47.51 63.37
C THR B 193 -4.12 47.85 64.74
N ALA B 194 -4.80 49.00 64.85
CA ALA B 194 -5.42 49.37 66.12
C ALA B 194 -6.57 48.45 66.50
N ALA B 195 -7.11 47.69 65.57
CA ALA B 195 -8.22 46.80 65.85
C ALA B 195 -7.78 45.48 66.48
N HIS B 196 -6.48 45.23 66.59
CA HIS B 196 -6.00 44.00 67.21
C HIS B 196 -6.26 43.96 68.71
N SER B 197 -6.56 45.11 69.33
CA SER B 197 -6.75 45.19 70.77
C SER B 197 -8.18 44.91 71.22
N LEU B 198 -9.12 44.80 70.27
CA LEU B 198 -10.52 44.57 70.63
C LEU B 198 -10.97 43.13 70.43
N VAL B 199 -10.27 42.35 69.60
CA VAL B 199 -10.63 40.96 69.33
C VAL B 199 -9.49 40.11 69.87
N GLY B 200 -9.62 39.65 71.11
CA GLY B 200 -8.63 38.78 71.72
C GLY B 200 -7.39 39.54 72.20
N THR B 201 -6.54 38.80 72.91
CA THR B 201 -5.29 39.36 73.39
C THR B 201 -4.14 38.76 72.60
N PRO B 202 -3.43 39.54 71.79
CA PRO B 202 -2.31 39.01 70.99
C PRO B 202 -1.06 38.75 71.83
N TYR B 203 -1.03 37.59 72.48
CA TYR B 203 0.10 37.21 73.33
C TYR B 203 1.37 36.92 72.54
N TYR B 204 1.28 36.81 71.22
CA TYR B 204 2.42 36.43 70.39
C TYR B 204 2.94 37.60 69.56
N MET B 205 2.77 38.82 70.07
CA MET B 205 3.27 40.00 69.37
C MET B 205 4.79 40.06 69.44
N SER B 206 5.43 40.30 68.29
CA SER B 206 6.87 40.45 68.27
C SER B 206 7.26 41.91 68.52
N PRO B 207 8.46 42.14 69.09
CA PRO B 207 8.89 43.53 69.31
C PRO B 207 8.96 44.36 68.04
N GLU B 208 9.30 43.75 66.90
CA GLU B 208 9.34 44.49 65.65
C GLU B 208 7.96 44.82 65.10
N ARG B 209 6.93 44.10 65.54
CA ARG B 209 5.58 44.35 65.03
C ARG B 209 4.88 45.44 65.84
N ILE B 210 5.02 45.40 67.17
CA ILE B 210 4.36 46.40 68.01
C ILE B 210 4.97 47.78 67.78
N HIS B 211 6.29 47.84 67.58
CA HIS B 211 6.97 49.09 67.28
C HIS B 211 6.75 49.56 65.86
N GLU B 212 5.93 48.84 65.08
CA GLU B 212 5.62 49.21 63.69
C GLU B 212 6.88 49.29 62.84
N ASN B 213 7.82 48.38 63.09
CA ASN B 213 9.04 48.27 62.30
C ASN B 213 8.89 47.32 61.13
N GLY B 214 7.75 46.67 60.98
CA GLY B 214 7.52 45.73 59.91
C GLY B 214 7.76 44.28 60.35
N TYR B 215 7.13 43.37 59.63
CA TYR B 215 7.27 41.95 59.91
C TYR B 215 8.46 41.36 59.15
N ASN B 216 9.20 40.49 59.82
CA ASN B 216 10.37 39.83 59.24
C ASN B 216 10.29 38.34 59.53
N PHE B 217 11.28 37.61 59.04
CA PHE B 217 11.33 36.16 59.26
C PHE B 217 11.65 35.82 60.71
N LYS B 218 12.15 36.79 61.49
CA LYS B 218 12.43 36.56 62.91
C LYS B 218 11.17 36.63 63.77
N SER B 219 10.05 37.09 63.22
CA SER B 219 8.81 37.12 63.99
C SER B 219 8.20 35.72 64.11
N ASP B 220 8.36 34.87 63.09
CA ASP B 220 7.81 33.53 63.16
C ASP B 220 8.46 32.71 64.28
N ILE B 221 9.80 32.79 64.39
CA ILE B 221 10.49 32.06 65.45
C ILE B 221 10.21 32.67 66.81
N TRP B 222 9.96 33.98 66.87
CA TRP B 222 9.55 34.60 68.12
C TRP B 222 8.24 34.01 68.61
N SER B 223 7.26 33.85 67.72
CA SER B 223 6.02 33.18 68.08
C SER B 223 6.26 31.72 68.41
N LEU B 224 7.18 31.07 67.68
CA LEU B 224 7.50 29.68 67.96
C LEU B 224 8.06 29.51 69.37
N GLY B 225 8.94 30.43 69.79
CA GLY B 225 9.42 30.39 71.17
C GLY B 225 8.32 30.61 72.17
N CYS B 226 7.41 31.55 71.89
CA CYS B 226 6.23 31.72 72.74
C CYS B 226 5.32 30.51 72.68
N LEU B 227 5.24 29.88 71.49
CA LEU B 227 4.50 28.63 71.37
C LEU B 227 5.17 27.51 72.18
N LEU B 228 6.49 27.42 72.11
CA LEU B 228 7.20 26.35 72.81
C LEU B 228 7.06 26.49 74.32
N TYR B 229 7.11 27.71 74.84
CA TYR B 229 6.92 27.92 76.27
C TYR B 229 5.49 27.55 76.68
N GLU B 230 4.50 27.92 75.86
CA GLU B 230 3.11 27.60 76.18
C GLU B 230 2.86 26.11 76.20
N MET B 231 3.55 25.35 75.34
CA MET B 231 3.36 23.91 75.29
C MET B 231 3.89 23.25 76.57
N ALA B 232 4.84 23.88 77.25
CA ALA B 232 5.44 23.32 78.45
C ALA B 232 4.72 23.77 79.72
N ALA B 233 4.58 25.08 79.92
CA ALA B 233 3.98 25.62 81.13
C ALA B 233 2.46 25.81 81.03
N LEU B 234 1.87 25.49 79.87
CA LEU B 234 0.42 25.62 79.66
C LEU B 234 -0.05 27.05 79.92
N GLN B 235 0.79 28.02 79.57
CA GLN B 235 0.45 29.43 79.74
C GLN B 235 1.30 30.26 78.79
N SER B 236 0.80 31.46 78.49
CA SER B 236 1.53 32.38 77.64
C SER B 236 2.70 33.01 78.40
N PRO B 237 3.81 33.30 77.71
CA PRO B 237 4.93 33.97 78.39
C PRO B 237 4.58 35.31 78.97
N PHE B 238 3.66 36.04 78.35
CA PHE B 238 3.26 37.37 78.80
C PHE B 238 1.80 37.40 79.27
N TYR B 239 1.32 36.29 79.79
CA TYR B 239 -0.06 36.20 80.27
C TYR B 239 -0.24 37.05 81.53
N GLY B 240 -1.44 37.60 81.68
CA GLY B 240 -1.78 38.40 82.84
C GLY B 240 -3.27 38.60 83.03
N ASP B 241 -3.75 38.39 84.24
CA ASP B 241 -5.17 38.59 84.55
C ASP B 241 -5.47 40.08 84.65
N LYS B 242 -6.51 40.53 83.96
CA LYS B 242 -6.88 41.94 83.90
C LYS B 242 -5.69 42.79 83.45
N MET B 243 -4.98 42.29 82.45
CA MET B 243 -3.76 42.92 81.95
C MET B 243 -4.07 43.60 80.61
N ASN B 244 -3.67 44.86 80.49
CA ASN B 244 -4.01 45.70 79.36
C ASN B 244 -2.86 45.76 78.35
N LEU B 245 -3.20 46.21 77.14
CA LEU B 245 -2.26 46.14 76.02
C LEU B 245 -0.96 46.88 76.31
N TYR B 246 -1.04 47.98 77.06
CA TYR B 246 0.20 48.68 77.45
C TYR B 246 1.07 47.80 78.33
N SER B 247 0.46 47.08 79.28
CA SER B 247 1.20 46.15 80.11
C SER B 247 1.78 45.00 79.29
N LEU B 248 1.08 44.58 78.23
CA LEU B 248 1.60 43.52 77.37
C LEU B 248 2.87 43.95 76.67
N CYS B 249 2.93 45.21 76.21
CA CYS B 249 4.12 45.71 75.52
C CYS B 249 5.33 45.73 76.45
N LYS B 250 5.13 46.15 77.71
CA LYS B 250 6.24 46.24 78.63
C LYS B 250 6.85 44.87 78.92
N LYS B 251 5.99 43.86 79.12
CA LYS B 251 6.49 42.50 79.36
C LYS B 251 7.21 41.96 78.13
N ILE B 252 6.67 42.22 76.94
CA ILE B 252 7.30 41.73 75.72
C ILE B 252 8.67 42.39 75.52
N GLU B 253 8.73 43.71 75.72
CA GLU B 253 9.99 44.42 75.55
C GLU B 253 11.04 43.96 76.57
N GLN B 254 10.61 43.73 77.81
CA GLN B 254 11.51 43.26 78.85
C GLN B 254 11.71 41.76 78.83
N CYS B 255 10.90 41.02 78.08
CA CYS B 255 10.95 39.56 78.03
C CYS B 255 10.84 38.97 79.43
N ASP B 256 9.92 39.52 80.23
CA ASP B 256 9.71 39.09 81.60
C ASP B 256 8.65 37.98 81.62
N TYR B 257 9.10 36.75 81.74
CA TYR B 257 8.21 35.59 81.81
C TYR B 257 8.69 34.68 82.94
N PRO B 258 7.77 33.94 83.56
CA PRO B 258 8.17 33.00 84.62
C PRO B 258 9.11 31.95 84.07
N PRO B 259 10.14 31.56 84.83
CA PRO B 259 11.06 30.54 84.35
C PRO B 259 10.41 29.17 84.29
N LEU B 260 10.83 28.38 83.30
CA LEU B 260 10.33 27.03 83.16
C LEU B 260 10.96 26.12 84.20
N PRO B 261 10.21 25.13 84.70
CA PRO B 261 10.77 24.20 85.69
C PRO B 261 11.94 23.40 85.11
N SER B 262 12.93 23.12 85.95
CA SER B 262 14.10 22.38 85.51
C SER B 262 13.95 20.88 85.72
N ASP B 263 13.10 20.46 86.66
CA ASP B 263 12.92 19.05 86.92
C ASP B 263 12.15 18.34 85.81
N HIS B 264 11.27 19.05 85.12
CA HIS B 264 10.49 18.46 84.04
C HIS B 264 11.07 18.74 82.65
N TYR B 265 11.87 19.78 82.50
CA TYR B 265 12.44 20.15 81.21
C TYR B 265 13.94 20.39 81.36
N SER B 266 14.71 19.92 80.39
CA SER B 266 16.16 20.01 80.43
C SER B 266 16.60 21.44 80.12
N GLU B 267 17.92 21.66 80.19
CA GLU B 267 18.47 22.98 79.89
C GLU B 267 18.25 23.35 78.43
N GLU B 268 18.38 22.37 77.52
CA GLU B 268 18.21 22.65 76.10
C GLU B 268 16.81 23.16 75.81
N LEU B 269 15.79 22.63 76.49
CA LEU B 269 14.44 23.14 76.33
C LEU B 269 14.34 24.60 76.78
N ARG B 270 14.96 24.92 77.93
CA ARG B 270 14.92 26.29 78.43
C ARG B 270 15.84 27.21 77.66
N GLN B 271 16.98 26.70 77.17
CA GLN B 271 17.90 27.56 76.42
C GLN B 271 17.34 27.88 75.05
N LEU B 272 16.63 26.93 74.43
CA LEU B 272 16.09 27.16 73.10
C LEU B 272 15.06 28.28 73.09
N VAL B 273 14.18 28.32 74.09
CA VAL B 273 13.18 29.37 74.16
C VAL B 273 13.78 30.71 74.52
N ASN B 274 14.96 30.72 75.14
CA ASN B 274 15.61 31.99 75.50
C ASN B 274 15.97 32.80 74.26
N MET B 275 16.51 32.14 73.24
CA MET B 275 16.92 32.85 72.03
C MET B 275 15.73 33.27 71.20
N CYS B 276 14.73 32.38 71.07
CA CYS B 276 13.56 32.70 70.25
C CYS B 276 12.78 33.86 70.84
N ILE B 277 12.58 33.87 72.15
CA ILE B 277 11.87 34.97 72.82
C ILE B 277 12.94 35.98 73.23
N ASN B 278 13.32 36.84 72.28
CA ASN B 278 14.30 37.87 72.51
C ASN B 278 13.82 39.17 71.90
N PRO B 279 14.04 40.31 72.58
CA PRO B 279 13.66 41.60 71.98
C PRO B 279 14.39 41.89 70.68
N ASP B 280 15.63 41.44 70.54
CA ASP B 280 16.41 41.72 69.34
C ASP B 280 16.20 40.60 68.33
N PRO B 281 15.61 40.87 67.17
CA PRO B 281 15.46 39.81 66.15
C PRO B 281 16.78 39.27 65.65
N GLU B 282 17.83 40.10 65.61
CA GLU B 282 19.12 39.64 65.10
C GLU B 282 19.72 38.55 65.97
N LYS B 283 19.55 38.66 67.29
CA LYS B 283 20.08 37.63 68.18
C LYS B 283 19.42 36.28 67.93
N ARG B 284 18.12 36.29 67.64
CA ARG B 284 17.38 35.06 67.43
C ARG B 284 17.98 34.28 66.25
N PRO B 285 18.28 33.00 66.41
CA PRO B 285 18.94 32.24 65.35
C PRO B 285 17.95 31.85 64.24
N ASP B 286 18.49 31.18 63.22
CA ASP B 286 17.72 30.79 62.05
C ASP B 286 16.90 29.54 62.34
N VAL B 287 15.99 29.22 61.41
CA VAL B 287 15.14 28.05 61.56
C VAL B 287 15.96 26.76 61.45
N THR B 288 17.01 26.77 60.62
CA THR B 288 17.83 25.57 60.46
C THR B 288 18.50 25.19 61.78
N TYR B 289 18.93 26.18 62.56
CA TYR B 289 19.47 25.90 63.88
C TYR B 289 18.42 25.26 64.78
N VAL B 290 17.19 25.78 64.74
CA VAL B 290 16.12 25.23 65.57
C VAL B 290 15.72 23.85 65.07
N TYR B 291 15.59 23.70 63.75
CA TYR B 291 15.19 22.40 63.19
C TYR B 291 16.23 21.33 63.44
N ASP B 292 17.52 21.67 63.31
CA ASP B 292 18.57 20.71 63.60
C ASP B 292 18.56 20.29 65.06
N VAL B 293 18.33 21.25 65.97
CA VAL B 293 18.15 20.92 67.37
C VAL B 293 16.91 20.05 67.56
N ALA B 294 15.86 20.34 66.79
CA ALA B 294 14.63 19.56 66.89
C ALA B 294 14.86 18.10 66.50
N LYS B 295 15.66 17.87 65.46
CA LYS B 295 15.89 16.50 65.01
C LYS B 295 16.77 15.73 65.99
N ARG B 296 17.86 16.36 66.44
CA ARG B 296 18.80 15.67 67.33
C ARG B 296 18.18 15.39 68.69
N MET B 297 17.47 16.37 69.25
CA MET B 297 16.95 16.23 70.61
C MET B 297 15.84 15.17 70.64
N HIS B 298 14.87 15.27 69.73
CA HIS B 298 13.74 14.35 69.74
C HIS B 298 14.19 12.90 69.60
N ALA B 299 15.27 12.66 68.85
CA ALA B 299 15.77 11.31 68.70
C ALA B 299 16.31 10.75 70.02
N CYS B 300 16.77 11.63 70.90
CA CYS B 300 17.30 11.17 72.20
C CYS B 300 16.19 10.60 73.07
N THR B 301 15.08 11.33 73.20
CA THR B 301 13.97 10.86 74.02
C THR B 301 13.15 9.78 73.34
N ALA B 302 13.29 9.60 72.03
CA ALA B 302 12.61 8.50 71.35
C ALA B 302 13.10 7.15 71.86
N SER B 303 14.41 7.02 72.08
CA SER B 303 14.99 5.80 72.62
C SER B 303 15.14 5.84 74.14
N SER B 304 14.69 6.92 74.78
CA SER B 304 14.79 7.03 76.24
C SER B 304 13.49 6.61 76.91
N ILE C 64 -13.95 -12.06 42.21
CA ILE C 64 -14.72 -11.34 41.21
C ILE C 64 -16.09 -11.99 41.04
N ASN C 65 -17.00 -11.70 41.97
CA ASN C 65 -18.37 -12.19 41.95
C ASN C 65 -19.36 -11.02 41.93
N PHE C 66 -19.08 -10.03 41.07
CA PHE C 66 -19.80 -8.76 41.16
C PHE C 66 -21.07 -8.76 40.31
N ASP C 67 -21.28 -9.80 39.51
CA ASP C 67 -22.41 -9.84 38.58
C ASP C 67 -22.33 -8.64 37.64
N THR C 68 -21.32 -8.66 36.75
CA THR C 68 -20.93 -7.49 35.96
C THR C 68 -22.08 -6.81 35.23
N SER C 69 -23.24 -7.45 35.13
CA SER C 69 -24.38 -6.82 34.46
C SER C 69 -24.94 -5.63 35.24
N LEU C 70 -24.62 -5.50 36.52
CA LEU C 70 -25.21 -4.44 37.34
C LEU C 70 -24.85 -3.03 36.87
N PRO C 71 -23.58 -2.68 36.63
CA PRO C 71 -23.30 -1.31 36.16
C PRO C 71 -23.95 -0.97 34.85
N THR C 72 -24.17 -1.95 33.97
CA THR C 72 -24.82 -1.67 32.70
C THR C 72 -26.29 -1.32 32.87
N SER C 73 -26.95 -1.89 33.89
CA SER C 73 -28.36 -1.62 34.12
C SER C 73 -28.60 -0.22 34.66
N HIS C 74 -27.58 0.40 35.27
CA HIS C 74 -27.69 1.74 35.86
C HIS C 74 -28.82 1.81 36.87
N THR C 75 -28.78 0.88 37.83
CA THR C 75 -29.76 0.82 38.91
C THR C 75 -29.55 1.92 39.95
N TYR C 76 -28.48 2.70 39.82
CA TYR C 76 -28.17 3.80 40.72
C TYR C 76 -28.91 5.08 40.38
N LEU C 77 -29.65 5.11 39.27
CA LEU C 77 -30.40 6.29 38.86
C LEU C 77 -31.85 6.26 39.30
N GLY C 78 -32.26 5.25 40.05
CA GLY C 78 -33.64 5.15 40.50
C GLY C 78 -34.46 4.17 39.69
N ALA C 79 -35.72 4.50 39.43
CA ALA C 79 -36.58 3.64 38.64
C ALA C 79 -36.13 3.61 37.19
N ASP C 80 -36.49 2.53 36.50
CA ASP C 80 -36.05 2.32 35.13
C ASP C 80 -36.59 3.41 34.21
N MET C 81 -35.78 3.79 33.23
CA MET C 81 -36.16 4.84 32.29
C MET C 81 -37.11 4.29 31.23
N GLU C 82 -37.76 5.21 30.52
CA GLU C 82 -38.64 4.84 29.42
C GLU C 82 -37.80 4.52 28.18
N GLU C 83 -37.95 3.30 27.67
CA GLU C 83 -37.14 2.82 26.55
C GLU C 83 -37.81 3.15 25.22
N PHE C 84 -36.98 3.47 24.23
CA PHE C 84 -37.43 3.76 22.87
C PHE C 84 -36.91 2.70 21.92
N HIS C 85 -37.77 2.25 21.01
CA HIS C 85 -37.44 1.18 20.09
C HIS C 85 -36.96 1.67 18.73
N GLY C 86 -37.37 2.86 18.32
CA GLY C 86 -36.98 3.36 17.01
C GLY C 86 -35.49 3.68 16.94
N ARG C 87 -34.93 3.50 15.75
CA ARG C 87 -33.52 3.78 15.48
C ARG C 87 -33.42 4.84 14.40
N THR C 88 -32.61 5.87 14.66
CA THR C 88 -32.47 7.01 13.76
C THR C 88 -31.05 7.04 13.20
N LEU C 89 -30.94 7.25 11.89
CA LEU C 89 -29.66 7.32 11.21
C LEU C 89 -29.69 8.40 10.15
N HIS C 90 -28.60 9.15 10.04
CA HIS C 90 -28.45 10.16 9.01
C HIS C 90 -27.64 9.61 7.83
N ASP C 91 -27.84 10.22 6.67
CA ASP C 91 -27.14 9.78 5.47
C ASP C 91 -25.68 10.22 5.50
N ASP C 92 -24.84 9.47 4.79
CA ASP C 92 -23.43 9.80 4.71
C ASP C 92 -23.23 11.09 3.93
N ASP C 93 -22.29 11.92 4.38
CA ASP C 93 -21.90 13.17 3.74
C ASP C 93 -23.04 14.19 3.68
N SER C 94 -24.11 13.98 4.43
CA SER C 94 -25.25 14.88 4.38
C SER C 94 -25.02 16.10 5.28
N CYS C 95 -25.71 17.18 4.95
CA CYS C 95 -25.64 18.44 5.70
C CYS C 95 -26.82 18.49 6.64
N GLN C 96 -26.55 18.36 7.94
CA GLN C 96 -27.58 18.29 8.96
C GLN C 96 -27.38 19.39 10.01
N VAL C 97 -28.44 19.65 10.77
CA VAL C 97 -28.40 20.55 11.91
C VAL C 97 -28.83 19.76 13.14
N ILE C 98 -28.01 19.81 14.19
CA ILE C 98 -28.23 18.96 15.35
C ILE C 98 -28.07 19.78 16.63
N PRO C 99 -28.83 19.50 17.69
CA PRO C 99 -28.61 20.18 18.97
C PRO C 99 -27.36 19.65 19.67
N VAL C 100 -26.84 20.48 20.58
CA VAL C 100 -25.65 20.17 21.35
C VAL C 100 -25.94 20.39 22.82
N LEU C 101 -25.57 19.43 23.66
CA LEU C 101 -25.73 19.58 25.10
C LEU C 101 -24.64 20.51 25.64
N PRO C 102 -25.00 21.63 26.29
CA PRO C 102 -23.97 22.58 26.71
C PRO C 102 -22.98 22.03 27.72
N GLN C 103 -23.40 21.11 28.58
CA GLN C 103 -22.57 20.64 29.70
C GLN C 103 -22.10 19.20 29.51
N VAL C 104 -21.72 18.83 28.29
CA VAL C 104 -21.17 17.51 28.00
C VAL C 104 -19.75 17.70 27.49
N MET C 105 -18.80 17.03 28.15
CA MET C 105 -17.39 17.13 27.79
C MET C 105 -16.75 15.78 27.50
N MET C 106 -17.51 14.69 27.53
CA MET C 106 -16.98 13.37 27.27
C MET C 106 -16.82 13.13 25.77
N ILE C 107 -15.71 12.51 25.39
CA ILE C 107 -15.48 12.10 24.01
C ILE C 107 -16.32 10.85 23.78
N LEU C 108 -17.51 11.02 23.22
CA LEU C 108 -18.44 9.91 23.09
C LEU C 108 -18.13 9.09 21.85
N ILE C 109 -17.55 7.91 22.06
CA ILE C 109 -17.34 6.97 20.96
C ILE C 109 -18.70 6.36 20.58
N PRO C 110 -19.09 6.40 19.31
CA PRO C 110 -20.31 5.71 18.89
C PRO C 110 -20.28 4.24 19.27
N GLY C 111 -21.45 3.66 19.41
CA GLY C 111 -21.56 2.30 19.94
C GLY C 111 -21.51 2.22 21.44
N GLN C 112 -21.46 3.35 22.14
CA GLN C 112 -21.46 3.39 23.60
C GLN C 112 -22.68 4.14 24.09
N THR C 113 -23.22 3.69 25.23
CA THR C 113 -24.36 4.33 25.87
C THR C 113 -23.85 5.30 26.92
N LEU C 114 -24.33 6.54 26.87
CA LEU C 114 -23.88 7.59 27.79
C LEU C 114 -25.08 8.11 28.58
N PRO C 115 -25.14 7.88 29.90
CA PRO C 115 -26.26 8.40 30.69
C PRO C 115 -25.99 9.81 31.20
N LEU C 116 -27.04 10.63 31.16
CA LEU C 116 -26.96 12.03 31.57
C LEU C 116 -28.07 12.35 32.56
N GLN C 117 -27.75 13.22 33.51
CA GLN C 117 -28.74 13.83 34.40
C GLN C 117 -28.67 15.33 34.20
N LEU C 118 -29.80 15.95 33.90
CA LEU C 118 -29.87 17.36 33.58
C LEU C 118 -30.50 18.15 34.72
N PHE C 119 -29.85 19.25 35.10
CA PHE C 119 -30.32 20.13 36.16
C PHE C 119 -30.73 21.50 35.67
N HIS C 120 -30.06 22.03 34.65
CA HIS C 120 -30.46 23.32 34.11
C HIS C 120 -31.82 23.20 33.42
N PRO C 121 -32.72 24.17 33.61
CA PRO C 121 -34.02 24.10 32.95
C PRO C 121 -33.92 24.08 31.43
N GLN C 122 -32.92 24.76 30.87
CA GLN C 122 -32.73 24.74 29.42
C GLN C 122 -32.41 23.34 28.91
N GLU C 123 -31.58 22.60 29.65
CA GLU C 123 -31.26 21.22 29.27
C GLU C 123 -32.51 20.35 29.31
N VAL C 124 -33.34 20.50 30.34
CA VAL C 124 -34.58 19.73 30.42
C VAL C 124 -35.55 20.19 29.33
N SER C 125 -35.58 21.50 29.04
CA SER C 125 -36.41 21.98 27.95
C SER C 125 -35.92 21.48 26.60
N MET C 126 -34.59 21.41 26.42
CA MET C 126 -34.03 20.96 25.15
C MET C 126 -34.38 19.50 24.87
N VAL C 127 -34.23 18.63 25.88
CA VAL C 127 -34.52 17.22 25.66
C VAL C 127 -36.00 16.99 25.42
N ARG C 128 -36.87 17.77 26.09
CA ARG C 128 -38.30 17.63 25.87
C ARG C 128 -38.68 17.89 24.42
N ASN C 129 -38.07 18.91 23.81
CA ASN C 129 -38.27 19.14 22.39
C ASN C 129 -37.76 17.97 21.57
N LEU C 130 -36.61 17.41 21.94
CA LEU C 130 -36.05 16.28 21.21
C LEU C 130 -36.85 15.01 21.43
N ILE C 131 -37.56 14.91 22.55
CA ILE C 131 -38.31 13.69 22.86
C ILE C 131 -39.37 13.43 21.78
N GLN C 132 -40.10 14.48 21.40
CA GLN C 132 -41.05 14.35 20.31
C GLN C 132 -40.35 14.28 18.96
N LYS C 133 -39.09 14.71 18.88
CA LYS C 133 -38.32 14.71 17.65
C LYS C 133 -37.55 13.40 17.51
N ASP C 134 -36.57 13.37 16.60
CA ASP C 134 -35.82 12.17 16.28
C ASP C 134 -34.99 11.66 17.45
N ARG C 135 -34.82 12.45 18.51
CA ARG C 135 -34.06 12.04 19.69
C ARG C 135 -32.60 11.77 19.36
N THR C 136 -32.01 12.66 18.57
CA THR C 136 -30.60 12.57 18.20
C THR C 136 -29.92 13.91 18.47
N PHE C 137 -28.80 13.87 19.18
CA PHE C 137 -28.06 15.09 19.50
C PHE C 137 -26.56 14.82 19.36
N ALA C 138 -25.81 15.89 19.18
CA ALA C 138 -24.37 15.78 18.98
C ALA C 138 -23.63 15.81 20.32
N VAL C 139 -22.41 15.29 20.29
CA VAL C 139 -21.49 15.33 21.42
C VAL C 139 -20.17 15.85 20.89
N LEU C 140 -19.93 17.15 21.02
CA LEU C 140 -18.71 17.74 20.52
C LEU C 140 -17.52 17.26 21.33
N ALA C 141 -16.50 16.77 20.64
CA ALA C 141 -15.28 16.29 21.29
C ALA C 141 -14.31 17.46 21.40
N TYR C 142 -14.49 18.26 22.44
CA TYR C 142 -13.70 19.47 22.63
C TYR C 142 -12.24 19.09 22.87
N SER C 143 -11.38 19.35 21.88
CA SER C 143 -9.96 19.12 22.06
C SER C 143 -9.40 20.03 23.14
N ASN C 144 -9.82 21.29 23.15
CA ASN C 144 -9.52 22.23 24.22
C ASN C 144 -10.84 22.75 24.76
N VAL C 145 -11.14 22.42 26.02
CA VAL C 145 -12.47 22.66 26.57
C VAL C 145 -12.67 24.11 27.01
N GLN C 146 -11.59 24.87 27.20
CA GLN C 146 -11.71 26.20 27.79
C GLN C 146 -12.53 27.14 26.91
N GLU C 147 -12.23 27.19 25.61
CA GLU C 147 -12.85 28.14 24.71
C GLU C 147 -13.97 27.54 23.87
N ARG C 148 -14.45 26.34 24.21
CA ARG C 148 -15.56 25.69 23.52
C ARG C 148 -15.27 25.54 22.02
N GLU C 149 -14.04 25.15 21.71
CA GLU C 149 -13.61 24.95 20.32
C GLU C 149 -13.72 23.47 19.98
N ALA C 150 -14.49 23.15 18.95
CA ALA C 150 -14.68 21.77 18.52
C ALA C 150 -14.52 21.69 17.01
N GLN C 151 -13.76 20.68 16.56
CA GLN C 151 -13.52 20.46 15.15
C GLN C 151 -14.19 19.21 14.60
N PHE C 152 -14.48 18.23 15.45
CA PHE C 152 -15.21 17.03 15.06
C PHE C 152 -16.24 16.73 16.14
N GLY C 153 -17.08 15.73 15.91
CA GLY C 153 -18.10 15.42 16.88
C GLY C 153 -18.69 14.04 16.63
N THR C 154 -19.78 13.77 17.33
CA THR C 154 -20.46 12.49 17.26
C THR C 154 -21.95 12.71 17.45
N THR C 155 -22.75 12.15 16.55
CA THR C 155 -24.20 12.24 16.65
C THR C 155 -24.71 11.09 17.52
N ALA C 156 -25.38 11.43 18.61
CA ALA C 156 -25.84 10.44 19.59
C ALA C 156 -27.36 10.42 19.64
N GLU C 157 -27.91 9.22 19.74
CA GLU C 157 -29.34 9.02 19.85
C GLU C 157 -29.73 8.77 21.31
N ILE C 158 -30.97 9.09 21.64
CA ILE C 158 -31.51 8.90 22.98
C ILE C 158 -32.53 7.77 22.92
N TYR C 159 -32.36 6.77 23.80
CA TYR C 159 -33.26 5.64 23.84
C TYR C 159 -33.88 5.41 25.21
N ALA C 160 -33.33 5.97 26.28
CA ALA C 160 -33.88 5.80 27.62
C ALA C 160 -33.89 7.14 28.34
N TYR C 161 -35.02 7.49 28.93
CA TYR C 161 -35.16 8.75 29.66
C TYR C 161 -36.22 8.58 30.74
N ARG C 162 -36.15 9.45 31.74
CA ARG C 162 -37.11 9.43 32.84
C ARG C 162 -37.13 10.80 33.49
N GLU C 163 -38.32 11.37 33.65
CA GLU C 163 -38.50 12.68 34.27
C GLU C 163 -39.02 12.50 35.69
N GLU C 164 -38.36 13.16 36.65
CA GLU C 164 -38.75 13.10 38.05
C GLU C 164 -38.87 14.51 38.59
N GLN C 165 -39.99 14.79 39.28
CA GLN C 165 -40.21 16.08 39.91
C GLN C 165 -39.63 16.06 41.33
N ASP C 166 -38.30 16.04 41.38
CA ASP C 166 -37.59 15.98 42.66
C ASP C 166 -37.49 17.38 43.25
N PHE C 167 -37.96 17.52 44.49
CA PHE C 167 -37.86 18.78 45.24
C PHE C 167 -38.52 19.95 44.51
N GLY C 168 -39.60 19.67 43.79
CA GLY C 168 -40.35 20.71 43.10
C GLY C 168 -39.79 21.15 41.77
N ILE C 169 -38.68 20.57 41.31
CA ILE C 169 -38.08 20.93 40.04
C ILE C 169 -38.08 19.70 39.14
N GLU C 170 -38.13 19.96 37.83
CA GLU C 170 -38.19 18.89 36.83
C GLU C 170 -36.77 18.47 36.48
N ILE C 171 -36.41 17.25 36.88
CA ILE C 171 -35.08 16.69 36.61
C ILE C 171 -35.27 15.44 35.77
N VAL C 172 -34.54 15.36 34.66
CA VAL C 172 -34.62 14.23 33.74
C VAL C 172 -33.30 13.47 33.81
N LYS C 173 -33.39 12.14 33.72
CA LYS C 173 -32.23 11.26 33.66
C LYS C 173 -32.33 10.44 32.38
N VAL C 174 -31.37 10.65 31.47
CA VAL C 174 -31.48 10.20 30.09
C VAL C 174 -30.25 9.39 29.71
N LYS C 175 -30.47 8.29 29.00
CA LYS C 175 -29.41 7.47 28.43
C LYS C 175 -29.31 7.76 26.94
N ALA C 176 -28.09 7.93 26.44
CA ALA C 176 -27.85 8.28 25.06
C ALA C 176 -26.88 7.31 24.41
N ILE C 177 -27.12 7.01 23.14
CA ILE C 177 -26.28 6.09 22.36
C ILE C 177 -25.73 6.85 21.15
N GLY C 178 -24.41 6.83 21.01
CA GLY C 178 -23.78 7.49 19.87
C GLY C 178 -23.77 6.62 18.64
N ARG C 179 -24.04 7.24 17.49
CA ARG C 179 -24.18 6.50 16.23
C ARG C 179 -23.08 6.85 15.23
N GLN C 180 -22.93 8.11 14.85
CA GLN C 180 -22.10 8.49 13.72
C GLN C 180 -21.13 9.61 14.08
N ARG C 181 -19.89 9.45 13.63
CA ARG C 181 -18.93 10.54 13.67
C ARG C 181 -19.21 11.53 12.56
N PHE C 182 -18.85 12.79 12.79
CA PHE C 182 -19.15 13.84 11.82
C PHE C 182 -18.16 14.98 11.97
N LYS C 183 -18.11 15.82 10.94
CA LYS C 183 -17.27 17.01 10.92
C LYS C 183 -18.15 18.25 11.03
N VAL C 184 -17.84 19.11 12.00
CA VAL C 184 -18.57 20.35 12.20
C VAL C 184 -17.94 21.44 11.33
N LEU C 185 -18.78 22.22 10.66
CA LEU C 185 -18.31 23.29 9.79
C LEU C 185 -18.55 24.68 10.37
N GLU C 186 -19.56 24.83 11.22
CA GLU C 186 -19.88 26.12 11.81
C GLU C 186 -20.46 25.90 13.20
N LEU C 187 -20.07 26.75 14.13
CA LEU C 187 -20.52 26.69 15.52
C LEU C 187 -21.38 27.93 15.78
N ARG C 188 -22.69 27.76 15.77
CA ARG C 188 -23.62 28.85 16.03
C ARG C 188 -24.34 28.63 17.35
N THR C 189 -24.60 29.73 18.05
CA THR C 189 -25.32 29.73 19.31
C THR C 189 -26.58 30.57 19.16
N GLN C 190 -27.73 29.98 19.49
CA GLN C 190 -28.98 30.69 19.36
C GLN C 190 -29.15 31.71 20.48
N SER C 191 -30.22 32.51 20.38
CA SER C 191 -30.47 33.53 21.39
C SER C 191 -30.77 32.95 22.76
N ASP C 192 -31.34 31.75 22.82
CA ASP C 192 -31.64 31.12 24.10
C ASP C 192 -30.43 30.54 24.79
N GLY C 193 -29.31 30.42 24.08
CA GLY C 193 -28.11 29.81 24.63
C GLY C 193 -27.90 28.36 24.27
N ILE C 194 -28.64 27.83 23.31
CA ILE C 194 -28.54 26.44 22.90
C ILE C 194 -27.80 26.38 21.57
N GLN C 195 -26.84 25.45 21.46
CA GLN C 195 -25.89 25.43 20.37
C GLN C 195 -26.40 24.47 19.28
N GLN C 196 -26.45 24.97 18.05
CA GLN C 196 -26.83 24.19 16.88
C GLN C 196 -25.63 24.09 15.95
N ALA C 197 -25.29 22.86 15.55
CA ALA C 197 -24.04 22.60 14.86
C ALA C 197 -24.28 22.09 13.44
N LYS C 198 -23.56 22.67 12.49
CA LYS C 198 -23.57 22.19 11.12
C LYS C 198 -22.89 20.82 11.07
N VAL C 199 -23.52 19.87 10.38
CA VAL C 199 -23.11 18.47 10.42
C VAL C 199 -22.76 18.02 9.01
N GLN C 200 -21.59 17.37 8.88
CA GLN C 200 -21.21 16.67 7.66
C GLN C 200 -20.71 15.30 8.06
N ILE C 201 -21.54 14.27 7.86
CA ILE C 201 -21.26 12.95 8.40
C ILE C 201 -20.06 12.34 7.68
N LEU C 202 -19.08 11.90 8.44
CA LEU C 202 -17.96 11.17 7.88
C LEU C 202 -18.45 9.81 7.40
N PRO C 203 -18.15 9.41 6.15
CA PRO C 203 -18.57 8.09 5.68
C PRO C 203 -17.69 7.00 6.25
N GLU C 204 -18.31 5.98 6.84
CA GLU C 204 -17.57 4.86 7.38
C GLU C 204 -17.03 4.01 6.22
N CYS C 205 -15.77 4.25 5.87
CA CYS C 205 -15.19 3.59 4.71
C CYS C 205 -15.05 2.09 4.96
N VAL C 206 -15.61 1.30 4.05
CA VAL C 206 -15.51 -0.16 4.12
C VAL C 206 -14.48 -0.61 3.10
N LEU C 207 -13.52 -1.42 3.56
CA LEU C 207 -12.42 -1.85 2.72
C LEU C 207 -12.52 -3.34 2.44
N PRO C 208 -12.57 -3.75 1.18
CA PRO C 208 -12.43 -5.18 0.87
C PRO C 208 -11.05 -5.68 1.28
N SER C 209 -10.96 -6.99 1.48
CA SER C 209 -9.72 -7.59 1.97
C SER C 209 -8.55 -7.19 1.08
N THR C 210 -7.37 -7.13 1.68
CA THR C 210 -6.18 -6.70 0.95
C THR C 210 -5.72 -7.72 -0.08
N MET C 211 -6.32 -8.91 -0.10
CA MET C 211 -5.98 -9.94 -1.05
C MET C 211 -7.02 -10.07 -2.15
N SER C 212 -7.99 -9.16 -2.22
CA SER C 212 -9.10 -9.32 -3.16
C SER C 212 -8.65 -9.11 -4.59
N ALA C 213 -7.89 -8.04 -4.84
CA ALA C 213 -7.52 -7.67 -6.20
C ALA C 213 -6.36 -8.48 -6.75
N VAL C 214 -5.65 -9.24 -5.91
CA VAL C 214 -4.49 -9.99 -6.36
C VAL C 214 -4.72 -11.47 -6.07
N GLN C 215 -5.99 -11.89 -6.12
CA GLN C 215 -6.36 -13.28 -5.84
C GLN C 215 -6.67 -14.00 -7.14
N LEU C 216 -6.15 -15.22 -7.28
CA LEU C 216 -6.44 -16.04 -8.44
C LEU C 216 -7.88 -16.55 -8.36
N GLU C 217 -8.60 -16.45 -9.47
CA GLU C 217 -10.00 -16.87 -9.48
C GLU C 217 -10.16 -18.38 -9.36
N SER C 218 -9.08 -19.14 -9.50
CA SER C 218 -9.15 -20.59 -9.35
C SER C 218 -9.00 -21.02 -7.90
N LEU C 219 -8.10 -20.37 -7.16
CA LEU C 219 -7.85 -20.68 -5.76
C LEU C 219 -8.91 -20.12 -4.81
N ASN C 220 -9.98 -19.54 -5.34
CA ASN C 220 -10.99 -18.91 -4.49
C ASN C 220 -11.79 -19.92 -3.69
N LYS C 221 -11.75 -21.21 -4.04
CA LYS C 221 -12.51 -22.21 -3.32
C LYS C 221 -11.86 -22.66 -2.02
N CYS C 222 -10.63 -22.22 -1.74
CA CYS C 222 -9.93 -22.56 -0.52
C CYS C 222 -9.96 -21.45 0.52
N GLN C 223 -10.73 -20.39 0.27
CA GLN C 223 -10.72 -19.22 1.14
C GLN C 223 -11.80 -19.26 2.23
N ILE C 224 -12.52 -20.37 2.36
CA ILE C 224 -13.48 -20.57 3.44
C ILE C 224 -12.99 -21.73 4.29
N PHE C 225 -12.90 -21.51 5.60
CA PHE C 225 -12.30 -22.44 6.53
C PHE C 225 -13.35 -23.09 7.42
N PRO C 226 -13.04 -24.27 8.00
CA PRO C 226 -13.97 -24.91 8.95
C PRO C 226 -13.75 -24.42 10.38
N CYS C 236 -5.71 -26.07 20.65
CA CYS C 236 -4.48 -25.47 20.13
C CYS C 236 -4.81 -24.51 18.99
N SER C 237 -5.38 -23.35 19.35
CA SER C 237 -5.75 -22.36 18.34
C SER C 237 -4.54 -21.73 17.67
N TYR C 238 -3.35 -21.83 18.27
CA TYR C 238 -2.15 -21.31 17.62
C TYR C 238 -1.89 -22.01 16.29
N LYS C 239 -2.03 -23.34 16.28
CA LYS C 239 -1.89 -24.08 15.03
C LYS C 239 -3.02 -23.75 14.06
N TRP C 240 -4.19 -23.38 14.58
CA TRP C 240 -5.28 -22.98 13.71
C TRP C 240 -5.08 -21.58 13.17
N TRP C 241 -4.50 -20.68 13.98
CA TRP C 241 -4.20 -19.34 13.50
C TRP C 241 -3.04 -19.34 12.52
N GLN C 242 -2.07 -20.23 12.73
CA GLN C 242 -1.03 -20.43 11.71
C GLN C 242 -1.63 -20.94 10.41
N LYS C 243 -2.71 -21.71 10.49
CA LYS C 243 -3.38 -22.24 9.30
C LYS C 243 -4.42 -21.28 8.73
N TYR C 244 -4.60 -20.11 9.34
CA TYR C 244 -5.48 -19.10 8.77
C TYR C 244 -4.73 -18.11 7.89
N GLN C 245 -3.46 -17.84 8.20
CA GLN C 245 -2.65 -16.97 7.37
C GLN C 245 -2.23 -17.64 6.07
N LYS C 246 -1.81 -18.90 6.14
CA LYS C 246 -1.28 -19.61 4.98
C LYS C 246 -2.35 -20.01 3.99
N ARG C 247 -3.62 -19.69 4.23
CA ARG C 247 -4.68 -20.05 3.31
C ARG C 247 -5.57 -18.88 2.90
N LYS C 248 -5.43 -17.72 3.52
CA LYS C 248 -6.12 -16.51 3.06
C LYS C 248 -5.18 -15.53 2.39
N PHE C 249 -3.93 -15.44 2.84
CA PHE C 249 -2.92 -14.57 2.25
C PHE C 249 -1.85 -15.40 1.53
N HIS C 250 -2.29 -16.47 0.86
CA HIS C 250 -1.37 -17.31 0.11
C HIS C 250 -0.88 -16.61 -1.16
N CYS C 251 -1.68 -15.70 -1.71
CA CYS C 251 -1.32 -14.96 -2.92
C CYS C 251 -0.29 -13.88 -2.67
N ALA C 252 0.36 -13.84 -1.51
CA ALA C 252 1.38 -12.84 -1.24
C ALA C 252 2.63 -13.03 -2.08
N ASN C 253 2.77 -14.16 -2.77
CA ASN C 253 3.91 -14.37 -3.65
C ASN C 253 3.73 -13.70 -5.01
N LEU C 254 2.55 -13.15 -5.29
CA LEU C 254 2.38 -12.32 -6.48
C LEU C 254 2.85 -10.90 -6.24
N THR C 255 2.55 -10.32 -5.09
CA THR C 255 2.86 -8.94 -4.79
C THR C 255 4.22 -8.86 -4.09
N SER C 256 4.64 -7.64 -3.76
CA SER C 256 5.95 -7.38 -3.18
C SER C 256 6.01 -7.58 -1.67
N TRP C 257 4.88 -7.82 -1.01
CA TRP C 257 4.86 -7.82 0.44
C TRP C 257 4.63 -9.22 1.00
N PRO C 258 5.14 -9.50 2.20
CA PRO C 258 5.08 -10.86 2.74
C PRO C 258 3.71 -11.20 3.31
N ARG C 259 3.58 -12.46 3.74
CA ARG C 259 2.31 -12.94 4.28
C ARG C 259 1.96 -12.22 5.57
N TRP C 260 2.89 -12.17 6.52
CA TRP C 260 2.57 -11.66 7.85
C TRP C 260 2.19 -10.19 7.83
N LEU C 261 2.80 -9.40 6.94
CA LEU C 261 2.45 -7.98 6.87
C LEU C 261 1.00 -7.79 6.44
N TYR C 262 0.53 -8.61 5.50
CA TYR C 262 -0.83 -8.45 5.00
C TYR C 262 -1.86 -8.66 6.10
N SER C 263 -1.56 -9.53 7.07
CA SER C 263 -2.50 -9.78 8.15
C SER C 263 -2.62 -8.58 9.09
N LEU C 264 -1.55 -7.81 9.25
CA LEU C 264 -1.58 -6.66 10.15
C LEU C 264 -2.61 -5.62 9.74
N TYR C 265 -3.04 -5.63 8.48
CA TYR C 265 -4.08 -4.74 8.00
C TYR C 265 -5.38 -5.48 7.73
N ASP C 266 -5.55 -6.67 8.29
CA ASP C 266 -6.74 -7.48 8.12
C ASP C 266 -7.55 -7.46 9.41
N ALA C 267 -8.85 -7.17 9.28
CA ALA C 267 -9.68 -6.96 10.47
C ALA C 267 -9.79 -8.22 11.32
N GLU C 268 -10.00 -9.38 10.69
CA GLU C 268 -10.28 -10.59 11.46
C GLU C 268 -9.08 -11.08 12.25
N THR C 269 -7.89 -10.52 12.04
CA THR C 269 -6.72 -10.90 12.81
C THR C 269 -6.40 -9.91 13.93
N LEU C 270 -6.67 -8.62 13.71
CA LEU C 270 -6.45 -7.63 14.76
C LEU C 270 -7.33 -7.89 15.96
N MET C 271 -8.61 -8.19 15.72
CA MET C 271 -9.54 -8.45 16.82
C MET C 271 -9.13 -9.66 17.65
N ASP C 272 -8.45 -10.62 17.03
CA ASP C 272 -7.91 -11.75 17.80
C ASP C 272 -6.88 -11.27 18.80
N ARG C 273 -5.94 -10.43 18.36
CA ARG C 273 -4.90 -9.94 19.25
C ARG C 273 -5.45 -9.01 20.32
N ILE C 274 -6.52 -8.29 20.02
CA ILE C 274 -7.16 -7.44 21.03
C ILE C 274 -7.86 -8.30 22.07
N LYS C 275 -8.56 -9.35 21.64
CA LYS C 275 -9.21 -10.26 22.57
C LYS C 275 -8.21 -10.90 23.52
N LYS C 276 -6.99 -11.16 23.04
CA LYS C 276 -5.98 -11.77 23.91
C LYS C 276 -5.69 -10.89 25.12
N GLN C 277 -5.55 -9.59 24.90
CA GLN C 277 -5.28 -8.69 26.01
C GLN C 277 -6.50 -8.52 26.90
N LEU C 278 -7.68 -8.35 26.30
CA LEU C 278 -8.89 -8.15 27.08
C LEU C 278 -9.15 -9.31 28.04
N ARG C 279 -8.82 -10.54 27.63
CA ARG C 279 -9.00 -11.68 28.52
C ARG C 279 -8.09 -11.61 29.73
N GLU C 280 -7.02 -10.83 29.67
CA GLU C 280 -6.21 -10.58 30.85
C GLU C 280 -6.90 -9.62 31.82
N TRP C 281 -7.87 -8.83 31.34
CA TRP C 281 -8.59 -7.89 32.18
C TRP C 281 -9.99 -8.36 32.55
N ASP C 282 -10.56 -9.29 31.80
CA ASP C 282 -11.89 -9.83 32.09
C ASP C 282 -11.87 -11.33 31.97
N GLU C 283 -12.76 -11.98 32.71
CA GLU C 283 -12.90 -13.43 32.68
C GLU C 283 -14.07 -13.88 31.80
N ASN C 284 -14.66 -12.95 31.04
CA ASN C 284 -15.74 -13.28 30.13
C ASN C 284 -15.22 -14.06 28.93
N LEU C 285 -16.15 -14.57 28.12
CA LEU C 285 -15.82 -15.28 26.90
C LEU C 285 -16.08 -14.41 25.69
N LYS C 286 -15.18 -14.47 24.71
CA LYS C 286 -15.24 -13.60 23.55
C LYS C 286 -16.42 -13.89 22.64
N ASP C 287 -16.90 -15.13 22.62
CA ASP C 287 -17.92 -15.52 21.64
C ASP C 287 -19.21 -14.72 21.83
N ASP C 288 -19.64 -14.54 23.07
CA ASP C 288 -20.89 -13.86 23.35
C ASP C 288 -20.72 -12.36 23.46
N SER C 289 -19.84 -11.90 24.36
CA SER C 289 -19.75 -10.48 24.68
C SER C 289 -19.06 -9.69 23.57
N LEU C 290 -17.81 -10.03 23.27
CA LEU C 290 -17.03 -9.25 22.32
C LEU C 290 -17.53 -9.48 20.90
N PRO C 291 -17.93 -8.44 20.18
CA PRO C 291 -18.61 -8.64 18.90
C PRO C 291 -17.66 -9.11 17.81
N SER C 292 -18.25 -9.51 16.68
CA SER C 292 -17.51 -10.03 15.54
C SER C 292 -17.32 -9.01 14.43
N ASN C 293 -18.21 -8.03 14.32
CA ASN C 293 -18.11 -7.05 13.26
C ASN C 293 -16.89 -6.16 13.48
N PRO C 294 -16.02 -5.98 12.47
CA PRO C 294 -14.86 -5.10 12.65
C PRO C 294 -15.24 -3.67 13.00
N ILE C 295 -16.35 -3.16 12.47
CA ILE C 295 -16.79 -1.82 12.82
C ILE C 295 -17.22 -1.78 14.29
N ASP C 296 -18.04 -2.74 14.71
CA ASP C 296 -18.50 -2.79 16.08
C ASP C 296 -17.33 -2.99 17.05
N PHE C 297 -16.44 -3.94 16.73
CA PHE C 297 -15.33 -4.22 17.63
C PHE C 297 -14.35 -3.06 17.70
N SER C 298 -14.35 -2.19 16.68
CA SER C 298 -13.46 -1.02 16.70
C SER C 298 -13.95 0.03 17.69
N TYR C 299 -15.26 0.33 17.67
CA TYR C 299 -15.81 1.30 18.61
C TYR C 299 -15.89 0.72 20.03
N ARG C 300 -16.13 -0.58 20.14
CA ARG C 300 -16.27 -1.19 21.47
C ARG C 300 -14.97 -1.07 22.25
N VAL C 301 -13.83 -1.33 21.61
CA VAL C 301 -12.55 -1.25 22.30
C VAL C 301 -12.24 0.20 22.68
N ALA C 302 -12.48 1.13 21.75
CA ALA C 302 -12.09 2.53 21.98
C ALA C 302 -12.80 3.11 23.18
N ALA C 303 -14.10 2.82 23.32
CA ALA C 303 -14.85 3.35 24.46
C ALA C 303 -14.33 2.79 25.78
N CYS C 304 -14.04 1.50 25.83
CA CYS C 304 -13.62 0.83 27.05
C CYS C 304 -12.11 0.86 27.25
N LEU C 305 -11.44 1.85 26.64
CA LEU C 305 -9.99 1.96 26.80
C LEU C 305 -9.67 3.00 27.86
N PRO C 306 -8.87 2.66 28.86
CA PRO C 306 -8.47 3.65 29.88
C PRO C 306 -7.48 4.66 29.32
N ILE C 307 -7.97 5.64 28.57
CA ILE C 307 -7.12 6.64 27.93
C ILE C 307 -7.65 8.03 28.23
N ASP C 308 -6.79 9.02 27.99
CA ASP C 308 -7.11 10.40 28.29
C ASP C 308 -7.97 10.99 27.16
N ASP C 309 -8.13 12.32 27.18
CA ASP C 309 -8.90 12.98 26.13
C ASP C 309 -8.15 12.99 24.81
N VAL C 310 -6.85 13.30 24.83
CA VAL C 310 -6.12 13.51 23.59
C VAL C 310 -5.98 12.20 22.82
N LEU C 311 -5.65 11.10 23.49
CA LEU C 311 -5.49 9.83 22.80
C LEU C 311 -6.80 9.32 22.24
N ARG C 312 -7.93 9.70 22.80
CA ARG C 312 -9.23 9.29 22.31
C ARG C 312 -9.73 10.15 21.17
N ILE C 313 -9.13 11.31 20.94
CA ILE C 313 -9.55 12.17 19.83
C ILE C 313 -9.12 11.58 18.50
N GLN C 314 -7.87 11.11 18.42
CA GLN C 314 -7.37 10.58 17.15
C GLN C 314 -8.13 9.32 16.72
N LEU C 315 -8.73 8.62 17.67
CA LEU C 315 -9.53 7.44 17.36
C LEU C 315 -10.93 7.79 16.89
N LEU C 316 -11.30 9.07 16.90
CA LEU C 316 -12.59 9.50 16.40
C LEU C 316 -12.53 9.98 14.95
N LYS C 317 -11.40 10.56 14.55
CA LYS C 317 -11.26 11.05 13.18
C LYS C 317 -11.04 9.92 12.18
N ILE C 318 -10.40 8.83 12.61
CA ILE C 318 -10.05 7.75 11.69
C ILE C 318 -11.32 7.21 11.04
N GLY C 319 -11.28 7.03 9.72
CA GLY C 319 -12.45 6.66 8.95
C GLY C 319 -12.64 5.17 8.74
N SER C 320 -11.55 4.47 8.42
CA SER C 320 -11.59 3.03 8.20
C SER C 320 -11.21 2.30 9.48
N ALA C 321 -12.05 1.36 9.89
CA ALA C 321 -11.82 0.65 11.14
C ALA C 321 -10.56 -0.19 11.12
N ILE C 322 -10.00 -0.47 9.95
CA ILE C 322 -8.75 -1.20 9.87
C ILE C 322 -7.62 -0.38 10.50
N GLN C 323 -7.64 0.94 10.27
CA GLN C 323 -6.66 1.81 10.93
C GLN C 323 -6.91 1.90 12.42
N ARG C 324 -8.19 1.99 12.82
CA ARG C 324 -8.51 2.22 14.23
C ARG C 324 -8.05 1.05 15.10
N LEU C 325 -8.19 -0.18 14.61
CA LEU C 325 -7.74 -1.32 15.41
C LEU C 325 -6.23 -1.31 15.57
N ARG C 326 -5.50 -0.92 14.54
CA ARG C 326 -4.04 -0.86 14.66
C ARG C 326 -3.61 0.23 15.63
N CYS C 327 -4.32 1.37 15.62
CA CYS C 327 -4.00 2.44 16.55
C CYS C 327 -4.32 2.03 17.99
N GLU C 328 -5.51 1.48 18.23
CA GLU C 328 -5.85 1.00 19.56
C GLU C 328 -4.93 -0.11 20.02
N LEU C 329 -4.64 -1.05 19.13
CA LEU C 329 -3.75 -2.15 19.49
C LEU C 329 -2.36 -1.63 19.84
N ASP C 330 -1.99 -0.46 19.32
CA ASP C 330 -0.75 0.17 19.73
C ASP C 330 -0.93 0.97 21.03
N ILE C 331 -2.10 1.59 21.21
CA ILE C 331 -2.40 2.28 22.46
C ILE C 331 -2.33 1.31 23.63
N MET C 332 -2.91 0.13 23.46
CA MET C 332 -2.91 -0.88 24.52
C MET C 332 -1.54 -1.50 24.72
N ASN C 333 -0.61 -1.31 23.80
CA ASN C 333 0.71 -1.93 23.92
C ASN C 333 1.73 -0.98 24.55
N LYS C 334 1.91 0.21 23.98
CA LYS C 334 2.93 1.12 24.48
C LYS C 334 2.54 1.69 25.84
N CYS C 335 1.28 2.09 26.01
CA CYS C 335 0.84 2.75 27.23
C CYS C 335 0.72 1.72 28.35
N THR C 336 1.89 1.29 28.84
CA THR C 336 1.97 0.33 29.93
C THR C 336 1.90 1.01 31.30
N SER C 337 2.27 2.28 31.37
CA SER C 337 2.24 3.04 32.62
C SER C 337 1.26 4.19 32.50
N LEU C 338 0.70 4.58 33.64
CA LEU C 338 -0.27 5.67 33.70
C LEU C 338 0.16 6.66 34.78
N CYS C 339 -0.11 7.95 34.51
CA CYS C 339 0.22 9.02 35.43
C CYS C 339 -0.93 10.00 35.48
N CYS C 340 -0.92 10.84 36.51
CA CYS C 340 -1.94 11.87 36.63
C CYS C 340 -1.76 12.93 35.55
N LYS C 341 -2.87 13.57 35.17
CA LYS C 341 -2.84 14.57 34.12
C LYS C 341 -2.34 15.93 34.62
N GLN C 342 -2.31 16.16 35.93
CA GLN C 342 -1.75 17.39 36.48
C GLN C 342 -0.32 17.22 36.97
N CYS C 343 0.26 16.04 36.82
CA CYS C 343 1.65 15.77 37.20
C CYS C 343 2.51 15.34 36.02
N GLN C 344 1.95 14.55 35.10
CA GLN C 344 2.67 13.96 33.98
C GLN C 344 3.92 13.17 34.42
N GLU C 345 4.11 12.98 35.72
CA GLU C 345 5.20 12.15 36.22
C GLU C 345 4.80 11.26 37.39
N THR C 346 3.68 11.51 38.06
CA THR C 346 3.29 10.75 39.24
C THR C 346 2.51 9.52 38.79
N GLU C 347 3.15 8.36 38.83
CA GLU C 347 2.48 7.11 38.47
C GLU C 347 1.34 6.83 39.43
N ILE C 348 0.22 6.34 38.87
CA ILE C 348 -0.98 6.07 39.64
C ILE C 348 -1.39 4.60 39.54
N THR C 349 -1.43 4.06 38.32
CA THR C 349 -1.77 2.67 38.10
C THR C 349 -1.16 2.25 36.77
N THR C 350 -1.35 0.97 36.43
CA THR C 350 -0.81 0.40 35.21
C THR C 350 -1.95 -0.26 34.42
N LYS C 351 -1.58 -0.97 33.35
CA LYS C 351 -2.57 -1.67 32.54
C LYS C 351 -2.77 -3.11 33.00
N ASN C 352 -1.78 -3.69 33.68
CA ASN C 352 -1.92 -5.07 34.15
C ASN C 352 -2.83 -5.17 35.37
N GLU C 353 -2.89 -4.11 36.18
CA GLU C 353 -3.72 -4.13 37.39
C GLU C 353 -5.19 -3.87 37.09
N ILE C 354 -5.54 -3.53 35.85
CA ILE C 354 -6.93 -3.26 35.51
C ILE C 354 -7.70 -4.58 35.48
N PHE C 355 -8.88 -4.58 36.11
CA PHE C 355 -9.76 -5.73 36.08
C PHE C 355 -11.20 -5.25 35.89
N SER C 356 -12.04 -6.13 35.36
CA SER C 356 -13.35 -5.75 34.85
C SER C 356 -14.43 -5.95 35.90
N LEU C 357 -15.34 -4.98 35.99
CA LEU C 357 -16.47 -5.02 36.91
C LEU C 357 -17.80 -4.76 36.22
N SER C 358 -17.81 -4.71 34.89
CA SER C 358 -19.03 -4.46 34.14
C SER C 358 -18.94 -5.15 32.78
N LEU C 359 -20.11 -5.40 32.18
CA LEU C 359 -20.14 -5.92 30.81
C LEU C 359 -19.55 -4.93 29.83
N CYS C 360 -19.65 -3.63 30.12
CA CYS C 360 -18.94 -2.63 29.34
C CYS C 360 -17.43 -2.72 29.56
N GLY C 361 -16.98 -3.48 30.56
CA GLY C 361 -15.58 -3.64 30.83
C GLY C 361 -15.23 -3.10 32.21
N PRO C 362 -13.93 -2.95 32.48
CA PRO C 362 -13.53 -2.19 33.68
C PRO C 362 -14.05 -0.77 33.68
N MET C 363 -14.21 -0.18 32.50
CA MET C 363 -14.67 1.19 32.34
C MET C 363 -16.18 1.20 32.24
N ALA C 364 -16.83 2.00 33.08
CA ALA C 364 -18.28 2.10 33.06
C ALA C 364 -18.69 3.48 33.53
N ALA C 365 -19.49 4.16 32.72
CA ALA C 365 -19.85 5.56 32.96
C ALA C 365 -20.94 5.63 34.02
N TYR C 366 -20.61 6.20 35.16
CA TYR C 366 -21.58 6.49 36.21
C TYR C 366 -21.74 7.99 36.37
N VAL C 367 -22.92 8.40 36.82
CA VAL C 367 -23.23 9.81 37.01
C VAL C 367 -23.36 10.10 38.50
N ASN C 368 -22.84 11.27 38.89
CA ASN C 368 -22.90 11.71 40.32
C ASN C 368 -24.28 12.34 40.57
N PRO C 369 -24.81 12.24 41.80
CA PRO C 369 -26.15 12.73 42.14
C PRO C 369 -26.50 14.11 41.59
N HIS C 370 -25.53 14.77 40.96
CA HIS C 370 -25.88 16.08 40.32
C HIS C 370 -25.41 16.13 38.86
N GLY C 371 -26.04 15.33 38.01
CA GLY C 371 -25.68 15.36 36.58
C GLY C 371 -24.19 15.51 36.36
N TYR C 372 -23.37 14.61 36.94
CA TYR C 372 -21.90 14.63 36.69
C TYR C 372 -21.35 13.20 36.66
N VAL C 373 -20.92 12.72 35.50
CA VAL C 373 -20.45 11.31 35.34
C VAL C 373 -19.15 11.04 36.10
N HIS C 374 -18.61 9.82 35.96
CA HIS C 374 -17.30 9.52 36.55
C HIS C 374 -16.82 8.20 35.97
N GLU C 375 -16.54 8.21 34.69
CA GLU C 375 -15.98 6.97 34.11
C GLU C 375 -15.01 6.44 35.15
N THR C 376 -15.06 5.16 35.47
CA THR C 376 -14.25 4.64 36.57
C THR C 376 -13.51 3.38 36.14
N LEU C 377 -12.25 3.29 36.56
CA LEU C 377 -11.38 2.16 36.23
C LEU C 377 -10.97 1.48 37.54
N THR C 378 -11.49 0.28 37.77
CA THR C 378 -11.23 -0.46 38.99
C THR C 378 -9.96 -1.28 38.84
N VAL C 379 -8.97 -1.01 39.70
CA VAL C 379 -7.71 -1.74 39.69
C VAL C 379 -7.49 -2.34 41.07
N TYR C 380 -6.69 -3.41 41.12
CA TYR C 380 -6.40 -4.06 42.39
C TYR C 380 -5.55 -3.15 43.28
N LYS C 381 -4.36 -2.80 42.82
CA LYS C 381 -3.42 -1.99 43.59
C LYS C 381 -3.14 -0.67 42.88
N ALA C 382 -3.30 0.42 43.61
CA ALA C 382 -2.97 1.75 43.13
C ALA C 382 -2.12 2.45 44.19
N CYS C 383 -1.19 3.29 43.74
CA CYS C 383 -0.23 3.92 44.63
C CYS C 383 -0.29 5.44 44.49
N ASN C 384 0.56 6.11 45.28
CA ASN C 384 0.69 7.56 45.26
C ASN C 384 -0.64 8.26 45.53
N LEU C 385 -1.40 7.73 46.49
CA LEU C 385 -2.66 8.32 46.91
C LEU C 385 -2.68 8.45 48.42
N ASN C 386 -3.31 9.52 48.92
CA ASN C 386 -3.46 9.74 50.35
C ASN C 386 -4.96 9.64 50.65
N LEU C 387 -5.31 8.82 51.64
CA LEU C 387 -6.70 8.50 51.89
C LEU C 387 -7.35 9.57 52.77
N ILE C 388 -8.48 10.09 52.30
CA ILE C 388 -9.24 11.14 52.98
C ILE C 388 -10.64 10.63 53.26
N GLY C 389 -11.14 10.85 54.47
CA GLY C 389 -12.52 10.59 54.79
C GLY C 389 -12.74 9.24 55.44
N ARG C 390 -14.02 8.89 55.54
CA ARG C 390 -14.48 7.66 56.17
C ARG C 390 -15.41 6.91 55.23
N PRO C 391 -15.47 5.58 55.35
CA PRO C 391 -16.33 4.80 54.44
C PRO C 391 -17.80 5.08 54.68
N SER C 392 -18.45 5.69 53.68
CA SER C 392 -19.86 6.04 53.74
C SER C 392 -20.58 5.42 52.56
N THR C 393 -21.71 4.76 52.83
CA THR C 393 -22.47 4.13 51.76
C THR C 393 -23.01 5.17 50.78
N GLU C 394 -23.50 6.28 51.32
CA GLU C 394 -24.09 7.33 50.44
C GLU C 394 -24.62 6.71 49.16
N HIS C 395 -23.96 6.98 48.04
CA HIS C 395 -24.46 6.51 46.73
C HIS C 395 -23.44 5.53 46.16
N SER C 396 -23.08 4.50 46.93
CA SER C 396 -22.02 3.56 46.48
C SER C 396 -22.34 2.99 45.09
N TRP C 397 -21.55 3.36 44.08
CA TRP C 397 -21.73 2.85 42.69
C TRP C 397 -21.58 1.34 42.69
N PHE C 398 -20.60 0.84 43.41
CA PHE C 398 -20.55 -0.63 43.48
C PHE C 398 -21.56 -1.03 44.54
N PRO C 399 -22.72 -1.71 44.26
CA PRO C 399 -23.58 -2.11 45.38
C PRO C 399 -22.81 -2.82 46.48
N GLY C 400 -23.19 -2.54 47.71
CA GLY C 400 -22.58 -3.17 48.87
C GLY C 400 -21.22 -2.63 49.26
N TYR C 401 -20.70 -1.64 48.53
CA TYR C 401 -19.36 -1.14 48.73
C TYR C 401 -19.39 0.28 49.26
N ALA C 402 -18.70 0.51 50.37
CA ALA C 402 -18.37 1.85 50.80
C ALA C 402 -17.10 2.29 50.08
N TRP C 403 -16.56 3.45 50.44
CA TRP C 403 -15.37 3.95 49.76
C TRP C 403 -14.62 4.89 50.68
N THR C 404 -13.33 5.06 50.41
CA THR C 404 -12.51 6.05 51.08
C THR C 404 -11.86 6.93 50.03
N VAL C 405 -12.07 8.24 50.13
CA VAL C 405 -11.63 9.16 49.09
C VAL C 405 -10.11 9.29 49.11
N ALA C 406 -9.52 9.35 47.92
CA ALA C 406 -8.08 9.54 47.77
C ALA C 406 -7.82 10.68 46.79
N GLN C 407 -6.71 11.37 47.00
CA GLN C 407 -6.27 12.45 46.14
C GLN C 407 -4.80 12.25 45.80
N CYS C 408 -4.35 12.95 44.76
CA CYS C 408 -2.97 12.80 44.32
C CYS C 408 -2.01 13.32 45.38
N LYS C 409 -0.92 12.57 45.58
CA LYS C 409 0.04 12.91 46.63
C LYS C 409 0.80 14.19 46.33
N ILE C 410 0.88 14.60 45.06
CA ILE C 410 1.72 15.73 44.65
C ILE C 410 0.86 16.94 44.27
N CYS C 411 0.00 16.80 43.27
CA CYS C 411 -0.72 17.92 42.69
C CYS C 411 -2.07 18.20 43.35
N ALA C 412 -2.43 17.44 44.37
CA ALA C 412 -3.66 17.66 45.15
C ALA C 412 -4.92 17.56 44.30
N SER C 413 -4.85 16.89 43.14
CA SER C 413 -6.03 16.67 42.34
C SER C 413 -6.80 15.46 42.86
N HIS C 414 -8.06 15.34 42.42
CA HIS C 414 -8.88 14.20 42.80
C HIS C 414 -8.61 13.06 41.81
N ILE C 415 -7.85 12.07 42.25
CA ILE C 415 -7.61 10.91 41.41
C ILE C 415 -8.80 9.96 41.44
N GLY C 416 -9.14 9.50 42.66
CA GLY C 416 -10.22 8.49 42.77
C GLY C 416 -10.46 7.98 44.18
N TRP C 417 -11.42 7.06 44.37
CA TRP C 417 -11.78 6.63 45.73
C TRP C 417 -11.17 5.27 46.01
N LYS C 418 -11.11 4.81 47.25
CA LYS C 418 -10.67 3.40 47.47
C LYS C 418 -11.87 2.68 48.08
N PHE C 419 -12.52 1.78 47.33
CA PHE C 419 -13.69 1.06 47.80
C PHE C 419 -13.30 -0.09 48.71
N THR C 420 -14.12 -0.33 49.73
CA THR C 420 -13.92 -1.41 50.68
C THR C 420 -15.22 -2.20 50.82
N ALA C 421 -15.10 -3.52 50.95
CA ALA C 421 -16.27 -4.40 51.00
C ALA C 421 -16.81 -4.44 52.42
N THR C 422 -18.05 -3.97 52.60
CA THR C 422 -18.68 -4.07 53.92
C THR C 422 -19.01 -5.52 54.26
N LYS C 423 -19.39 -6.31 53.26
CA LYS C 423 -19.61 -7.75 53.45
C LYS C 423 -18.32 -8.49 53.16
N LYS C 424 -17.87 -9.30 54.12
CA LYS C 424 -16.63 -10.04 53.94
C LYS C 424 -16.80 -11.22 52.99
N ASP C 425 -18.02 -11.74 52.86
CA ASP C 425 -18.26 -12.88 51.97
C ASP C 425 -18.04 -12.49 50.52
N MET C 426 -18.53 -11.33 50.10
CA MET C 426 -18.44 -10.94 48.70
C MET C 426 -17.03 -10.46 48.36
N SER C 427 -16.73 -10.50 47.06
CA SER C 427 -15.42 -10.20 46.50
C SER C 427 -15.57 -9.17 45.37
N PRO C 428 -14.55 -8.33 45.14
CA PRO C 428 -13.28 -8.19 45.88
C PRO C 428 -13.41 -7.38 47.16
N GLN C 429 -12.36 -7.38 47.99
CA GLN C 429 -12.39 -6.62 49.24
C GLN C 429 -12.14 -5.14 48.97
N LYS C 430 -10.96 -4.80 48.45
CA LYS C 430 -10.58 -3.43 48.18
C LYS C 430 -10.27 -3.25 46.70
N PHE C 431 -10.84 -2.22 46.09
CA PHE C 431 -10.49 -1.85 44.73
C PHE C 431 -10.66 -0.34 44.58
N TRP C 432 -9.74 0.27 43.84
CA TRP C 432 -9.68 1.72 43.72
C TRP C 432 -10.58 2.19 42.59
N GLY C 433 -11.42 3.19 42.86
CA GLY C 433 -12.25 3.76 41.84
C GLY C 433 -11.72 5.09 41.32
N LEU C 434 -11.11 5.08 40.15
CA LEU C 434 -10.41 6.23 39.59
C LEU C 434 -11.21 6.82 38.44
N THR C 435 -11.54 8.09 38.53
CA THR C 435 -12.16 8.76 37.40
C THR C 435 -11.18 8.83 36.24
N ARG C 436 -11.71 8.76 35.02
CA ARG C 436 -10.85 8.75 33.84
C ARG C 436 -10.25 10.12 33.57
N SER C 437 -10.97 11.18 33.93
CA SER C 437 -10.59 12.54 33.58
C SER C 437 -9.32 13.02 34.26
N ALA C 438 -8.66 12.18 35.05
CA ALA C 438 -7.45 12.59 35.77
C ALA C 438 -6.33 11.57 35.64
N LEU C 439 -6.33 10.76 34.57
CA LEU C 439 -5.28 9.78 34.35
C LEU C 439 -4.71 9.96 32.95
N LEU C 440 -3.39 9.79 32.83
CA LEU C 440 -2.68 10.03 31.58
C LEU C 440 -1.86 8.79 31.21
N PRO C 441 -2.16 8.13 30.10
CA PRO C 441 -1.28 7.06 29.62
C PRO C 441 0.08 7.61 29.23
N THR C 442 1.12 6.79 29.44
CA THR C 442 2.48 7.25 29.21
C THR C 442 3.37 6.05 28.90
N ILE C 443 4.11 6.14 27.79
CA ILE C 443 5.10 5.12 27.46
C ILE C 443 6.19 5.10 28.53
N PRO C 444 6.64 3.94 29.00
CA PRO C 444 7.82 3.90 29.86
C PRO C 444 9.08 4.38 29.13
N ASP C 445 10.20 4.42 29.85
CA ASP C 445 11.49 4.87 29.31
C ASP C 445 11.29 6.33 28.89
N THR C 446 12.00 6.86 27.90
CA THR C 446 11.86 8.25 27.48
C THR C 446 11.75 8.31 25.96
N GLU C 447 10.52 8.47 25.47
CA GLU C 447 10.27 8.62 24.04
C GLU C 447 8.90 9.23 23.89
N ASP C 448 8.65 9.83 22.72
CA ASP C 448 7.37 10.46 22.47
C ASP C 448 6.30 9.41 22.24
N GLU C 449 5.05 9.78 22.55
CA GLU C 449 3.91 8.89 22.43
C GLU C 449 3.37 8.98 21.01
N ILE C 450 3.60 7.95 20.21
CA ILE C 450 3.20 7.91 18.82
C ILE C 450 2.33 6.68 18.58
N SER C 451 1.22 6.87 17.87
CA SER C 451 0.28 5.79 17.57
C SER C 451 0.17 5.60 16.06
N PRO C 452 0.84 4.61 15.49
CA PRO C 452 0.73 4.38 14.04
C PRO C 452 -0.67 3.99 13.63
N ASP C 453 -1.01 4.33 12.39
CA ASP C 453 -2.32 4.07 11.80
C ASP C 453 -3.44 4.79 12.54
#